data_5O7O
#
_entry.id   5O7O
#
_cell.length_a   75.170
_cell.length_b   156.350
_cell.length_c   93.810
_cell.angle_alpha   90.00
_cell.angle_beta   95.57
_cell.angle_gamma   90.00
#
_symmetry.space_group_name_H-M   'P 1 21 1'
#
loop_
_entity.id
_entity.type
_entity.pdbx_description
1 polymer 'Desferrioxamine siderophore biosynthesis protein dfoC'
2 water water
#
_entity_poly.entity_id   1
_entity_poly.type   'polypeptide(L)'
_entity_poly.pdbx_seq_one_letter_code
;GAMSPNSTLYSTGRPAGRFTLRPMRHEDAAMVHRWVTQEYARFWGMQDNSIEQVAAFYHQLTAHNPHAALIGCCNDQPVF
LMEFYKASEDDIGKFYAAQPGDYGMHLLIAPATHPVQQFSWQVFSTVIDFMFSLPEVKRVVVEPDERNTKIHRLNKRAGF
CYQHTIDMGHKTAWLAFCQRENYQQALLKESLNMNDTHLLQAGTWLTGDNWAEANRLLIRKAIAEFAHEKIVTPAECAHG
RYSLAVPGSETEYQFTASRLALDHWEIDAASLTKQENGHPLALDALQFITEFNEVIGIPQALLATYMEEISSTLCSSVFK
LQKNNPDSRALVNADFQTVESSMTEGHPCFVANNGRIGFDARDYLAYAPEAATPVNLIWVAVHRRNAHFSSLSDLQYERL
MREELGQSTVEQFNAQLTEKGLTHADYLFMPVHPWQWQNKLLTVFAADIANNDIVWLGVGDDQYQAQQSIRTFFNRSHPN
KRYVKTALSVLNMGFMRGLSPYYMATTPAINEWLQDLVAGDEWLQRCDFRILREVAAVGYHNRHYEKAIKGDSAYKKMFA
ALWRDNPVAELKPGQRLMTMASFLHVDHHQKALLPALIADSGLAAERWVERYLSCYLSPLLHCFYQHDLVFMPHGENLIL
LLENNVPVSAYMKDIGEEIAVMNPDAVLPEKVQRLAVDVPENLKLLSVFTDVFDCIFRFISAILHQSATLPEEQFWQAVA
RCVKEYQQAHPHLASKFSRYDMFAPEFTRSCLNRLQLANNQQMINLSDPAENLKFAGTLVNPIARWR
;
_entity_poly.pdbx_strand_id   A,B,C,D
#
# COMPACT_ATOMS: atom_id res chain seq x y z
N ASN A 6 41.27 -24.55 -3.64
CA ASN A 6 42.34 -25.00 -2.75
C ASN A 6 43.14 -23.79 -2.29
N SER A 7 43.43 -22.90 -3.23
CA SER A 7 44.08 -21.63 -2.91
C SER A 7 43.01 -20.55 -2.73
N THR A 8 41.74 -20.93 -2.84
CA THR A 8 40.61 -20.08 -2.68
C THR A 8 40.37 -19.79 -1.22
N LEU A 9 40.26 -18.52 -0.89
CA LEU A 9 40.04 -18.10 0.47
C LEU A 9 38.61 -17.83 0.81
N TYR A 10 37.84 -17.56 -0.23
CA TYR A 10 36.47 -17.09 -0.10
C TYR A 10 35.71 -17.34 -1.38
N SER A 11 34.46 -17.71 -1.23
CA SER A 11 33.59 -17.86 -2.40
C SER A 11 32.13 -17.57 -2.04
N THR A 12 31.42 -17.04 -3.01
CA THR A 12 30.06 -16.69 -2.81
C THR A 12 29.35 -16.70 -4.13
N GLY A 13 28.04 -16.88 -4.12
CA GLY A 13 27.28 -16.91 -5.34
C GLY A 13 26.57 -15.61 -5.66
N ARG A 14 26.49 -14.97 -6.69
CA ARG A 14 25.91 -13.79 -7.31
C ARG A 14 25.26 -14.20 -8.62
N PRO A 15 24.52 -13.34 -9.20
CA PRO A 15 23.84 -13.49 -10.48
C PRO A 15 24.80 -13.73 -11.62
N ALA A 16 25.95 -13.10 -11.66
CA ALA A 16 26.85 -13.33 -12.76
C ALA A 16 27.53 -14.71 -12.70
N GLY A 17 27.48 -15.40 -11.56
CA GLY A 17 28.20 -16.62 -11.36
C GLY A 17 28.72 -16.78 -9.96
N ARG A 18 29.60 -17.76 -9.81
CA ARG A 18 30.30 -18.00 -8.57
C ARG A 18 31.54 -17.11 -8.50
N PHE A 19 31.61 -16.24 -7.48
CA PHE A 19 32.77 -15.40 -7.23
C PHE A 19 33.70 -16.04 -6.19
N THR A 20 35.01 -16.01 -6.50
CA THR A 20 36.09 -16.50 -5.60
C THR A 20 37.23 -15.48 -5.41
N LEU A 21 37.86 -15.52 -4.25
CA LEU A 21 39.13 -14.84 -4.05
C LEU A 21 40.28 -15.83 -3.72
N ARG A 22 41.40 -15.68 -4.44
CA ARG A 22 42.66 -16.40 -4.06
C ARG A 22 43.86 -15.42 -4.05
N PRO A 23 44.96 -15.74 -3.31
CA PRO A 23 46.19 -14.85 -3.33
C PRO A 23 46.72 -14.68 -4.73
N MET A 24 47.34 -13.51 -5.07
CA MET A 24 47.93 -13.28 -6.46
C MET A 24 49.06 -14.24 -6.83
N HIS A 67 48.21 -12.54 1.48
CA HIS A 67 46.80 -12.04 1.31
C HIS A 67 46.61 -10.54 0.97
N ALA A 68 47.70 -9.83 0.75
CA ALA A 68 47.66 -8.41 0.60
C ALA A 68 47.31 -8.08 -0.82
N ALA A 69 47.48 -9.03 -1.74
CA ALA A 69 46.96 -8.83 -3.14
C ALA A 69 46.20 -10.08 -3.54
N LEU A 70 44.89 -9.94 -3.83
CA LEU A 70 44.02 -11.06 -4.06
C LEU A 70 43.54 -10.96 -5.48
N ILE A 71 43.37 -12.12 -6.13
CA ILE A 71 42.75 -12.15 -7.42
C ILE A 71 41.30 -12.67 -7.27
N GLY A 72 40.43 -12.00 -8.02
CA GLY A 72 39.03 -12.24 -8.00
C GLY A 72 38.63 -12.90 -9.27
N CYS A 73 37.87 -14.00 -9.16
CA CYS A 73 37.32 -14.66 -10.33
C CYS A 73 35.83 -14.84 -10.30
N CYS A 74 35.24 -14.82 -11.49
CA CYS A 74 33.89 -15.19 -11.75
C CYS A 74 33.86 -16.46 -12.67
N ASN A 75 33.30 -17.55 -12.12
CA ASN A 75 33.24 -18.87 -12.79
C ASN A 75 34.65 -19.31 -13.23
N ASP A 76 35.61 -19.18 -12.31
CA ASP A 76 37.05 -19.46 -12.54
C ASP A 76 37.83 -18.56 -13.50
N GLN A 77 37.19 -17.58 -14.12
CA GLN A 77 37.86 -16.56 -14.91
C GLN A 77 38.31 -15.34 -14.00
N PRO A 78 39.63 -14.96 -14.04
CA PRO A 78 40.04 -13.79 -13.26
C PRO A 78 39.36 -12.57 -13.86
N VAL A 79 38.80 -11.70 -13.02
CA VAL A 79 38.10 -10.52 -13.51
C VAL A 79 38.44 -9.26 -12.69
N PHE A 80 39.11 -9.39 -11.54
CA PHE A 80 39.49 -8.22 -10.75
C PHE A 80 40.67 -8.48 -9.84
N LEU A 81 41.35 -7.37 -9.47
CA LEU A 81 42.46 -7.39 -8.48
C LEU A 81 42.00 -6.54 -7.30
N MET A 82 42.29 -7.00 -6.11
CA MET A 82 42.05 -6.28 -4.93
C MET A 82 43.34 -6.29 -4.18
N GLU A 83 43.73 -5.11 -3.69
CA GLU A 83 44.85 -4.99 -2.73
C GLU A 83 44.17 -4.82 -1.42
N PHE A 84 44.68 -5.43 -0.37
CA PHE A 84 44.01 -5.51 0.90
C PHE A 84 45.03 -5.22 2.01
N TYR A 85 44.92 -4.05 2.68
CA TYR A 85 45.90 -3.59 3.66
C TYR A 85 45.28 -3.21 5.02
N LYS A 86 46.09 -3.20 6.05
CA LYS A 86 45.69 -2.78 7.38
C LYS A 86 46.01 -1.26 7.47
N ALA A 87 45.03 -0.48 7.90
CA ALA A 87 45.07 0.98 7.85
C ALA A 87 46.19 1.67 8.60
N SER A 88 46.55 1.09 9.74
CA SER A 88 47.59 1.54 10.62
C SER A 88 48.94 1.60 9.95
N GLU A 89 49.21 0.67 9.08
CA GLU A 89 50.46 0.57 8.36
C GLU A 89 50.48 1.13 6.96
N ASP A 90 49.49 1.87 6.53
CA ASP A 90 49.42 2.36 5.16
C ASP A 90 49.39 3.88 5.01
N ASP A 91 49.66 4.33 3.81
CA ASP A 91 49.83 5.73 3.55
C ASP A 91 48.67 6.48 4.07
N ILE A 92 47.51 5.88 4.04
CA ILE A 92 46.34 6.51 4.56
C ILE A 92 46.38 6.81 6.05
N GLY A 93 47.09 6.01 6.84
CA GLY A 93 47.19 6.17 8.28
C GLY A 93 47.81 7.47 8.70
N LYS A 94 48.57 8.05 7.80
CA LYS A 94 49.15 9.35 8.05
C LYS A 94 48.15 10.51 7.96
N PHE A 95 46.95 10.29 7.42
CA PHE A 95 45.94 11.35 7.31
C PHE A 95 44.78 11.27 8.28
N TYR A 96 44.79 10.34 9.23
CA TYR A 96 43.72 10.27 10.25
C TYR A 96 44.20 9.30 11.34
N ALA A 97 43.48 9.23 12.45
CA ALA A 97 43.84 8.36 13.55
C ALA A 97 43.36 6.91 13.30
N ALA A 98 44.06 6.21 12.41
CA ALA A 98 43.80 4.77 12.12
C ALA A 98 43.75 3.96 13.36
N GLN A 99 42.72 3.14 13.48
CA GLN A 99 42.43 2.42 14.73
C GLN A 99 42.81 0.97 14.55
N PRO A 100 42.91 0.24 15.68
CA PRO A 100 42.90 -1.20 15.58
C PRO A 100 41.50 -1.65 15.06
N GLY A 101 41.56 -2.49 14.02
CA GLY A 101 40.39 -2.97 13.31
C GLY A 101 40.24 -2.34 11.91
N ASP A 102 41.07 -1.35 11.55
CA ASP A 102 40.76 -0.55 10.40
C ASP A 102 41.45 -1.20 9.25
N TYR A 103 40.69 -1.57 8.20
CA TYR A 103 41.29 -2.13 7.00
C TYR A 103 40.74 -1.44 5.83
N GLY A 104 41.52 -1.38 4.78
CA GLY A 104 41.13 -0.69 3.60
C GLY A 104 41.47 -1.58 2.46
N MET A 105 41.11 -1.16 1.25
CA MET A 105 41.56 -1.82 0.10
C MET A 105 41.41 -0.99 -1.14
N HIS A 106 42.01 -1.47 -2.23
CA HIS A 106 41.91 -0.91 -3.57
C HIS A 106 41.42 -2.00 -4.51
N LEU A 107 40.56 -1.62 -5.44
CA LEU A 107 39.91 -2.55 -6.30
C LEU A 107 40.08 -2.10 -7.73
N LEU A 108 40.51 -3.01 -8.60
CA LEU A 108 40.65 -2.79 -10.04
C LEU A 108 39.90 -3.88 -10.83
N ILE A 109 39.03 -3.47 -11.76
CA ILE A 109 38.14 -4.35 -12.51
C ILE A 109 38.51 -4.33 -14.01
N ALA A 110 38.93 -5.49 -14.51
CA ALA A 110 39.34 -5.72 -15.89
C ALA A 110 38.29 -5.32 -16.90
N PRO A 111 38.69 -4.97 -18.11
CA PRO A 111 37.80 -4.54 -19.18
C PRO A 111 36.78 -5.60 -19.56
N ALA A 112 35.57 -5.18 -19.88
CA ALA A 112 34.51 -6.12 -20.13
C ALA A 112 34.49 -6.70 -21.51
N THR A 113 34.94 -7.93 -21.55
CA THR A 113 34.96 -8.72 -22.74
C THR A 113 33.52 -8.97 -23.13
N HIS A 114 32.71 -9.34 -22.14
CA HIS A 114 31.28 -9.42 -22.28
C HIS A 114 30.73 -8.51 -21.24
N PRO A 115 29.93 -7.54 -21.62
CA PRO A 115 29.43 -6.65 -20.59
C PRO A 115 28.28 -7.29 -19.86
N VAL A 116 28.36 -7.35 -18.55
CA VAL A 116 27.34 -8.00 -17.80
C VAL A 116 26.62 -7.11 -16.83
N GLN A 117 25.31 -7.07 -16.95
CA GLN A 117 24.49 -6.29 -15.99
C GLN A 117 25.03 -6.32 -14.57
N GLN A 118 25.12 -5.14 -13.91
CA GLN A 118 25.40 -5.00 -12.46
C GLN A 118 26.71 -5.62 -11.98
N PHE A 119 27.68 -5.76 -12.86
CA PHE A 119 28.89 -6.53 -12.53
C PHE A 119 29.75 -5.84 -11.45
N SER A 120 29.94 -4.53 -11.60
CA SER A 120 30.67 -3.75 -10.60
C SER A 120 30.11 -3.96 -9.23
N TRP A 121 28.80 -3.81 -9.09
CA TRP A 121 28.22 -4.00 -7.77
C TRP A 121 28.44 -5.44 -7.20
N GLN A 122 28.34 -6.45 -8.06
CA GLN A 122 28.59 -7.84 -7.63
C GLN A 122 30.05 -8.03 -7.17
N VAL A 123 31.00 -7.46 -7.91
CA VAL A 123 32.43 -7.44 -7.49
C VAL A 123 32.67 -6.71 -6.18
N PHE A 124 32.20 -5.45 -6.13
CA PHE A 124 32.34 -4.56 -4.96
C PHE A 124 31.79 -5.19 -3.73
N SER A 125 30.56 -5.66 -3.84
CA SER A 125 29.88 -6.29 -2.76
C SER A 125 30.56 -7.58 -2.28
N THR A 126 31.17 -8.31 -3.23
CA THR A 126 31.92 -9.51 -2.86
C THR A 126 33.15 -9.14 -2.01
N VAL A 127 33.86 -8.15 -2.50
CA VAL A 127 34.98 -7.59 -1.75
C VAL A 127 34.58 -7.19 -0.29
N ILE A 128 33.46 -6.47 -0.15
CA ILE A 128 33.04 -6.01 1.21
C ILE A 128 32.65 -7.19 2.05
N ASP A 129 31.84 -8.09 1.48
CA ASP A 129 31.42 -9.33 2.21
C ASP A 129 32.66 -10.10 2.69
N PHE A 130 33.65 -10.25 1.80
CA PHE A 130 34.92 -10.85 2.19
C PHE A 130 35.59 -10.15 3.35
N MET A 131 35.75 -8.83 3.29
CA MET A 131 36.38 -8.11 4.41
C MET A 131 35.62 -8.32 5.67
N PHE A 132 34.31 -8.28 5.61
CA PHE A 132 33.53 -8.45 6.84
C PHE A 132 33.41 -9.92 7.31
N SER A 133 33.77 -10.87 6.47
CA SER A 133 33.89 -12.27 6.94
C SER A 133 35.14 -12.48 7.89
N LEU A 134 36.07 -11.54 7.95
CA LEU A 134 37.25 -11.62 8.82
C LEU A 134 36.99 -10.88 10.12
N PRO A 135 37.04 -11.59 11.27
CA PRO A 135 36.60 -10.97 12.53
C PRO A 135 37.56 -9.91 13.05
N GLU A 136 38.78 -9.92 12.56
CA GLU A 136 39.72 -8.84 12.85
C GLU A 136 39.32 -7.50 12.19
N VAL A 137 38.63 -7.53 11.05
CA VAL A 137 38.18 -6.32 10.39
C VAL A 137 36.99 -5.75 11.14
N LYS A 138 37.23 -4.65 11.82
CA LYS A 138 36.19 -3.92 12.52
C LYS A 138 35.59 -2.83 11.65
N ARG A 139 36.36 -2.25 10.74
CA ARG A 139 35.91 -1.11 9.96
C ARG A 139 36.62 -1.03 8.67
N VAL A 140 35.89 -0.75 7.60
CA VAL A 140 36.52 -0.65 6.27
C VAL A 140 36.70 0.84 6.01
N VAL A 141 37.89 1.20 5.56
CA VAL A 141 38.28 2.55 5.28
C VAL A 141 38.65 2.61 3.84
N VAL A 142 38.18 3.62 3.16
CA VAL A 142 38.43 3.76 1.75
C VAL A 142 38.91 5.20 1.49
N GLU A 143 39.72 5.43 0.47
CA GLU A 143 40.21 6.74 0.14
C GLU A 143 40.08 7.03 -1.33
N PRO A 144 38.87 7.06 -1.84
CA PRO A 144 38.71 7.31 -3.27
C PRO A 144 39.04 8.70 -3.74
N ASP A 145 39.48 8.82 -4.97
CA ASP A 145 39.78 10.10 -5.55
C ASP A 145 38.47 10.79 -5.71
N GLU A 146 38.46 12.08 -5.46
CA GLU A 146 37.23 12.82 -5.49
C GLU A 146 36.58 12.83 -6.85
N ARG A 147 37.37 12.59 -7.88
CA ARG A 147 36.89 12.54 -9.26
C ARG A 147 36.30 11.18 -9.69
N ASN A 148 36.69 10.10 -9.01
CA ASN A 148 36.28 8.74 -9.40
C ASN A 148 34.76 8.50 -9.09
N THR A 149 33.87 9.11 -9.88
CA THR A 149 32.42 9.09 -9.60
C THR A 149 31.81 7.68 -9.51
N LYS A 150 32.36 6.73 -10.28
CA LYS A 150 31.88 5.37 -10.25
C LYS A 150 32.02 4.71 -8.89
N ILE A 151 33.19 4.84 -8.28
CA ILE A 151 33.42 4.21 -6.97
C ILE A 151 32.56 4.83 -5.86
N HIS A 152 32.24 6.13 -5.98
CA HIS A 152 31.44 6.82 -4.96
C HIS A 152 30.02 6.27 -4.93
N ARG A 153 29.44 5.98 -6.09
CA ARG A 153 28.13 5.34 -6.17
C ARG A 153 28.16 3.97 -5.47
N LEU A 154 29.19 3.19 -5.78
CA LEU A 154 29.35 1.90 -5.13
C LEU A 154 29.46 1.99 -3.61
N ASN A 155 30.27 2.92 -3.13
CA ASN A 155 30.55 3.09 -1.71
C ASN A 155 29.25 3.46 -0.97
N LYS A 156 28.55 4.40 -1.54
CA LYS A 156 27.34 4.89 -0.96
C LYS A 156 26.28 3.79 -0.92
N ARG A 157 26.12 3.07 -2.01
CA ARG A 157 25.19 1.97 -2.07
C ARG A 157 25.45 0.90 -1.04
N ALA A 158 26.69 0.73 -0.57
CA ALA A 158 27.02 -0.26 0.51
C ALA A 158 27.01 0.31 1.93
N GLY A 159 26.54 1.55 2.08
CA GLY A 159 26.48 2.19 3.37
C GLY A 159 27.75 2.83 3.89
N PHE A 160 28.70 3.18 3.02
CA PHE A 160 29.85 3.97 3.43
C PHE A 160 29.43 5.40 3.87
N CYS A 161 30.01 5.91 4.94
CA CYS A 161 29.84 7.33 5.34
C CYS A 161 31.10 8.18 5.07
N TYR A 162 30.92 9.18 4.24
CA TYR A 162 31.94 10.11 3.82
C TYR A 162 32.20 11.12 4.93
N GLN A 163 33.45 11.28 5.31
CA GLN A 163 33.85 12.13 6.41
C GLN A 163 34.31 13.49 5.92
N HIS A 164 35.37 13.54 5.12
CA HIS A 164 35.98 14.78 4.65
C HIS A 164 37.07 14.44 3.64
N THR A 165 37.48 15.46 2.91
CA THR A 165 38.48 15.33 1.86
C THR A 165 39.83 15.45 2.48
N ILE A 166 40.84 14.84 1.86
CA ILE A 166 42.23 14.84 2.36
C ILE A 166 43.13 15.00 1.16
N ASP A 167 44.06 15.94 1.24
CA ASP A 167 45.00 16.11 0.13
C ASP A 167 46.16 15.19 0.46
N MET A 168 46.27 14.11 -0.30
CA MET A 168 47.31 13.10 -0.10
C MET A 168 48.58 13.35 -0.96
N GLY A 169 48.61 14.45 -1.72
CA GLY A 169 49.78 14.79 -2.57
C GLY A 169 49.54 14.41 -4.02
N HIS A 170 49.46 13.10 -4.25
CA HIS A 170 49.18 12.58 -5.61
C HIS A 170 47.73 12.67 -5.97
N LYS A 171 46.89 12.98 -4.98
CA LYS A 171 45.43 13.15 -5.20
C LYS A 171 44.74 13.82 -4.04
N THR A 172 43.55 14.34 -4.35
CA THR A 172 42.57 14.69 -3.32
C THR A 172 41.58 13.56 -3.21
N ALA A 173 41.48 13.04 -2.00
CA ALA A 173 40.61 11.90 -1.73
C ALA A 173 39.53 12.26 -0.72
N TRP A 174 38.45 11.48 -0.74
CA TRP A 174 37.49 11.45 0.37
C TRP A 174 37.90 10.35 1.31
N LEU A 175 37.83 10.61 2.59
CA LEU A 175 37.97 9.55 3.55
C LEU A 175 36.52 9.09 3.85
N ALA A 176 36.31 7.77 3.89
CA ALA A 176 35.00 7.17 4.10
C ALA A 176 35.11 5.84 4.80
N PHE A 177 34.18 5.58 5.70
CA PHE A 177 34.15 4.41 6.54
C PHE A 177 32.89 3.53 6.30
N CYS A 178 33.03 2.22 6.59
CA CYS A 178 31.91 1.26 6.65
C CYS A 178 32.08 0.23 7.72
N GLN A 179 31.07 0.11 8.55
CA GLN A 179 30.96 -0.95 9.51
C GLN A 179 29.80 -1.86 9.20
N ARG A 180 29.74 -2.98 9.92
CA ARG A 180 28.83 -4.07 9.61
C ARG A 180 27.36 -3.68 9.68
N GLU A 181 26.98 -2.96 10.71
CA GLU A 181 25.63 -2.53 10.98
C GLU A 181 24.94 -1.89 9.72
N ASN A 182 25.51 -0.81 9.20
CA ASN A 182 24.99 -0.11 8.02
C ASN A 182 25.18 -0.92 6.72
N TYR A 183 26.25 -1.70 6.66
CA TYR A 183 26.40 -2.63 5.49
C TYR A 183 25.27 -3.70 5.45
N GLN A 184 25.04 -4.37 6.57
CA GLN A 184 23.97 -5.34 6.69
C GLN A 184 22.65 -4.68 6.31
N GLN A 185 22.37 -3.49 6.84
CA GLN A 185 21.14 -2.77 6.44
C GLN A 185 21.06 -2.49 4.93
N ALA A 186 22.15 -2.07 4.32
CA ALA A 186 22.22 -1.93 2.84
C ALA A 186 21.92 -3.24 2.12
N LEU A 187 22.38 -4.37 2.68
CA LEU A 187 22.07 -5.67 2.08
C LEU A 187 20.59 -6.01 2.15
N LEU A 188 19.93 -5.65 3.25
CA LEU A 188 18.49 -5.79 3.34
C LEU A 188 17.79 -4.94 2.27
N LYS A 189 18.21 -3.68 2.09
CA LYS A 189 17.66 -2.84 1.03
C LYS A 189 17.75 -3.52 -0.33
N GLU A 190 18.92 -4.04 -0.67
CA GLU A 190 19.12 -4.74 -1.94
C GLU A 190 18.15 -5.89 -2.07
N SER A 191 18.06 -6.74 -1.04
CA SER A 191 17.15 -7.87 -1.11
C SER A 191 15.64 -7.48 -1.24
N LEU A 192 15.24 -6.29 -0.85
CA LEU A 192 13.88 -5.78 -1.12
C LEU A 192 13.79 -5.18 -2.53
N ASN A 193 12.66 -4.57 -2.88
CA ASN A 193 12.69 -3.46 -3.89
C ASN A 193 11.61 -2.40 -3.67
N THR B 8 25.44 -15.69 -36.74
CA THR B 8 24.62 -15.59 -35.49
C THR B 8 23.35 -14.78 -35.77
N LEU B 9 22.21 -15.36 -35.33
CA LEU B 9 20.86 -14.91 -35.74
C LEU B 9 20.23 -13.92 -34.82
N TYR B 10 20.59 -14.00 -33.54
CA TYR B 10 19.87 -13.33 -32.46
C TYR B 10 20.75 -13.22 -31.24
N SER B 11 20.65 -12.08 -30.57
CA SER B 11 21.36 -11.89 -29.31
C SER B 11 20.56 -10.99 -28.38
N THR B 12 20.76 -11.17 -27.09
CA THR B 12 20.21 -10.23 -26.08
C THR B 12 20.97 -10.39 -24.79
N GLY B 13 20.91 -9.35 -23.93
CA GLY B 13 21.65 -9.33 -22.67
C GLY B 13 20.76 -9.82 -21.57
N ARG B 14 20.98 -10.56 -20.53
CA ARG B 14 20.50 -11.09 -19.26
C ARG B 14 21.65 -10.92 -18.24
N PRO B 15 21.12 -11.17 -17.04
CA PRO B 15 21.99 -11.28 -15.85
C PRO B 15 23.21 -12.20 -15.92
N ALA B 16 23.09 -13.33 -16.57
CA ALA B 16 24.25 -14.23 -16.69
C ALA B 16 25.25 -13.75 -17.73
N GLY B 17 24.86 -12.85 -18.65
CA GLY B 17 25.75 -12.44 -19.73
C GLY B 17 24.98 -12.15 -20.98
N ARG B 18 25.70 -12.16 -22.11
CA ARG B 18 25.09 -11.94 -23.42
C ARG B 18 24.71 -13.31 -24.00
N PHE B 19 23.42 -13.51 -24.29
CA PHE B 19 22.95 -14.74 -24.96
C PHE B 19 22.87 -14.57 -26.45
N THR B 20 23.37 -15.55 -27.22
CA THR B 20 23.26 -15.58 -28.71
C THR B 20 22.73 -16.94 -29.23
N LEU B 21 22.30 -16.91 -30.48
CA LEU B 21 21.87 -18.07 -31.23
C LEU B 21 22.46 -18.13 -32.64
N ARG B 22 23.14 -19.23 -32.93
CA ARG B 22 23.70 -19.45 -34.27
C ARG B 22 23.36 -20.87 -34.70
N PRO B 23 23.17 -21.05 -36.01
CA PRO B 23 22.82 -22.33 -36.63
C PRO B 23 23.92 -23.35 -36.38
N MET B 24 23.49 -24.56 -36.07
CA MET B 24 24.38 -25.66 -35.80
C MET B 24 25.47 -25.83 -36.87
N HIS B 67 18.92 -23.18 -39.80
CA HIS B 67 17.91 -22.67 -38.85
C HIS B 67 17.15 -23.65 -37.94
N ALA B 68 17.09 -24.95 -38.29
CA ALA B 68 16.19 -25.93 -37.62
C ALA B 68 16.83 -26.49 -36.38
N ALA B 69 18.14 -26.34 -36.25
CA ALA B 69 18.80 -26.68 -35.01
C ALA B 69 19.77 -25.53 -34.74
N LEU B 70 19.56 -24.86 -33.59
CA LEU B 70 20.31 -23.70 -33.18
C LEU B 70 21.15 -24.02 -31.95
N ILE B 71 22.40 -23.48 -31.92
CA ILE B 71 23.26 -23.56 -30.77
C ILE B 71 23.11 -22.23 -30.02
N GLY B 72 22.98 -22.37 -28.70
CA GLY B 72 22.85 -21.25 -27.81
C GLY B 72 24.06 -21.06 -26.94
N CYS B 73 24.55 -19.83 -26.90
CA CYS B 73 25.72 -19.48 -26.08
C CYS B 73 25.46 -18.37 -25.10
N CYS B 74 26.10 -18.48 -23.94
CA CYS B 74 26.27 -17.40 -22.96
C CYS B 74 27.75 -16.91 -22.93
N ASN B 75 27.96 -15.64 -23.34
CA ASN B 75 29.31 -15.05 -23.38
C ASN B 75 30.21 -15.85 -24.30
N ASP B 76 29.68 -16.20 -25.48
CA ASP B 76 30.39 -17.03 -26.48
C ASP B 76 30.68 -18.49 -26.12
N GLN B 77 30.33 -18.95 -24.93
CA GLN B 77 30.41 -20.36 -24.57
C GLN B 77 29.07 -21.10 -24.98
N PRO B 78 29.13 -22.20 -25.79
CA PRO B 78 27.87 -22.96 -26.05
C PRO B 78 27.30 -23.51 -24.74
N VAL B 79 26.01 -23.25 -24.41
CA VAL B 79 25.35 -23.84 -23.20
C VAL B 79 23.97 -24.52 -23.46
N PHE B 80 23.41 -24.43 -24.65
CA PHE B 80 22.17 -25.14 -24.93
C PHE B 80 21.98 -25.46 -26.43
N LEU B 81 21.22 -26.54 -26.67
CA LEU B 81 20.70 -26.85 -28.05
C LEU B 81 19.18 -26.56 -28.14
N MET B 82 18.74 -25.98 -29.24
CA MET B 82 17.34 -25.76 -29.48
C MET B 82 17.03 -26.28 -30.88
N GLU B 83 15.97 -27.12 -30.98
CA GLU B 83 15.43 -27.59 -32.29
C GLU B 83 14.24 -26.78 -32.56
N PHE B 84 14.09 -26.34 -33.78
CA PHE B 84 13.13 -25.32 -34.13
C PHE B 84 12.37 -25.73 -35.42
N TYR B 85 11.11 -26.13 -35.26
CA TYR B 85 10.32 -26.77 -36.31
C TYR B 85 9.00 -26.08 -36.50
N LYS B 86 8.40 -26.35 -37.64
CA LYS B 86 7.11 -25.86 -37.99
C LYS B 86 6.17 -26.98 -37.54
N ALA B 87 5.07 -26.63 -36.89
CA ALA B 87 4.14 -27.61 -36.33
C ALA B 87 3.52 -28.53 -37.34
N SER B 88 3.22 -27.98 -38.49
CA SER B 88 2.60 -28.66 -39.60
C SER B 88 3.33 -29.87 -40.08
N GLU B 89 4.64 -29.82 -40.08
CA GLU B 89 5.48 -30.89 -40.55
C GLU B 89 6.08 -31.79 -39.48
N ASP B 90 5.62 -31.71 -38.25
CA ASP B 90 6.23 -32.51 -37.20
C ASP B 90 5.25 -33.43 -36.49
N ASP B 91 5.78 -34.49 -35.88
CA ASP B 91 4.95 -35.45 -35.13
C ASP B 91 3.74 -34.84 -34.40
N ILE B 92 3.95 -33.68 -33.79
CA ILE B 92 2.91 -33.04 -33.01
C ILE B 92 1.74 -32.61 -33.88
N GLY B 93 2.00 -32.45 -35.19
CA GLY B 93 0.95 -32.04 -36.13
C GLY B 93 -0.11 -33.10 -36.36
N LYS B 94 0.20 -34.31 -35.95
CA LYS B 94 -0.71 -35.43 -36.06
C LYS B 94 -1.75 -35.44 -34.94
N PHE B 95 -1.54 -34.68 -33.86
CA PHE B 95 -2.38 -34.79 -32.65
C PHE B 95 -3.25 -33.61 -32.45
N TYR B 96 -3.17 -32.61 -33.31
CA TYR B 96 -4.16 -31.51 -33.27
C TYR B 96 -4.18 -30.87 -34.63
N ALA B 97 -5.05 -29.92 -34.82
CA ALA B 97 -5.13 -29.22 -36.11
C ALA B 97 -4.09 -28.04 -36.19
N ALA B 98 -2.85 -28.39 -36.53
CA ALA B 98 -1.71 -27.45 -36.61
C ALA B 98 -2.01 -26.39 -37.61
N GLN B 99 -1.70 -25.14 -37.29
CA GLN B 99 -2.15 -24.01 -38.09
C GLN B 99 -0.95 -23.39 -38.81
N PRO B 100 -1.22 -22.59 -39.85
CA PRO B 100 -0.16 -21.69 -40.34
C PRO B 100 0.23 -20.63 -39.27
N GLY B 101 1.53 -20.60 -38.97
CA GLY B 101 2.04 -19.80 -37.88
C GLY B 101 2.36 -20.60 -36.63
N ASP B 102 2.20 -21.92 -36.64
CA ASP B 102 2.41 -22.65 -35.41
C ASP B 102 3.78 -23.17 -35.50
N TYR B 103 4.63 -22.83 -34.52
CA TYR B 103 5.98 -23.40 -34.46
C TYR B 103 6.25 -23.99 -33.10
N GLY B 104 7.06 -25.02 -33.07
CA GLY B 104 7.43 -25.65 -31.84
C GLY B 104 8.90 -25.53 -31.63
N MET B 105 9.33 -26.03 -30.50
CA MET B 105 10.68 -25.96 -30.14
C MET B 105 10.92 -27.07 -29.18
N HIS B 106 12.12 -27.68 -29.23
CA HIS B 106 12.70 -28.50 -28.15
C HIS B 106 13.98 -27.86 -27.63
N LEU B 107 14.25 -28.00 -26.34
CA LEU B 107 15.34 -27.31 -25.73
C LEU B 107 16.05 -28.23 -24.84
N LEU B 108 17.39 -28.25 -24.99
CA LEU B 108 18.27 -29.01 -24.12
C LEU B 108 19.37 -28.09 -23.58
N ILE B 109 19.55 -28.13 -22.24
CA ILE B 109 20.45 -27.28 -21.48
C ILE B 109 21.49 -28.17 -20.84
N ALA B 110 22.75 -27.98 -21.32
CA ALA B 110 23.95 -28.67 -20.83
C ALA B 110 24.09 -28.56 -19.33
N PRO B 111 24.70 -29.57 -18.67
CA PRO B 111 24.87 -29.51 -17.20
C PRO B 111 25.76 -28.33 -16.78
N ALA B 112 25.54 -27.81 -15.57
CA ALA B 112 26.19 -26.60 -15.05
C ALA B 112 27.41 -26.96 -14.18
N THR B 113 28.58 -26.89 -14.83
CA THR B 113 29.89 -26.86 -14.11
C THR B 113 29.91 -25.69 -13.12
N HIS B 114 29.64 -24.50 -13.67
CA HIS B 114 29.47 -23.27 -12.89
C HIS B 114 27.98 -23.01 -12.65
N PRO B 115 27.46 -23.32 -11.42
CA PRO B 115 25.99 -23.24 -11.21
C PRO B 115 25.52 -21.82 -10.97
N VAL B 116 24.81 -21.24 -11.95
CA VAL B 116 24.43 -19.81 -12.01
C VAL B 116 22.93 -19.65 -11.74
N GLN B 117 22.56 -18.81 -10.79
CA GLN B 117 21.16 -18.68 -10.40
C GLN B 117 20.26 -18.22 -11.59
N GLN B 118 19.05 -18.81 -11.68
CA GLN B 118 18.01 -18.45 -12.68
C GLN B 118 18.38 -18.71 -14.12
N PHE B 119 19.36 -19.61 -14.31
CA PHE B 119 19.96 -19.78 -15.65
C PHE B 119 18.94 -20.37 -16.64
N SER B 120 18.16 -21.33 -16.14
CA SER B 120 17.11 -21.97 -16.97
C SER B 120 16.11 -20.99 -17.51
N TRP B 121 15.64 -20.10 -16.63
CA TRP B 121 14.71 -19.05 -17.04
C TRP B 121 15.31 -18.09 -18.06
N GLN B 122 16.60 -17.80 -17.92
CA GLN B 122 17.27 -16.93 -18.89
C GLN B 122 17.41 -17.54 -20.26
N VAL B 123 17.75 -18.83 -20.28
CA VAL B 123 17.75 -19.65 -21.55
C VAL B 123 16.37 -19.74 -22.18
N PHE B 124 15.41 -20.17 -21.37
CA PHE B 124 14.06 -20.35 -21.89
C PHE B 124 13.47 -19.09 -22.44
N SER B 125 13.60 -18.00 -21.69
CA SER B 125 13.07 -16.72 -22.18
C SER B 125 13.80 -16.21 -23.41
N THR B 126 15.12 -16.46 -23.51
CA THR B 126 15.85 -16.13 -24.76
C THR B 126 15.26 -16.88 -25.98
N VAL B 127 15.10 -18.20 -25.80
CA VAL B 127 14.46 -19.03 -26.83
C VAL B 127 13.08 -18.47 -27.28
N ILE B 128 12.20 -18.17 -26.29
CA ILE B 128 10.85 -17.64 -26.64
C ILE B 128 10.98 -16.30 -27.32
N ASP B 129 11.80 -15.40 -26.76
CA ASP B 129 12.03 -14.07 -27.37
C ASP B 129 12.49 -14.17 -28.82
N PHE B 130 13.39 -15.10 -29.09
CA PHE B 130 13.79 -15.36 -30.45
C PHE B 130 12.63 -15.78 -31.34
N MET B 131 11.88 -16.81 -30.93
CA MET B 131 10.74 -17.27 -31.75
C MET B 131 9.80 -16.13 -32.00
N PHE B 132 9.52 -15.31 -31.01
CA PHE B 132 8.58 -14.24 -31.22
C PHE B 132 9.16 -13.06 -31.98
N SER B 133 10.49 -12.98 -32.12
CA SER B 133 11.12 -11.99 -33.01
C SER B 133 10.86 -12.28 -34.50
N LEU B 134 10.47 -13.51 -34.84
CA LEU B 134 10.15 -13.86 -36.23
C LEU B 134 8.67 -13.64 -36.51
N PRO B 135 8.31 -12.69 -37.40
CA PRO B 135 6.89 -12.38 -37.62
C PRO B 135 6.02 -13.53 -38.19
N GLU B 136 6.63 -14.52 -38.84
CA GLU B 136 5.93 -15.71 -39.28
C GLU B 136 5.43 -16.58 -38.13
N VAL B 137 6.13 -16.53 -36.97
CA VAL B 137 5.71 -17.32 -35.79
C VAL B 137 4.53 -16.64 -35.13
N LYS B 138 3.35 -17.25 -35.29
CA LYS B 138 2.10 -16.74 -34.68
C LYS B 138 1.81 -17.35 -33.31
N ARG B 139 2.29 -18.58 -33.07
CA ARG B 139 1.99 -19.26 -31.84
C ARG B 139 3.02 -20.30 -31.58
N VAL B 140 3.45 -20.44 -30.32
CA VAL B 140 4.42 -21.48 -29.96
C VAL B 140 3.65 -22.65 -29.39
N VAL B 141 3.92 -23.85 -29.93
CA VAL B 141 3.31 -25.09 -29.45
C VAL B 141 4.39 -25.95 -28.88
N VAL B 142 4.14 -26.53 -27.72
CA VAL B 142 5.10 -27.41 -27.09
C VAL B 142 4.36 -28.72 -26.70
N GLU B 143 5.14 -29.78 -26.53
CA GLU B 143 4.64 -31.10 -26.18
C GLU B 143 5.55 -31.71 -25.15
N PRO B 144 5.69 -31.05 -23.98
CA PRO B 144 6.54 -31.60 -22.94
C PRO B 144 5.97 -32.87 -22.40
N ASP B 145 6.83 -33.76 -21.96
CA ASP B 145 6.47 -35.02 -21.36
C ASP B 145 5.85 -34.67 -20.05
N GLU B 146 4.80 -35.37 -19.65
CA GLU B 146 4.08 -34.98 -18.44
C GLU B 146 4.88 -35.15 -17.18
N ARG B 147 5.99 -35.86 -17.27
CA ARG B 147 6.82 -36.10 -16.10
C ARG B 147 7.86 -35.00 -15.95
N ASN B 148 8.24 -34.33 -17.05
CA ASN B 148 9.31 -33.34 -17.07
C ASN B 148 8.89 -32.06 -16.29
N THR B 149 8.91 -32.13 -14.94
CA THR B 149 8.36 -31.09 -14.06
C THR B 149 9.06 -29.76 -14.26
N LYS B 150 10.37 -29.80 -14.52
CA LYS B 150 11.13 -28.55 -14.68
C LYS B 150 10.67 -27.74 -15.88
N ILE B 151 10.43 -28.37 -17.02
CA ILE B 151 9.97 -27.62 -18.20
C ILE B 151 8.52 -27.05 -18.02
N HIS B 152 7.69 -27.68 -17.16
CA HIS B 152 6.32 -27.19 -16.94
C HIS B 152 6.35 -25.89 -16.15
N ARG B 153 7.24 -25.82 -15.17
CA ARG B 153 7.50 -24.58 -14.41
C ARG B 153 7.88 -23.44 -15.30
N LEU B 154 8.76 -23.73 -16.25
CA LEU B 154 9.21 -22.70 -17.16
C LEU B 154 8.11 -22.25 -18.10
N ASN B 155 7.35 -23.21 -18.61
CA ASN B 155 6.28 -22.97 -19.54
C ASN B 155 5.24 -22.05 -18.91
N LYS B 156 4.85 -22.38 -17.70
CA LYS B 156 3.79 -21.70 -17.05
C LYS B 156 4.21 -20.25 -16.71
N ARG B 157 5.45 -20.09 -16.26
CA ARG B 157 6.04 -18.77 -15.99
C ARG B 157 6.04 -17.87 -17.24
N ALA B 158 6.13 -18.44 -18.44
CA ALA B 158 6.07 -17.70 -19.67
C ALA B 158 4.67 -17.47 -20.27
N GLY B 159 3.63 -17.89 -19.57
CA GLY B 159 2.28 -17.71 -20.07
C GLY B 159 1.75 -18.83 -20.95
N PHE B 160 2.39 -20.00 -20.99
CA PHE B 160 1.84 -21.11 -21.77
C PHE B 160 0.48 -21.57 -21.19
N CYS B 161 -0.49 -21.87 -22.04
CA CYS B 161 -1.76 -22.51 -21.60
C CYS B 161 -1.83 -23.99 -21.98
N TYR B 162 -1.92 -24.83 -20.97
CA TYR B 162 -2.01 -26.29 -21.09
C TYR B 162 -3.40 -26.70 -21.57
N GLN B 163 -3.46 -27.44 -22.67
CA GLN B 163 -4.74 -27.85 -23.25
C GLN B 163 -5.24 -29.21 -22.70
N HIS B 164 -4.50 -30.29 -22.97
CA HIS B 164 -4.88 -31.65 -22.62
C HIS B 164 -3.68 -32.53 -22.92
N THR B 165 -3.69 -33.74 -22.34
CA THR B 165 -2.62 -34.70 -22.50
C THR B 165 -2.85 -35.44 -23.80
N ILE B 166 -1.90 -35.96 -24.44
CA ILE B 166 -2.01 -36.70 -25.67
C ILE B 166 -1.21 -38.01 -25.45
N ASP B 167 -1.29 -39.01 -25.86
CA ASP B 167 -0.41 -40.19 -25.86
C ASP B 167 0.22 -40.30 -27.24
N MET B 168 1.51 -40.01 -27.32
CA MET B 168 2.29 -40.05 -28.56
C MET B 168 3.05 -41.35 -28.74
N GLY B 169 2.76 -42.36 -27.92
CA GLY B 169 3.36 -43.69 -28.09
C GLY B 169 4.59 -43.78 -27.22
N HIS B 170 5.62 -43.04 -27.60
CA HIS B 170 6.88 -42.98 -26.77
C HIS B 170 6.71 -42.25 -25.43
N LYS B 171 5.67 -41.43 -25.30
CA LYS B 171 5.43 -40.70 -24.04
C LYS B 171 4.00 -40.21 -24.05
N THR B 172 3.51 -39.94 -22.85
CA THR B 172 2.37 -39.07 -22.64
C THR B 172 2.88 -37.64 -22.47
N ALA B 173 2.39 -36.74 -23.30
CA ALA B 173 2.73 -35.31 -23.28
C ALA B 173 1.55 -34.45 -22.94
N TRP B 174 1.83 -33.23 -22.49
CA TRP B 174 0.86 -32.14 -22.50
C TRP B 174 1.01 -31.34 -23.78
N LEU B 175 -0.09 -31.06 -24.45
CA LEU B 175 -0.14 -30.03 -25.48
C LEU B 175 -0.40 -28.62 -24.82
N ALA B 176 0.44 -27.65 -25.18
CA ALA B 176 0.45 -26.33 -24.56
C ALA B 176 0.80 -25.29 -25.57
N PHE B 177 0.15 -24.14 -25.50
CA PHE B 177 0.34 -23.06 -26.46
C PHE B 177 0.85 -21.78 -25.79
N CYS B 178 1.53 -20.95 -26.56
CA CYS B 178 1.85 -19.56 -26.17
C CYS B 178 1.77 -18.59 -27.33
N GLN B 179 1.05 -17.49 -27.13
CA GLN B 179 1.09 -16.35 -28.05
C GLN B 179 1.64 -15.12 -27.34
N ARG B 180 1.91 -14.09 -28.13
CA ARG B 180 2.68 -12.90 -27.69
C ARG B 180 2.02 -12.17 -26.49
N GLU B 181 0.70 -12.03 -26.59
CA GLU B 181 -0.12 -11.33 -25.63
C GLU B 181 0.22 -11.74 -24.20
N ASN B 182 0.03 -13.02 -23.89
CA ASN B 182 0.27 -13.53 -22.54
C ASN B 182 1.75 -13.58 -22.20
N TYR B 183 2.59 -13.81 -23.21
CA TYR B 183 4.04 -13.77 -23.03
C TYR B 183 4.56 -12.37 -22.62
N GLN B 184 4.14 -11.34 -23.36
CA GLN B 184 4.50 -9.97 -23.04
C GLN B 184 3.99 -9.61 -21.64
N GLN B 185 2.79 -10.07 -21.28
CA GLN B 185 2.26 -9.82 -19.92
C GLN B 185 3.15 -10.52 -18.85
N ALA B 186 3.58 -11.73 -19.11
CA ALA B 186 4.47 -12.40 -18.19
C ALA B 186 5.79 -11.65 -18.08
N LEU B 187 6.27 -11.06 -19.16
CA LEU B 187 7.47 -10.24 -19.11
C LEU B 187 7.30 -9.05 -18.19
N LEU B 188 6.11 -8.42 -18.23
CA LEU B 188 5.80 -7.36 -17.31
C LEU B 188 5.81 -7.85 -15.86
N LYS B 189 5.20 -9.00 -15.61
CA LYS B 189 5.26 -9.60 -14.26
C LYS B 189 6.72 -9.73 -13.76
N GLU B 190 7.58 -10.28 -14.61
CA GLU B 190 9.01 -10.46 -14.30
C GLU B 190 9.69 -9.12 -13.95
N SER B 191 9.48 -8.09 -14.75
CA SER B 191 10.04 -6.78 -14.44
C SER B 191 9.46 -6.15 -13.16
N LEU B 192 8.22 -6.45 -12.74
CA LEU B 192 7.73 -5.93 -11.44
C LEU B 192 8.33 -6.58 -10.16
N ASN B 193 9.21 -7.57 -10.31
CA ASN B 193 10.01 -8.13 -9.18
C ASN B 193 9.12 -8.46 -7.96
N MET B 194 8.18 -9.39 -8.07
CA MET B 194 7.36 -9.82 -6.89
C MET B 194 7.43 -11.32 -6.56
N GLN C 201 9.84 2.00 -13.00
CA GLN C 201 9.08 3.04 -13.78
C GLN C 201 7.93 3.74 -13.01
N ALA C 202 8.31 4.84 -12.34
CA ALA C 202 7.43 5.76 -11.63
C ALA C 202 7.37 7.12 -12.38
N GLY C 203 6.17 7.50 -12.88
CA GLY C 203 5.90 8.77 -13.58
C GLY C 203 5.30 8.63 -14.99
N THR C 204 5.92 7.80 -15.82
CA THR C 204 6.01 8.07 -17.25
C THR C 204 4.76 7.95 -18.07
N TRP C 205 3.91 6.97 -17.80
CA TRP C 205 2.77 6.77 -18.70
C TRP C 205 1.65 7.85 -18.68
N LEU C 206 1.69 8.80 -17.76
CA LEU C 206 0.74 9.91 -17.70
C LEU C 206 1.20 11.02 -18.62
N THR C 207 0.86 10.94 -19.90
CA THR C 207 1.17 12.01 -20.83
C THR C 207 0.03 13.05 -20.89
N GLY C 208 0.37 14.23 -21.38
CA GLY C 208 -0.54 15.36 -21.47
C GLY C 208 -1.74 15.09 -22.34
N ASP C 209 -1.51 14.57 -23.53
CA ASP C 209 -2.60 14.31 -24.49
C ASP C 209 -3.57 13.28 -23.98
N ASN C 210 -3.02 12.17 -23.45
CA ASN C 210 -3.83 11.08 -22.96
C ASN C 210 -4.62 11.49 -21.72
N TRP C 211 -3.99 12.28 -20.85
CA TRP C 211 -4.65 12.82 -19.67
C TRP C 211 -5.86 13.76 -20.04
N ALA C 212 -5.66 14.69 -20.97
CA ALA C 212 -6.76 15.55 -21.50
C ALA C 212 -7.92 14.73 -22.10
N GLU C 213 -7.61 13.72 -22.90
CA GLU C 213 -8.65 12.82 -23.41
C GLU C 213 -9.44 12.06 -22.31
N ALA C 214 -8.75 11.50 -21.30
CA ALA C 214 -9.39 10.86 -20.15
C ALA C 214 -10.33 11.79 -19.38
N ASN C 215 -9.90 13.03 -19.20
CA ASN C 215 -10.72 14.04 -18.55
C ASN C 215 -11.95 14.41 -19.41
N ARG C 216 -11.75 14.58 -20.71
CA ARG C 216 -12.83 14.88 -21.66
C ARG C 216 -13.88 13.74 -21.62
N LEU C 217 -13.41 12.49 -21.72
CA LEU C 217 -14.31 11.34 -21.65
C LEU C 217 -15.04 11.23 -20.36
N LEU C 218 -14.37 11.47 -19.24
CA LEU C 218 -15.04 11.33 -17.93
C LEU C 218 -16.08 12.42 -17.64
N ILE C 219 -15.80 13.65 -18.09
CA ILE C 219 -16.78 14.75 -18.00
C ILE C 219 -17.99 14.46 -18.92
N ARG C 220 -17.76 14.02 -20.12
CA ARG C 220 -18.83 13.62 -21.01
C ARG C 220 -19.79 12.65 -20.34
N LYS C 221 -19.21 11.60 -19.72
CA LYS C 221 -20.00 10.58 -19.06
C LYS C 221 -20.70 11.17 -17.87
N ALA C 222 -19.98 11.96 -17.09
CA ALA C 222 -20.55 12.60 -15.86
C ALA C 222 -21.74 13.52 -16.16
N ILE C 223 -21.64 14.30 -17.23
CA ILE C 223 -22.75 15.15 -17.62
C ILE C 223 -23.97 14.28 -18.06
N ALA C 224 -23.73 13.31 -18.95
CA ALA C 224 -24.77 12.39 -19.43
C ALA C 224 -25.46 11.71 -18.30
N GLU C 225 -24.71 11.15 -17.37
CA GLU C 225 -25.31 10.36 -16.27
C GLU C 225 -25.85 11.19 -15.15
N PHE C 226 -25.14 12.25 -14.77
CA PHE C 226 -25.75 13.18 -13.81
C PHE C 226 -27.06 13.79 -14.37
N ALA C 227 -27.11 14.06 -15.67
CA ALA C 227 -28.35 14.57 -16.29
C ALA C 227 -29.47 13.57 -16.28
N HIS C 228 -29.20 12.34 -16.76
CA HIS C 228 -30.12 11.23 -16.62
C HIS C 228 -30.70 11.08 -15.25
N GLU C 229 -29.89 11.31 -14.23
CA GLU C 229 -30.30 11.23 -12.82
C GLU C 229 -30.88 12.53 -12.26
N LYS C 230 -31.01 13.55 -13.11
CA LYS C 230 -31.46 14.91 -12.73
C LYS C 230 -30.68 15.57 -11.55
N ILE C 231 -29.42 15.19 -11.37
CA ILE C 231 -28.52 15.88 -10.49
C ILE C 231 -28.19 17.21 -11.14
N VAL C 232 -28.09 17.24 -12.44
CA VAL C 232 -27.76 18.44 -13.13
C VAL C 232 -28.74 18.52 -14.32
N THR C 233 -29.03 19.73 -14.81
CA THR C 233 -30.03 19.98 -15.87
C THR C 233 -29.45 20.90 -16.92
N PRO C 234 -29.00 20.37 -18.04
CA PRO C 234 -28.55 21.22 -19.13
C PRO C 234 -29.74 21.89 -19.80
N ALA C 235 -29.43 22.94 -20.57
CA ALA C 235 -30.40 23.74 -21.32
C ALA C 235 -30.00 23.83 -22.78
N GLU C 236 -30.97 23.83 -23.69
CA GLU C 236 -30.67 23.99 -25.13
C GLU C 236 -30.18 25.39 -25.39
N CYS C 237 -29.48 25.56 -26.50
CA CYS C 237 -29.09 26.89 -26.96
C CYS C 237 -29.01 26.89 -28.50
N ALA C 238 -28.42 27.95 -29.09
CA ALA C 238 -28.40 28.10 -30.55
C ALA C 238 -27.33 27.18 -31.14
N HIS C 239 -27.50 26.89 -32.43
CA HIS C 239 -26.56 26.04 -33.20
C HIS C 239 -26.59 24.53 -32.73
N GLY C 240 -27.81 24.02 -32.38
CA GLY C 240 -28.04 22.59 -31.97
C GLY C 240 -27.31 22.10 -30.70
N ARG C 241 -27.02 23.02 -29.79
CA ARG C 241 -26.13 22.77 -28.67
C ARG C 241 -26.91 22.78 -27.39
N TYR C 242 -26.23 22.33 -26.34
CA TYR C 242 -26.67 22.43 -24.95
C TYR C 242 -25.60 23.17 -24.16
N SER C 243 -26.01 23.78 -23.08
CA SER C 243 -25.11 24.48 -22.21
C SER C 243 -25.36 24.00 -20.82
N LEU C 244 -24.31 24.01 -20.01
CA LEU C 244 -24.45 23.62 -18.62
C LEU C 244 -23.68 24.61 -17.73
N ALA C 245 -24.44 25.33 -16.92
CA ALA C 245 -23.90 26.46 -16.19
C ALA C 245 -23.46 25.88 -14.90
N VAL C 246 -22.34 26.37 -14.39
CA VAL C 246 -21.90 26.07 -13.03
C VAL C 246 -22.61 27.06 -12.08
N PRO C 247 -23.34 26.55 -11.05
CA PRO C 247 -24.09 27.46 -10.17
C PRO C 247 -23.23 28.45 -9.37
N GLY C 248 -23.76 29.66 -9.17
CA GLY C 248 -23.04 30.76 -8.55
C GLY C 248 -21.76 31.11 -9.28
N SER C 249 -21.70 31.08 -10.86
CA SER C 249 -20.46 31.18 -11.65
C SER C 249 -20.67 31.76 -13.03
N GLU C 250 -19.74 32.14 -13.51
CA GLU C 250 -19.79 32.42 -14.96
C GLU C 250 -19.28 31.30 -15.85
N THR C 251 -18.88 30.17 -15.26
CA THR C 251 -18.33 29.04 -16.02
C THR C 251 -19.47 28.29 -16.67
N GLU C 252 -19.30 27.93 -17.94
CA GLU C 252 -20.26 27.06 -18.58
C GLU C 252 -19.64 26.04 -19.45
N TYR C 253 -20.26 24.86 -19.45
CA TYR C 253 -19.92 23.77 -20.40
C TYR C 253 -20.89 23.80 -21.55
N GLN C 254 -20.40 23.63 -22.77
CA GLN C 254 -21.26 23.46 -23.92
C GLN C 254 -20.99 22.14 -24.65
N PHE C 255 -22.05 21.63 -25.29
CA PHE C 255 -21.94 20.40 -26.04
C PHE C 255 -23.16 20.17 -26.94
N THR C 256 -22.97 19.28 -27.93
CA THR C 256 -24.02 18.67 -28.72
C THR C 256 -24.38 17.25 -28.19
N ALA C 257 -25.66 16.92 -28.27
CA ALA C 257 -26.20 15.67 -27.80
C ALA C 257 -27.51 15.29 -28.49
N SER C 258 -27.73 14.00 -28.76
CA SER C 258 -29.06 13.44 -29.04
C SER C 258 -29.60 12.99 -27.74
N ARG C 259 -30.92 13.09 -27.59
CA ARG C 259 -31.62 12.62 -26.39
C ARG C 259 -32.45 11.45 -26.83
N LEU C 260 -32.33 10.33 -26.12
CA LEU C 260 -32.85 9.04 -26.57
C LEU C 260 -33.65 8.33 -25.45
N ALA C 261 -34.04 7.10 -25.77
CA ALA C 261 -34.82 6.27 -24.92
C ALA C 261 -34.34 6.20 -23.48
N LEU C 262 -35.32 6.22 -22.58
CA LEU C 262 -35.12 6.27 -21.14
C LEU C 262 -34.29 7.48 -20.75
N ASP C 263 -34.61 8.63 -21.37
CA ASP C 263 -33.98 9.91 -21.02
C ASP C 263 -32.45 9.73 -20.96
N HIS C 264 -31.91 9.27 -22.08
CA HIS C 264 -30.50 8.96 -22.14
C HIS C 264 -29.91 10.08 -22.93
N TRP C 265 -28.77 10.58 -22.48
CA TRP C 265 -28.06 11.64 -23.19
C TRP C 265 -26.84 11.11 -23.89
N GLU C 266 -26.84 11.15 -25.21
CA GLU C 266 -25.73 10.70 -26.00
C GLU C 266 -24.94 11.95 -26.41
N ILE C 267 -23.91 12.26 -25.64
CA ILE C 267 -23.11 13.46 -25.86
C ILE C 267 -21.90 13.18 -26.77
N ASP C 268 -21.70 14.02 -27.78
CA ASP C 268 -20.53 13.89 -28.63
C ASP C 268 -19.36 14.45 -27.80
N ALA C 269 -18.36 13.64 -27.57
CA ALA C 269 -17.27 14.02 -26.67
C ALA C 269 -16.42 15.16 -27.22
N ALA C 270 -16.17 15.10 -28.52
CA ALA C 270 -15.36 16.12 -29.20
C ALA C 270 -16.03 17.51 -29.30
N SER C 271 -17.32 17.60 -29.09
CA SER C 271 -18.04 18.88 -29.04
C SER C 271 -17.92 19.60 -27.70
N LEU C 272 -17.51 19.19 -26.80
CA LEU C 272 -17.60 19.56 -25.34
C LEU C 272 -16.57 20.64 -24.98
N THR C 273 -16.93 21.67 -24.53
CA THR C 273 -16.08 22.88 -24.32
C THR C 273 -16.38 23.44 -22.94
N LYS C 274 -15.45 24.21 -22.41
CA LYS C 274 -15.64 24.88 -21.12
C LYS C 274 -15.15 26.31 -21.27
N GLN C 275 -15.91 27.23 -20.73
CA GLN C 275 -15.62 28.68 -20.88
C GLN C 275 -15.90 29.32 -19.58
N GLU C 276 -15.13 30.37 -19.27
CA GLU C 276 -15.47 31.33 -18.18
C GLU C 276 -15.34 32.79 -18.70
N ASN C 277 -16.47 33.50 -18.81
CA ASN C 277 -16.53 34.85 -19.43
C ASN C 277 -15.79 34.97 -20.73
N GLY C 278 -15.98 33.98 -21.62
CA GLY C 278 -15.37 34.01 -22.95
C GLY C 278 -13.97 33.44 -23.02
N HIS C 279 -13.40 33.07 -21.89
CA HIS C 279 -12.07 32.46 -21.89
C HIS C 279 -12.18 30.92 -21.95
N PRO C 280 -11.66 30.30 -23.02
CA PRO C 280 -11.68 28.84 -23.04
C PRO C 280 -10.76 28.24 -21.94
N LEU C 281 -11.28 27.25 -21.22
CA LEU C 281 -10.53 26.56 -20.15
C LEU C 281 -10.40 25.08 -20.54
N ALA C 282 -9.35 24.46 -20.03
CA ALA C 282 -9.13 22.99 -20.14
C ALA C 282 -10.19 22.18 -19.44
N LEU C 283 -10.57 21.07 -20.04
CA LEU C 283 -11.54 20.19 -19.42
C LEU C 283 -10.82 19.37 -18.33
N ASP C 284 -11.34 19.37 -17.11
CA ASP C 284 -10.70 18.87 -15.92
C ASP C 284 -11.79 18.26 -15.02
N ALA C 285 -11.84 16.92 -14.95
CA ALA C 285 -12.93 16.20 -14.31
C ALA C 285 -12.98 16.43 -12.79
N LEU C 286 -11.82 16.57 -12.18
CA LEU C 286 -11.74 16.93 -10.77
C LEU C 286 -12.42 18.31 -10.49
N GLN C 287 -12.12 19.30 -11.32
CA GLN C 287 -12.70 20.65 -11.15
C GLN C 287 -14.19 20.55 -11.40
N PHE C 288 -14.63 19.80 -12.41
CA PHE C 288 -16.07 19.54 -12.62
C PHE C 288 -16.82 19.09 -11.36
N ILE C 289 -16.26 18.11 -10.65
CA ILE C 289 -16.90 17.57 -9.45
C ILE C 289 -17.02 18.62 -8.39
N THR C 290 -15.93 19.34 -8.15
CA THR C 290 -15.91 20.34 -7.10
C THR C 290 -16.81 21.56 -7.50
N GLU C 291 -16.73 22.02 -8.74
CA GLU C 291 -17.68 23.03 -9.27
C GLU C 291 -19.17 22.71 -9.05
N PHE C 292 -19.55 21.46 -9.20
CA PHE C 292 -20.96 21.03 -9.06
C PHE C 292 -21.25 20.35 -7.71
N ASN C 293 -20.31 20.38 -6.76
CA ASN C 293 -20.58 19.78 -5.46
C ASN C 293 -21.74 20.45 -4.65
N GLU C 294 -22.10 21.70 -4.95
CA GLU C 294 -23.30 22.31 -4.31
C GLU C 294 -24.61 21.56 -4.71
N VAL C 295 -24.67 21.19 -5.98
CA VAL C 295 -25.82 20.49 -6.55
C VAL C 295 -25.76 18.96 -6.33
N ILE C 296 -24.58 18.36 -6.56
CA ILE C 296 -24.31 16.95 -6.24
C ILE C 296 -24.33 16.84 -4.72
N GLY C 297 -24.76 15.71 -4.19
CA GLY C 297 -24.96 15.63 -2.74
C GLY C 297 -23.78 15.10 -1.93
N ILE C 298 -22.53 15.50 -2.22
CA ILE C 298 -21.39 14.88 -1.50
C ILE C 298 -21.13 15.56 -0.16
N PRO C 299 -21.31 14.85 0.96
CA PRO C 299 -20.94 15.49 2.20
C PRO C 299 -19.48 15.93 2.19
N GLN C 300 -19.20 17.11 2.73
CA GLN C 300 -17.82 17.62 2.85
C GLN C 300 -16.78 16.61 3.43
N ALA C 301 -17.21 15.78 4.37
CA ALA C 301 -16.36 14.79 5.03
C ALA C 301 -15.89 13.67 4.13
N LEU C 302 -16.60 13.44 3.02
CA LEU C 302 -16.28 12.37 2.05
C LEU C 302 -15.87 12.86 0.67
N LEU C 303 -15.88 14.17 0.44
CA LEU C 303 -15.53 14.75 -0.86
C LEU C 303 -14.10 14.37 -1.28
N ALA C 304 -13.17 14.46 -0.35
CA ALA C 304 -11.74 14.14 -0.62
C ALA C 304 -11.51 12.71 -1.13
N THR C 305 -12.19 11.78 -0.49
CA THR C 305 -12.14 10.37 -0.86
C THR C 305 -12.69 10.19 -2.28
N TYR C 306 -13.82 10.81 -2.58
CA TYR C 306 -14.45 10.67 -3.86
C TYR C 306 -13.58 11.25 -4.96
N MET C 307 -12.92 12.38 -4.65
CA MET C 307 -12.04 13.00 -5.64
C MET C 307 -10.88 12.08 -5.94
N GLU C 308 -10.42 11.33 -4.94
CA GLU C 308 -9.33 10.42 -5.12
C GLU C 308 -9.76 9.20 -5.93
N GLU C 309 -11.00 8.74 -5.73
CA GLU C 309 -11.58 7.77 -6.63
C GLU C 309 -11.72 8.27 -8.06
N ILE C 310 -12.14 9.51 -8.27
CA ILE C 310 -12.13 10.07 -9.60
C ILE C 310 -10.72 10.06 -10.22
N SER C 311 -9.70 10.56 -9.51
CA SER C 311 -8.33 10.65 -10.12
C SER C 311 -7.82 9.24 -10.50
N SER C 312 -8.12 8.29 -9.61
CA SER C 312 -7.75 6.89 -9.82
C SER C 312 -8.45 6.33 -11.07
N THR C 313 -9.72 6.65 -11.28
CA THR C 313 -10.48 6.22 -12.45
C THR C 313 -9.87 6.85 -13.70
N LEU C 314 -9.48 8.12 -13.60
CA LEU C 314 -8.77 8.80 -14.69
C LEU C 314 -7.39 8.17 -15.03
N CYS C 315 -6.64 7.84 -13.99
CA CYS C 315 -5.40 7.07 -14.21
C CYS C 315 -5.62 5.74 -14.92
N SER C 316 -6.64 5.01 -14.48
CA SER C 316 -7.00 3.75 -15.16
C SER C 316 -7.33 4.03 -16.62
N SER C 317 -8.10 5.11 -16.83
CA SER C 317 -8.42 5.51 -18.19
C SER C 317 -7.18 5.83 -19.07
N VAL C 318 -6.19 6.51 -18.51
CA VAL C 318 -4.97 6.76 -19.22
C VAL C 318 -4.23 5.48 -19.57
N PHE C 319 -4.13 4.57 -18.60
CA PHE C 319 -3.52 3.26 -18.83
C PHE C 319 -4.18 2.62 -20.03
N LYS C 320 -5.51 2.65 -20.05
CA LYS C 320 -6.27 2.07 -21.17
C LYS C 320 -6.01 2.71 -22.47
N LEU C 321 -5.86 4.03 -22.49
CA LEU C 321 -5.51 4.74 -23.70
C LEU C 321 -4.12 4.40 -24.21
N GLN C 322 -3.22 4.25 -23.30
CA GLN C 322 -1.84 3.94 -23.55
C GLN C 322 -1.49 2.53 -24.08
N LYS C 323 -2.25 1.55 -23.66
CA LYS C 323 -2.03 0.19 -24.10
C LYS C 323 -2.54 0.06 -25.52
N ASN C 324 -1.96 -0.84 -26.26
CA ASN C 324 -2.41 -1.02 -27.61
C ASN C 324 -3.54 -2.00 -27.47
N ASN C 325 -4.72 -1.49 -27.19
CA ASN C 325 -5.90 -2.32 -26.89
C ASN C 325 -6.49 -2.81 -28.19
N PRO C 326 -6.79 -4.11 -28.31
CA PRO C 326 -7.50 -4.58 -29.49
C PRO C 326 -8.80 -3.81 -29.71
N ASP C 327 -9.02 -3.35 -30.90
CA ASP C 327 -10.18 -2.52 -31.22
C ASP C 327 -11.37 -3.44 -31.56
N SER C 328 -12.52 -2.88 -31.90
CA SER C 328 -13.74 -3.66 -32.08
C SER C 328 -13.61 -4.71 -33.17
N ARG C 329 -12.93 -4.37 -34.25
CA ARG C 329 -12.68 -5.31 -35.34
C ARG C 329 -11.84 -6.52 -34.89
N ALA C 330 -10.82 -6.31 -34.07
CA ALA C 330 -10.01 -7.39 -33.53
C ALA C 330 -10.84 -8.21 -32.54
N LEU C 331 -11.71 -7.55 -31.78
CA LEU C 331 -12.47 -8.26 -30.78
C LEU C 331 -13.52 -9.19 -31.34
N VAL C 332 -13.90 -8.95 -32.59
CA VAL C 332 -14.83 -9.82 -33.32
C VAL C 332 -14.30 -11.26 -33.41
N ASN C 333 -12.98 -11.39 -33.52
CA ASN C 333 -12.34 -12.72 -33.56
C ASN C 333 -11.39 -13.02 -32.39
N ALA C 334 -11.55 -12.34 -31.25
CA ALA C 334 -10.70 -12.56 -30.08
C ALA C 334 -11.23 -13.64 -29.13
N ASP C 335 -10.36 -14.27 -28.35
CA ASP C 335 -10.86 -15.23 -27.37
C ASP C 335 -11.41 -14.55 -26.09
N PHE C 336 -12.12 -15.36 -25.32
CA PHE C 336 -12.77 -14.96 -24.08
C PHE C 336 -11.93 -14.05 -23.17
N GLN C 337 -10.73 -14.46 -22.80
CA GLN C 337 -9.91 -13.66 -21.88
C GLN C 337 -9.29 -12.38 -22.44
N THR C 338 -9.14 -12.31 -23.76
CA THR C 338 -8.72 -11.12 -24.50
C THR C 338 -9.86 -10.13 -24.52
N VAL C 339 -11.08 -10.65 -24.60
CA VAL C 339 -12.26 -9.81 -24.52
C VAL C 339 -12.33 -9.16 -23.14
N GLU C 340 -12.10 -9.98 -22.13
CA GLU C 340 -12.16 -9.58 -20.75
C GLU C 340 -11.21 -8.43 -20.48
N SER C 341 -9.98 -8.55 -20.96
CA SER C 341 -8.95 -7.61 -20.61
C SER C 341 -9.02 -6.31 -21.43
N SER C 342 -9.78 -6.35 -22.52
CA SER C 342 -9.95 -5.25 -23.41
C SER C 342 -11.14 -4.35 -23.15
N MET C 343 -12.01 -4.69 -22.22
CA MET C 343 -13.08 -3.81 -21.76
C MET C 343 -12.46 -2.60 -21.07
N THR C 344 -13.07 -1.44 -21.38
CA THR C 344 -12.57 -0.14 -20.94
C THR C 344 -13.49 0.69 -20.07
N GLU C 345 -14.79 0.57 -20.27
CA GLU C 345 -15.75 1.45 -19.60
C GLU C 345 -15.94 1.16 -18.11
N GLY C 346 -16.03 -0.10 -17.77
CA GLY C 346 -16.48 -0.48 -16.45
C GLY C 346 -17.96 -0.30 -16.32
N HIS C 347 -18.47 -0.21 -15.11
CA HIS C 347 -19.93 -0.03 -14.93
C HIS C 347 -20.42 1.20 -15.75
N PRO C 348 -21.47 1.04 -16.61
CA PRO C 348 -21.85 2.13 -17.50
C PRO C 348 -22.56 3.35 -16.83
N CYS C 349 -23.11 3.22 -15.62
CA CYS C 349 -23.71 4.32 -14.87
C CYS C 349 -22.72 5.08 -13.96
N PHE C 350 -22.08 4.38 -13.02
CA PHE C 350 -21.21 5.02 -12.01
C PHE C 350 -20.02 5.75 -12.68
N VAL C 351 -19.86 7.01 -12.33
CA VAL C 351 -18.82 7.84 -12.88
C VAL C 351 -17.48 7.42 -12.30
N ALA C 352 -17.41 7.29 -10.97
CA ALA C 352 -16.17 6.91 -10.25
C ALA C 352 -16.17 5.41 -10.13
N ASN C 353 -15.97 4.73 -11.26
CA ASN C 353 -16.15 3.27 -11.31
C ASN C 353 -14.88 2.43 -11.35
N ASN C 354 -13.70 3.03 -11.32
CA ASN C 354 -12.41 2.32 -11.29
C ASN C 354 -11.43 2.89 -10.22
N GLY C 355 -11.91 3.05 -9.02
CA GLY C 355 -11.18 3.65 -7.95
C GLY C 355 -10.06 2.77 -7.49
N ARG C 356 -10.35 1.52 -7.19
CA ARG C 356 -9.33 0.62 -6.69
C ARG C 356 -8.46 1.27 -5.60
N ILE C 357 -9.08 1.91 -4.62
CA ILE C 357 -8.29 2.56 -3.57
C ILE C 357 -7.63 1.49 -2.76
N GLY C 358 -6.31 1.56 -2.66
CA GLY C 358 -5.49 0.52 -2.02
C GLY C 358 -4.37 0.07 -2.97
N PHE C 359 -4.61 0.09 -4.26
CA PHE C 359 -3.59 -0.23 -5.23
C PHE C 359 -2.75 0.99 -5.45
N ASP C 360 -1.44 0.87 -5.15
CA ASP C 360 -0.46 1.79 -5.72
C ASP C 360 -0.27 1.57 -7.23
N ALA C 361 0.69 2.27 -7.85
CA ALA C 361 0.94 2.18 -9.30
C ALA C 361 1.46 0.80 -9.71
N ARG C 362 2.25 0.23 -8.81
CA ARG C 362 2.81 -1.10 -8.96
C ARG C 362 1.73 -2.20 -8.80
N ASP C 363 0.97 -2.11 -7.72
CA ASP C 363 -0.22 -2.89 -7.50
C ASP C 363 -1.13 -2.86 -8.71
N TYR C 364 -1.33 -1.65 -9.27
CA TYR C 364 -2.21 -1.42 -10.40
C TYR C 364 -1.71 -2.21 -11.62
N LEU C 365 -0.40 -2.11 -11.91
CA LEU C 365 0.18 -2.91 -13.01
C LEU C 365 0.10 -4.46 -12.79
N ALA C 366 0.26 -4.91 -11.58
CA ALA C 366 0.19 -6.35 -11.26
C ALA C 366 -1.22 -6.91 -11.26
N TYR C 367 -2.22 -6.15 -10.75
CA TYR C 367 -3.52 -6.68 -10.36
C TYR C 367 -4.74 -6.21 -11.12
N ALA C 368 -4.60 -5.17 -11.95
CA ALA C 368 -5.76 -4.59 -12.64
C ALA C 368 -6.16 -5.47 -13.79
N PRO C 369 -7.45 -5.74 -13.94
CA PRO C 369 -7.84 -6.62 -15.04
C PRO C 369 -7.48 -6.13 -16.46
N GLU C 370 -7.51 -4.82 -16.65
CA GLU C 370 -7.09 -4.19 -17.91
C GLU C 370 -5.60 -4.37 -18.29
N ALA C 371 -4.74 -4.62 -17.32
CA ALA C 371 -3.35 -4.97 -17.55
C ALA C 371 -3.17 -6.43 -17.90
N ALA C 372 -3.96 -7.28 -17.24
CA ALA C 372 -3.97 -8.74 -17.44
C ALA C 372 -2.58 -9.35 -17.20
N THR C 373 -1.89 -8.87 -16.18
CA THR C 373 -0.60 -9.36 -15.80
C THR C 373 -0.82 -10.66 -15.03
N PRO C 374 -0.10 -11.73 -15.36
CA PRO C 374 -0.40 -12.98 -14.60
C PRO C 374 -0.19 -12.84 -13.11
N VAL C 375 -1.15 -13.33 -12.36
CA VAL C 375 -1.11 -13.37 -10.94
C VAL C 375 -0.92 -14.81 -10.49
N ASN C 376 0.00 -15.03 -9.57
CA ASN C 376 0.13 -16.30 -8.89
C ASN C 376 -0.53 -16.18 -7.51
N LEU C 377 -1.47 -17.06 -7.19
CA LEU C 377 -2.17 -17.00 -5.92
C LEU C 377 -1.25 -17.49 -4.81
N ILE C 378 -1.49 -17.00 -3.60
CA ILE C 378 -0.75 -17.43 -2.41
C ILE C 378 -1.61 -18.50 -1.75
N TRP C 379 -0.97 -19.59 -1.35
CA TRP C 379 -1.68 -20.70 -0.68
C TRP C 379 -1.29 -20.67 0.78
N VAL C 380 -2.29 -20.72 1.64
CA VAL C 380 -2.07 -20.86 3.08
C VAL C 380 -2.87 -22.06 3.66
N ALA C 381 -2.35 -22.62 4.74
CA ALA C 381 -3.10 -23.58 5.55
C ALA C 381 -3.85 -22.86 6.68
N VAL C 382 -5.15 -23.11 6.83
CA VAL C 382 -5.97 -22.47 7.83
C VAL C 382 -6.56 -23.52 8.76
N HIS C 383 -6.44 -23.30 10.08
CA HIS C 383 -6.82 -24.31 11.07
C HIS C 383 -8.31 -24.34 11.20
N ARG C 384 -8.84 -25.57 11.29
CA ARG C 384 -10.29 -25.81 11.34
C ARG C 384 -11.02 -25.27 12.57
N ARG C 385 -10.33 -24.92 13.66
CA ARG C 385 -11.01 -24.21 14.78
C ARG C 385 -11.59 -22.90 14.28
N ASN C 386 -10.96 -22.34 13.23
CA ASN C 386 -11.42 -21.07 12.64
C ASN C 386 -11.96 -21.15 11.22
N ALA C 387 -11.51 -22.13 10.43
CA ALA C 387 -11.84 -22.19 9.03
C ALA C 387 -12.86 -23.28 8.80
N HIS C 388 -13.85 -22.99 7.95
CA HIS C 388 -14.92 -23.89 7.58
C HIS C 388 -14.98 -24.15 6.04
N PHE C 389 -14.95 -25.42 5.62
CA PHE C 389 -15.17 -25.82 4.19
C PHE C 389 -16.63 -26.15 3.91
N SER C 390 -17.19 -25.62 2.82
CA SER C 390 -18.49 -25.99 2.34
C SER C 390 -18.39 -26.33 0.82
N SER C 391 -19.24 -27.25 0.33
CA SER C 391 -19.24 -27.66 -1.07
C SER C 391 -20.53 -28.26 -1.56
N LEU C 392 -20.61 -28.52 -2.87
CA LEU C 392 -21.70 -29.23 -3.45
C LEU C 392 -21.72 -30.64 -2.87
N SER C 393 -22.91 -31.22 -2.63
CA SER C 393 -22.99 -32.61 -2.12
C SER C 393 -22.18 -33.62 -2.91
N ASP C 394 -21.98 -33.40 -4.21
CA ASP C 394 -21.10 -34.29 -5.02
C ASP C 394 -19.63 -33.84 -5.16
N LEU C 395 -19.18 -32.92 -4.30
CA LEU C 395 -17.77 -32.49 -4.36
C LEU C 395 -17.08 -32.60 -3.02
N GLN C 396 -16.27 -33.64 -2.88
CA GLN C 396 -15.45 -33.81 -1.69
C GLN C 396 -14.28 -32.82 -1.71
N TYR C 397 -13.81 -32.49 -0.51
CA TYR C 397 -12.66 -31.64 -0.33
C TYR C 397 -11.52 -32.25 -1.05
N GLU C 398 -11.28 -33.55 -0.79
CA GLU C 398 -10.13 -34.23 -1.38
C GLU C 398 -10.12 -34.15 -2.90
N ARG C 399 -11.29 -34.18 -3.52
CA ARG C 399 -11.35 -34.13 -4.98
C ARG C 399 -11.03 -32.69 -5.54
N LEU C 400 -11.57 -31.66 -4.88
CA LEU C 400 -11.29 -30.25 -5.23
C LEU C 400 -9.80 -30.01 -5.20
N MET C 401 -9.15 -30.39 -4.10
CA MET C 401 -7.75 -30.09 -3.98
C MET C 401 -6.85 -30.87 -4.94
N ARG C 402 -7.24 -32.10 -5.27
CA ARG C 402 -6.47 -32.94 -6.20
C ARG C 402 -6.59 -32.37 -7.60
N GLU C 403 -7.81 -32.07 -8.04
CA GLU C 403 -8.04 -31.49 -9.36
C GLU C 403 -7.42 -30.07 -9.51
N GLU C 404 -7.54 -29.24 -8.49
CA GLU C 404 -7.01 -27.88 -8.56
C GLU C 404 -5.50 -27.78 -8.42
N LEU C 405 -4.93 -28.40 -7.38
CA LEU C 405 -3.52 -28.29 -7.10
C LEU C 405 -2.68 -29.48 -7.63
N GLY C 406 -3.31 -30.64 -7.77
CA GLY C 406 -2.59 -31.86 -8.13
C GLY C 406 -2.13 -32.57 -6.87
N GLN C 407 -2.07 -33.90 -6.96
CA GLN C 407 -1.82 -34.73 -5.80
C GLN C 407 -0.40 -34.46 -5.21
N SER C 408 0.53 -34.19 -6.09
CA SER C 408 1.90 -33.94 -5.69
C SER C 408 2.09 -32.66 -4.80
N THR C 409 1.39 -31.56 -5.16
CA THR C 409 1.48 -30.32 -4.40
C THR C 409 0.65 -30.49 -3.10
N VAL C 410 -0.48 -31.18 -3.15
CA VAL C 410 -1.26 -31.49 -1.92
C VAL C 410 -0.39 -32.23 -0.92
N GLU C 411 0.34 -33.22 -1.41
CA GLU C 411 1.27 -33.94 -0.52
C GLU C 411 2.41 -33.12 0.02
N GLN C 412 3.00 -32.31 -0.84
CA GLN C 412 4.06 -31.38 -0.41
C GLN C 412 3.56 -30.35 0.64
N PHE C 413 2.35 -29.80 0.50
CA PHE C 413 1.84 -28.81 1.48
C PHE C 413 1.62 -29.48 2.83
N ASN C 414 0.96 -30.63 2.80
CA ASN C 414 0.75 -31.42 4.03
C ASN C 414 2.05 -31.83 4.70
N ALA C 415 3.07 -32.17 3.93
CA ALA C 415 4.42 -32.41 4.44
C ALA C 415 5.04 -31.19 5.13
N GLN C 416 4.84 -30.02 4.57
CA GLN C 416 5.32 -28.80 5.18
C GLN C 416 4.63 -28.57 6.53
N LEU C 417 3.34 -28.83 6.62
CA LEU C 417 2.70 -28.77 7.94
C LEU C 417 3.30 -29.79 8.95
N THR C 418 3.43 -31.06 8.50
CA THR C 418 4.00 -32.13 9.29
C THR C 418 5.33 -31.73 9.87
N GLU C 419 6.22 -31.20 9.02
CA GLU C 419 7.57 -30.71 9.41
C GLU C 419 7.57 -29.66 10.55
N LYS C 420 6.53 -28.85 10.63
CA LYS C 420 6.39 -27.87 11.70
C LYS C 420 5.75 -28.51 12.91
N GLY C 421 5.54 -29.83 12.90
CA GLY C 421 4.88 -30.53 14.02
C GLY C 421 3.39 -30.28 14.14
N LEU C 422 2.73 -30.00 13.04
CA LEU C 422 1.31 -29.75 13.03
C LEU C 422 0.59 -30.94 12.45
N THR C 423 -0.66 -31.14 12.82
CA THR C 423 -1.43 -32.24 12.31
C THR C 423 -2.17 -31.70 11.11
N HIS C 424 -1.81 -32.17 9.94
CA HIS C 424 -2.39 -31.64 8.72
C HIS C 424 -3.86 -31.78 8.52
N ALA C 425 -4.43 -32.88 8.96
CA ALA C 425 -5.85 -33.12 8.83
C ALA C 425 -6.69 -32.10 9.56
N ASP C 426 -6.09 -31.39 10.50
CA ASP C 426 -6.79 -30.24 11.13
C ASP C 426 -6.81 -28.91 10.30
N TYR C 427 -6.23 -28.92 9.07
CA TYR C 427 -6.07 -27.72 8.26
C TYR C 427 -6.82 -27.86 6.94
N LEU C 428 -7.40 -26.75 6.49
CA LEU C 428 -7.88 -26.60 5.11
C LEU C 428 -6.89 -25.70 4.30
N PHE C 429 -6.84 -25.87 2.97
CA PHE C 429 -6.05 -25.00 2.12
C PHE C 429 -6.90 -23.84 1.58
N MET C 430 -6.31 -22.67 1.49
CA MET C 430 -7.04 -21.50 1.01
C MET C 430 -6.17 -20.74 0.03
N PRO C 431 -6.72 -20.35 -1.12
CA PRO C 431 -6.02 -19.40 -1.94
C PRO C 431 -6.30 -17.97 -1.51
N VAL C 432 -5.31 -17.13 -1.66
CA VAL C 432 -5.32 -15.73 -1.14
C VAL C 432 -4.79 -14.80 -2.21
N HIS C 433 -5.46 -13.67 -2.45
CA HIS C 433 -4.94 -12.62 -3.36
C HIS C 433 -3.62 -12.09 -2.77
N PRO C 434 -2.54 -12.04 -3.53
CA PRO C 434 -1.28 -11.57 -2.95
C PRO C 434 -1.30 -10.17 -2.29
N TRP C 435 -2.10 -9.24 -2.83
CA TRP C 435 -2.28 -7.90 -2.29
C TRP C 435 -2.91 -8.07 -0.90
N GLN C 436 -3.90 -8.94 -0.79
CA GLN C 436 -4.63 -9.07 0.45
C GLN C 436 -3.67 -9.61 1.55
N TRP C 437 -2.86 -10.58 1.17
CA TRP C 437 -1.94 -11.13 2.13
C TRP C 437 -0.93 -10.12 2.59
N GLN C 438 -0.35 -9.42 1.64
CA GLN C 438 0.63 -8.41 1.94
C GLN C 438 0.16 -7.18 2.68
N ASN C 439 -0.99 -6.67 2.29
CA ASN C 439 -1.54 -5.47 2.87
C ASN C 439 -2.45 -5.62 4.07
N LYS C 440 -3.05 -6.77 4.25
CA LYS C 440 -3.98 -6.93 5.34
C LYS C 440 -3.80 -8.07 6.32
N LEU C 441 -3.68 -9.27 5.80
CA LEU C 441 -3.73 -10.47 6.62
C LEU C 441 -2.49 -10.59 7.50
N LEU C 442 -1.33 -10.11 7.02
CA LEU C 442 -0.09 -10.21 7.78
C LEU C 442 -0.15 -9.42 9.05
N THR C 443 -0.89 -8.31 9.04
CA THR C 443 -1.10 -7.52 10.29
C THR C 443 -2.38 -7.84 11.07
N VAL C 444 -3.54 -7.73 10.43
CA VAL C 444 -4.82 -8.05 11.04
C VAL C 444 -4.82 -9.47 11.69
N PHE C 445 -4.29 -10.50 11.01
CA PHE C 445 -4.32 -11.89 11.54
C PHE C 445 -2.97 -12.34 12.09
N ALA C 446 -2.12 -11.39 12.50
CA ALA C 446 -0.77 -11.69 12.95
C ALA C 446 -0.77 -12.70 14.11
N ALA C 447 -1.74 -12.55 15.03
CA ALA C 447 -1.97 -13.48 16.15
C ALA C 447 -2.21 -14.91 15.63
N ASP C 448 -3.10 -15.03 14.65
CA ASP C 448 -3.38 -16.31 14.06
C ASP C 448 -2.19 -16.87 13.31
N ILE C 449 -1.42 -16.03 12.64
CA ILE C 449 -0.17 -16.50 12.03
C ILE C 449 0.85 -16.96 13.10
N ALA C 450 0.96 -16.23 14.20
CA ALA C 450 1.98 -16.54 15.24
C ALA C 450 1.63 -17.83 15.97
N ASN C 451 0.37 -18.08 16.17
CA ASN C 451 -0.08 -19.28 16.85
C ASN C 451 -0.35 -20.45 15.89
N ASN C 452 0.13 -20.38 14.63
CA ASN C 452 -0.06 -21.41 13.59
C ASN C 452 -1.51 -21.75 13.25
N ASP C 453 -2.42 -20.82 13.44
CA ASP C 453 -3.79 -21.00 12.91
C ASP C 453 -3.89 -20.70 11.41
N ILE C 454 -2.88 -19.97 10.93
CA ILE C 454 -2.66 -19.67 9.52
C ILE C 454 -1.19 -19.93 9.24
N VAL C 455 -0.91 -20.67 8.17
CA VAL C 455 0.45 -21.02 7.84
C VAL C 455 0.67 -20.82 6.34
N TRP C 456 1.64 -19.99 6.01
CA TRP C 456 1.99 -19.77 4.63
C TRP C 456 2.56 -21.06 4.05
N LEU C 457 2.08 -21.46 2.88
CA LEU C 457 2.51 -22.71 2.19
C LEU C 457 3.32 -22.47 0.96
N GLY C 458 2.91 -21.53 0.11
CA GLY C 458 3.62 -21.25 -1.14
C GLY C 458 2.84 -20.43 -2.15
N VAL C 459 3.53 -20.04 -3.21
CA VAL C 459 3.02 -19.32 -4.30
C VAL C 459 2.55 -20.35 -5.31
N GLY C 460 1.34 -20.27 -5.84
CA GLY C 460 0.86 -21.24 -6.84
C GLY C 460 1.64 -21.17 -8.13
N ASP C 461 1.74 -22.30 -8.81
CA ASP C 461 2.42 -22.37 -10.10
C ASP C 461 1.62 -21.79 -11.25
N ASP C 462 0.30 -21.98 -11.17
CA ASP C 462 -0.62 -21.57 -12.22
C ASP C 462 -0.73 -20.04 -12.26
N GLN C 463 -0.68 -19.50 -13.48
CA GLN C 463 -0.93 -18.08 -13.75
C GLN C 463 -2.40 -17.86 -13.87
N TYR C 464 -2.90 -16.81 -13.20
CA TYR C 464 -4.27 -16.38 -13.26
C TYR C 464 -4.42 -14.97 -13.81
N GLN C 465 -5.55 -14.72 -14.48
CA GLN C 465 -5.93 -13.41 -15.00
C GLN C 465 -7.09 -12.89 -14.14
N ALA C 466 -6.90 -11.71 -13.56
CA ALA C 466 -7.97 -10.95 -12.95
C ALA C 466 -9.06 -10.59 -13.96
N GLN C 467 -10.28 -10.98 -13.60
CA GLN C 467 -11.44 -10.64 -14.36
C GLN C 467 -11.87 -9.25 -13.96
N GLN C 468 -12.93 -8.77 -14.58
CA GLN C 468 -13.42 -7.39 -14.39
C GLN C 468 -13.74 -7.03 -12.97
N SER C 469 -14.18 -8.01 -12.17
CA SER C 469 -14.43 -7.82 -10.71
C SER C 469 -13.16 -7.73 -9.82
N ILE C 470 -11.99 -7.87 -10.44
CA ILE C 470 -10.68 -7.70 -9.84
C ILE C 470 -10.27 -8.88 -8.96
N ARG C 471 -11.18 -9.35 -8.14
CA ARG C 471 -10.91 -10.35 -7.17
C ARG C 471 -11.22 -11.78 -7.69
N THR C 472 -11.87 -11.88 -8.83
CA THR C 472 -12.16 -13.16 -9.44
C THR C 472 -11.08 -13.44 -10.50
N PHE C 473 -10.61 -14.67 -10.54
CA PHE C 473 -9.47 -15.12 -11.32
C PHE C 473 -9.76 -16.31 -12.24
N PHE C 474 -9.41 -16.14 -13.52
CA PHE C 474 -9.45 -17.21 -14.54
C PHE C 474 -8.08 -17.86 -14.64
N ASN C 475 -8.03 -19.21 -14.61
CA ASN C 475 -6.77 -19.95 -14.70
C ASN C 475 -6.23 -19.92 -16.17
N ARG C 476 -5.27 -19.04 -16.43
CA ARG C 476 -4.59 -18.93 -17.73
C ARG C 476 -3.72 -20.18 -18.04
N SER C 477 -2.96 -20.65 -17.06
CA SER C 477 -2.11 -21.87 -17.23
C SER C 477 -2.92 -23.15 -17.57
N HIS C 478 -4.08 -23.33 -16.89
CA HIS C 478 -5.03 -24.39 -17.16
C HIS C 478 -6.45 -23.90 -17.38
N PRO C 479 -6.80 -23.53 -18.63
CA PRO C 479 -8.07 -22.84 -18.87
C PRO C 479 -9.32 -23.66 -18.78
N ASN C 480 -9.17 -24.94 -18.45
CA ASN C 480 -10.34 -25.79 -18.14
C ASN C 480 -10.65 -25.86 -16.65
N LYS C 481 -9.73 -25.37 -15.80
CA LYS C 481 -9.88 -25.42 -14.36
C LYS C 481 -10.75 -24.32 -13.83
N ARG C 482 -11.02 -24.37 -12.53
CA ARG C 482 -12.05 -23.54 -11.97
C ARG C 482 -11.61 -22.08 -11.80
N TYR C 483 -12.58 -21.17 -11.86
CA TYR C 483 -12.35 -19.78 -11.42
C TYR C 483 -12.14 -19.82 -9.97
N VAL C 484 -11.32 -18.91 -9.45
CA VAL C 484 -11.11 -18.79 -8.01
C VAL C 484 -11.48 -17.36 -7.68
N LYS C 485 -12.33 -17.18 -6.68
CA LYS C 485 -12.74 -15.86 -6.20
C LYS C 485 -12.13 -15.61 -4.84
N THR C 486 -11.39 -14.52 -4.66
CA THR C 486 -10.68 -14.21 -3.40
C THR C 486 -11.24 -12.99 -2.65
N ALA C 487 -10.91 -12.88 -1.37
CA ALA C 487 -11.25 -11.68 -0.59
C ALA C 487 -10.18 -10.60 -0.88
N LEU C 488 -10.64 -9.40 -1.23
CA LEU C 488 -9.73 -8.31 -1.55
C LEU C 488 -10.31 -7.05 -0.95
N SER C 489 -9.59 -6.40 -0.06
CA SER C 489 -10.15 -5.26 0.63
C SER C 489 -9.83 -4.01 -0.13
N VAL C 490 -10.20 -3.93 -1.41
CA VAL C 490 -9.98 -2.69 -2.15
C VAL C 490 -11.32 -2.07 -2.49
N LEU C 491 -11.44 -0.79 -2.08
CA LEU C 491 -12.62 0.04 -2.29
C LEU C 491 -12.75 0.33 -3.80
N ASN C 492 -13.68 -0.38 -4.43
CA ASN C 492 -14.02 -0.10 -5.81
C ASN C 492 -15.51 0.25 -5.74
N MET C 493 -15.86 1.37 -6.36
CA MET C 493 -17.18 1.96 -6.31
C MET C 493 -18.25 1.81 -5.27
N GLY C 494 -18.02 2.26 -4.05
CA GLY C 494 -19.03 2.08 -3.05
C GLY C 494 -18.85 0.97 -2.04
N PHE C 495 -18.28 -0.14 -2.46
CA PHE C 495 -18.18 -1.26 -1.54
C PHE C 495 -16.82 -1.98 -1.48
N MET C 496 -16.53 -2.59 -0.34
CA MET C 496 -15.31 -3.37 -0.14
C MET C 496 -15.47 -4.76 -0.73
N ARG C 497 -14.43 -5.28 -1.36
CA ARG C 497 -14.48 -6.58 -2.04
C ARG C 497 -14.15 -7.84 -1.24
N GLY C 498 -14.45 -7.78 0.04
CA GLY C 498 -14.26 -8.93 0.94
C GLY C 498 -15.24 -10.07 0.63
N LEU C 499 -14.93 -11.26 1.16
CA LEU C 499 -15.80 -12.45 1.07
C LEU C 499 -16.20 -12.93 2.47
N SER C 500 -17.51 -13.12 2.68
CA SER C 500 -18.10 -13.28 4.01
C SER C 500 -18.24 -14.76 4.48
N PRO C 501 -17.59 -15.17 5.62
CA PRO C 501 -17.68 -16.56 6.18
C PRO C 501 -19.06 -17.16 6.51
N TYR C 502 -19.99 -16.35 7.00
CA TYR C 502 -21.33 -16.87 7.30
C TYR C 502 -22.09 -17.17 5.98
N TYR C 503 -21.97 -16.24 5.03
CA TYR C 503 -22.47 -16.40 3.66
C TYR C 503 -21.79 -17.51 2.86
N MET C 504 -20.48 -17.67 3.05
CA MET C 504 -19.70 -18.80 2.46
C MET C 504 -20.22 -20.17 2.92
N ALA C 505 -20.68 -20.26 4.15
CA ALA C 505 -21.06 -21.56 4.69
C ALA C 505 -22.23 -22.16 3.93
N THR C 506 -23.15 -21.32 3.45
CA THR C 506 -24.36 -21.74 2.75
C THR C 506 -24.42 -21.39 1.23
N THR C 507 -23.29 -20.92 0.67
CA THR C 507 -23.23 -20.50 -0.71
C THR C 507 -23.33 -21.74 -1.63
N PRO C 508 -22.51 -22.78 -1.38
CA PRO C 508 -22.60 -23.94 -2.27
C PRO C 508 -23.94 -24.64 -2.26
N ALA C 509 -24.59 -24.73 -1.09
CA ALA C 509 -25.97 -25.26 -1.00
C ALA C 509 -27.00 -24.40 -1.73
N ILE C 510 -26.91 -23.07 -1.61
CA ILE C 510 -27.75 -22.17 -2.43
C ILE C 510 -27.55 -22.40 -3.96
N ASN C 511 -26.32 -22.62 -4.38
CA ASN C 511 -26.01 -22.82 -5.80
C ASN C 511 -26.59 -24.16 -6.26
N GLU C 512 -26.50 -25.16 -5.39
CA GLU C 512 -27.05 -26.49 -5.66
C GLU C 512 -28.57 -26.46 -5.77
N TRP C 513 -29.19 -25.71 -4.88
CA TRP C 513 -30.61 -25.50 -4.91
C TRP C 513 -30.93 -24.87 -6.24
N LEU C 514 -30.18 -23.81 -6.63
CA LEU C 514 -30.53 -23.00 -7.82
C LEU C 514 -30.33 -23.83 -9.08
N GLN C 515 -29.28 -24.61 -9.09
CA GLN C 515 -29.01 -25.48 -10.22
C GLN C 515 -30.16 -26.54 -10.39
N ASP C 516 -30.65 -27.08 -9.26
CA ASP C 516 -31.77 -28.01 -9.30
C ASP C 516 -33.04 -27.36 -9.89
N LEU C 517 -33.30 -26.13 -9.49
CA LEU C 517 -34.44 -25.38 -10.01
C LEU C 517 -34.37 -25.11 -11.52
N VAL C 518 -33.21 -24.63 -12.00
CA VAL C 518 -32.97 -24.38 -13.43
C VAL C 518 -32.99 -25.69 -14.24
N ALA C 519 -32.39 -26.76 -13.72
CA ALA C 519 -32.50 -28.07 -14.39
C ALA C 519 -33.94 -28.60 -14.52
N GLY C 520 -34.79 -28.37 -13.52
CA GLY C 520 -36.18 -28.83 -13.57
C GLY C 520 -37.14 -27.91 -14.32
N ASP C 521 -36.68 -26.80 -14.90
CA ASP C 521 -37.61 -25.82 -15.44
C ASP C 521 -37.54 -25.79 -16.93
N GLU C 522 -38.68 -26.06 -17.56
CA GLU C 522 -38.77 -26.15 -19.02
C GLU C 522 -38.60 -24.85 -19.71
N TRP C 523 -39.05 -23.75 -19.12
CA TRP C 523 -38.82 -22.49 -19.80
C TRP C 523 -37.28 -22.09 -19.79
N LEU C 524 -36.61 -22.40 -18.71
CA LEU C 524 -35.20 -22.08 -18.59
C LEU C 524 -34.35 -22.97 -19.48
N GLN C 525 -34.74 -24.26 -19.60
CA GLN C 525 -34.00 -25.22 -20.46
C GLN C 525 -34.20 -24.82 -21.90
N ARG C 526 -35.38 -24.31 -22.20
CA ARG C 526 -35.70 -23.84 -23.53
C ARG C 526 -34.93 -22.58 -23.91
N CYS C 527 -34.74 -21.67 -22.95
CA CYS C 527 -33.89 -20.48 -23.13
C CYS C 527 -32.38 -20.81 -23.09
N ASP C 528 -32.01 -22.05 -22.71
CA ASP C 528 -30.63 -22.48 -22.46
C ASP C 528 -29.88 -21.53 -21.49
N PHE C 529 -30.61 -21.14 -20.44
CA PHE C 529 -30.07 -20.37 -19.34
C PHE C 529 -29.25 -21.25 -18.41
N ARG C 530 -27.97 -20.91 -18.22
CA ARG C 530 -27.06 -21.77 -17.47
C ARG C 530 -26.50 -21.04 -16.27
N ILE C 531 -26.21 -21.79 -15.22
CA ILE C 531 -25.65 -21.25 -14.00
C ILE C 531 -24.22 -21.68 -13.91
N LEU C 532 -23.31 -20.74 -13.66
CA LEU C 532 -21.95 -21.02 -13.16
C LEU C 532 -21.99 -21.03 -11.66
N ARG C 533 -21.87 -22.22 -11.09
CA ARG C 533 -22.06 -22.42 -9.68
C ARG C 533 -20.77 -22.11 -8.95
N GLU C 534 -20.92 -21.49 -7.81
CA GLU C 534 -19.92 -21.53 -6.76
C GLU C 534 -20.02 -22.92 -6.11
N VAL C 535 -19.06 -23.76 -6.42
CA VAL C 535 -19.12 -25.18 -6.07
C VAL C 535 -18.49 -25.47 -4.73
N ALA C 536 -17.60 -24.60 -4.26
CA ALA C 536 -16.95 -24.81 -2.96
C ALA C 536 -16.47 -23.48 -2.39
N ALA C 537 -16.25 -23.45 -1.08
CA ALA C 537 -15.77 -22.29 -0.39
C ALA C 537 -15.02 -22.68 0.85
N VAL C 538 -14.02 -21.86 1.23
CA VAL C 538 -13.42 -21.87 2.56
C VAL C 538 -13.62 -20.53 3.22
N GLY C 539 -14.34 -20.48 4.33
CA GLY C 539 -14.48 -19.23 5.16
C GLY C 539 -13.56 -19.28 6.38
N TYR C 540 -12.87 -18.14 6.69
CA TYR C 540 -12.09 -17.98 7.94
C TYR C 540 -12.73 -16.97 8.92
N HIS C 541 -13.01 -17.41 10.15
CA HIS C 541 -13.63 -16.54 11.16
C HIS C 541 -12.56 -15.71 11.89
N ASN C 542 -12.71 -14.39 11.81
CA ASN C 542 -11.84 -13.47 12.48
C ASN C 542 -12.39 -13.30 13.90
N ARG C 543 -11.90 -14.16 14.81
CA ARG C 543 -12.51 -14.25 16.15
C ARG C 543 -12.44 -12.95 16.96
N HIS C 544 -11.32 -12.23 16.89
CA HIS C 544 -11.23 -10.94 17.63
C HIS C 544 -12.29 -9.93 17.21
N TYR C 545 -12.49 -9.82 15.89
CA TYR C 545 -13.42 -8.81 15.35
C TYR C 545 -14.88 -9.25 15.37
N GLU C 546 -15.17 -10.55 15.40
CA GLU C 546 -16.57 -11.03 15.59
C GLU C 546 -17.08 -10.76 16.99
N LYS C 547 -16.27 -10.93 18.02
CA LYS C 547 -16.65 -10.52 19.39
C LYS C 547 -16.86 -9.01 19.58
N ALA C 548 -16.13 -8.19 18.82
CA ALA C 548 -15.94 -6.81 19.16
C ALA C 548 -16.82 -5.87 18.34
N ILE C 549 -17.00 -6.19 17.05
CA ILE C 549 -17.75 -5.32 16.14
C ILE C 549 -19.11 -6.01 16.01
N LYS C 550 -20.08 -5.51 16.76
CA LYS C 550 -21.50 -5.79 16.55
C LYS C 550 -21.87 -5.27 15.14
N GLY C 551 -22.52 -6.12 14.32
CA GLY C 551 -22.96 -5.72 12.97
C GLY C 551 -21.96 -5.97 11.85
N ASP C 552 -22.24 -5.37 10.71
CA ASP C 552 -21.50 -5.67 9.50
C ASP C 552 -20.17 -4.94 9.51
N SER C 553 -19.12 -5.60 9.01
CA SER C 553 -17.77 -5.04 9.04
C SER C 553 -16.91 -5.66 7.95
N ALA C 554 -16.15 -4.81 7.26
CA ALA C 554 -15.14 -5.27 6.30
C ALA C 554 -14.15 -6.20 6.99
N TYR C 555 -13.88 -5.97 8.29
CA TYR C 555 -12.95 -6.81 9.07
C TYR C 555 -13.42 -8.26 9.29
N LYS C 556 -14.73 -8.49 9.18
CA LYS C 556 -15.25 -9.86 9.19
C LYS C 556 -15.16 -10.60 7.82
N LYS C 557 -14.85 -9.86 6.74
CA LYS C 557 -14.90 -10.38 5.37
C LYS C 557 -13.53 -10.35 4.67
N MET C 558 -12.46 -10.37 5.44
CA MET C 558 -11.13 -10.15 4.83
C MET C 558 -10.45 -11.43 4.35
N PHE C 559 -11.01 -12.58 4.72
CA PHE C 559 -10.31 -13.81 4.62
C PHE C 559 -11.22 -14.95 4.32
N ALA C 560 -11.40 -15.17 3.01
CA ALA C 560 -12.24 -16.25 2.46
C ALA C 560 -11.98 -16.43 0.96
N ALA C 561 -12.39 -17.58 0.40
CA ALA C 561 -12.24 -17.86 -1.01
C ALA C 561 -13.32 -18.82 -1.48
N LEU C 562 -13.72 -18.75 -2.74
CA LEU C 562 -14.56 -19.79 -3.31
C LEU C 562 -14.10 -20.14 -4.70
N TRP C 563 -14.63 -21.27 -5.18
CA TRP C 563 -14.31 -21.77 -6.51
C TRP C 563 -15.56 -21.87 -7.31
N ARG C 564 -15.46 -21.56 -8.61
CA ARG C 564 -16.61 -21.47 -9.51
C ARG C 564 -16.41 -22.27 -10.78
N ASP C 565 -17.50 -22.85 -11.32
CA ASP C 565 -17.53 -23.49 -12.64
C ASP C 565 -16.97 -22.52 -13.67
N ASN C 566 -16.24 -23.08 -14.62
CA ASN C 566 -15.62 -22.36 -15.70
C ASN C 566 -16.25 -22.85 -17.01
N PRO C 567 -16.89 -21.96 -17.79
CA PRO C 567 -17.56 -22.40 -19.01
C PRO C 567 -16.65 -22.83 -20.16
N VAL C 568 -15.35 -22.48 -20.12
CA VAL C 568 -14.42 -22.88 -21.17
C VAL C 568 -14.32 -24.40 -21.21
N ALA C 569 -14.52 -25.05 -20.08
CA ALA C 569 -14.36 -26.51 -20.02
C ALA C 569 -15.32 -27.23 -20.95
N GLU C 570 -16.54 -26.74 -21.02
CA GLU C 570 -17.58 -27.33 -21.87
C GLU C 570 -17.76 -26.66 -23.25
N LEU C 571 -16.90 -25.73 -23.67
CA LEU C 571 -17.04 -25.13 -25.01
C LEU C 571 -16.96 -26.13 -26.14
N LYS C 572 -17.78 -25.95 -27.17
CA LYS C 572 -17.70 -26.73 -28.38
C LYS C 572 -16.99 -25.91 -29.44
N PRO C 573 -16.44 -26.55 -30.49
CA PRO C 573 -15.85 -25.84 -31.62
C PRO C 573 -16.85 -24.90 -32.30
N GLY C 574 -16.38 -23.75 -32.79
CA GLY C 574 -17.24 -22.74 -33.34
C GLY C 574 -17.97 -21.85 -32.31
N GLN C 575 -17.87 -22.17 -31.02
CA GLN C 575 -18.52 -21.42 -29.95
C GLN C 575 -17.56 -20.46 -29.28
N ARG C 576 -18.02 -19.29 -28.85
CA ARG C 576 -17.16 -18.38 -28.07
C ARG C 576 -17.88 -17.84 -26.85
N LEU C 577 -17.11 -17.30 -25.93
CA LEU C 577 -17.59 -16.74 -24.70
C LEU C 577 -17.20 -15.26 -24.69
N MET C 578 -18.15 -14.40 -24.33
CA MET C 578 -17.90 -12.97 -24.16
C MET C 578 -18.65 -12.45 -22.94
N THR C 579 -17.93 -11.69 -22.10
CA THR C 579 -18.61 -10.94 -21.04
C THR C 579 -19.72 -10.10 -21.68
N MET C 580 -20.88 -9.99 -21.03
CA MET C 580 -21.97 -9.14 -21.59
C MET C 580 -21.59 -7.67 -21.62
N ALA C 581 -20.62 -7.27 -20.80
CA ALA C 581 -20.08 -5.89 -20.87
C ALA C 581 -19.55 -5.55 -22.30
N SER C 582 -19.12 -6.57 -23.04
CA SER C 582 -18.64 -6.37 -24.40
C SER C 582 -19.74 -5.87 -25.36
N PHE C 583 -21.00 -6.09 -25.05
CA PHE C 583 -22.07 -5.55 -25.89
C PHE C 583 -22.24 -4.02 -25.77
N LEU C 584 -21.78 -3.48 -24.63
CA LEU C 584 -21.73 -2.05 -24.38
C LEU C 584 -20.38 -1.41 -24.83
N HIS C 585 -19.49 -2.15 -25.46
CA HIS C 585 -18.14 -1.68 -25.61
C HIS C 585 -17.99 -0.84 -26.86
N VAL C 586 -17.29 0.26 -26.70
CA VAL C 586 -16.98 1.17 -27.81
C VAL C 586 -15.45 1.35 -27.75
N ASP C 587 -14.78 1.14 -28.87
CA ASP C 587 -13.35 1.21 -28.95
C ASP C 587 -12.84 2.65 -29.05
N HIS C 588 -11.52 2.78 -29.05
CA HIS C 588 -10.84 4.07 -29.11
C HIS C 588 -10.95 4.82 -30.49
N HIS C 589 -11.53 4.18 -31.51
CA HIS C 589 -11.91 4.85 -32.78
C HIS C 589 -13.39 5.19 -32.80
N GLN C 590 -14.05 5.15 -31.65
CA GLN C 590 -15.51 5.32 -31.53
C GLN C 590 -16.36 4.29 -32.30
N LYS C 591 -15.80 3.12 -32.59
CA LYS C 591 -16.55 2.01 -33.22
C LYS C 591 -17.05 1.00 -32.16
N ALA C 592 -18.37 0.81 -32.07
CA ALA C 592 -18.97 -0.06 -31.08
C ALA C 592 -18.86 -1.51 -31.52
N LEU C 593 -18.56 -2.38 -30.54
CA LEU C 593 -18.36 -3.78 -30.83
C LEU C 593 -19.67 -4.44 -31.28
N LEU C 594 -20.76 -4.13 -30.61
CA LEU C 594 -22.01 -4.85 -30.83
C LEU C 594 -22.43 -4.83 -32.31
N PRO C 595 -22.41 -3.64 -32.98
CA PRO C 595 -22.66 -3.58 -34.41
C PRO C 595 -21.73 -4.45 -35.22
N ALA C 596 -20.49 -4.60 -34.77
CA ALA C 596 -19.49 -5.33 -35.54
C ALA C 596 -19.69 -6.84 -35.45
N LEU C 597 -20.12 -7.33 -34.28
CA LEU C 597 -20.54 -8.72 -34.13
C LEU C 597 -21.78 -9.02 -35.02
N ILE C 598 -22.71 -8.07 -35.03
CA ILE C 598 -23.95 -8.22 -35.79
C ILE C 598 -23.61 -8.35 -37.27
N ALA C 599 -22.73 -7.47 -37.73
CA ALA C 599 -22.32 -7.47 -39.12
C ALA C 599 -21.59 -8.80 -39.48
N ASP C 600 -20.65 -9.20 -38.64
CA ASP C 600 -19.96 -10.46 -38.87
C ASP C 600 -20.91 -11.69 -38.85
N SER C 601 -21.95 -11.68 -38.05
CA SER C 601 -22.85 -12.82 -38.01
C SER C 601 -23.65 -13.03 -39.29
N GLY C 602 -23.87 -11.95 -40.06
CA GLY C 602 -24.71 -12.01 -41.25
C GLY C 602 -26.20 -11.84 -40.96
N LEU C 603 -26.60 -11.84 -39.69
CA LEU C 603 -28.02 -11.71 -39.35
C LEU C 603 -28.52 -10.29 -39.41
N ALA C 604 -29.73 -10.09 -39.87
CA ALA C 604 -30.38 -8.81 -39.68
C ALA C 604 -30.39 -8.49 -38.18
N ALA C 605 -30.21 -7.20 -37.88
CA ALA C 605 -30.06 -6.70 -36.52
C ALA C 605 -31.23 -7.02 -35.67
N GLU C 606 -32.45 -6.83 -36.18
CA GLU C 606 -33.63 -7.06 -35.36
C GLU C 606 -33.71 -8.53 -34.92
N ARG C 607 -33.35 -9.43 -35.84
CA ARG C 607 -33.22 -10.87 -35.56
C ARG C 607 -32.13 -11.20 -34.52
N TRP C 608 -30.99 -10.53 -34.61
CA TRP C 608 -29.91 -10.77 -33.64
C TRP C 608 -30.42 -10.38 -32.27
N VAL C 609 -30.99 -9.19 -32.18
CA VAL C 609 -31.51 -8.65 -30.90
C VAL C 609 -32.56 -9.57 -30.29
N GLU C 610 -33.47 -10.11 -31.13
CA GLU C 610 -34.42 -11.13 -30.67
C GLU C 610 -33.72 -12.33 -30.04
N ARG C 611 -32.64 -12.81 -30.66
CA ARG C 611 -31.87 -13.95 -30.12
C ARG C 611 -31.28 -13.60 -28.75
N TYR C 612 -30.63 -12.45 -28.68
CA TYR C 612 -30.12 -11.91 -27.41
C TYR C 612 -31.18 -11.88 -26.32
N LEU C 613 -32.35 -11.34 -26.66
CA LEU C 613 -33.39 -11.22 -25.64
C LEU C 613 -33.94 -12.57 -25.14
N SER C 614 -33.93 -13.59 -26.01
CA SER C 614 -34.33 -14.97 -25.61
C SER C 614 -33.34 -15.62 -24.70
N CYS C 615 -32.05 -15.30 -24.88
CA CYS C 615 -31.01 -15.80 -23.95
C CYS C 615 -31.01 -15.11 -22.63
N TYR C 616 -31.22 -13.80 -22.65
CA TYR C 616 -31.03 -12.91 -21.51
C TYR C 616 -32.33 -12.43 -20.78
N LEU C 617 -33.20 -11.69 -21.47
CA LEU C 617 -34.46 -11.18 -20.89
C LEU C 617 -35.43 -12.28 -20.50
N SER C 618 -35.74 -13.19 -21.42
CA SER C 618 -36.75 -14.23 -21.20
C SER C 618 -36.54 -15.09 -19.91
N PRO C 619 -35.35 -15.60 -19.66
CA PRO C 619 -35.18 -16.37 -18.42
C PRO C 619 -35.30 -15.56 -17.15
N LEU C 620 -34.91 -14.29 -17.20
CA LEU C 620 -35.05 -13.34 -16.08
C LEU C 620 -36.52 -13.01 -15.76
N LEU C 621 -37.29 -12.70 -16.81
CA LEU C 621 -38.72 -12.59 -16.69
C LEU C 621 -39.34 -13.83 -15.97
N HIS C 622 -38.95 -15.04 -16.39
CA HIS C 622 -39.48 -16.24 -15.81
C HIS C 622 -39.04 -16.47 -14.38
N CYS C 623 -37.78 -16.19 -14.09
CA CYS C 623 -37.31 -16.27 -12.71
C CYS C 623 -38.09 -15.29 -11.83
N PHE C 624 -38.38 -14.11 -12.36
CA PHE C 624 -39.10 -13.04 -11.63
C PHE C 624 -40.56 -13.48 -11.34
N TYR C 625 -41.30 -13.77 -12.41
CA TYR C 625 -42.72 -14.12 -12.33
C TYR C 625 -43.06 -15.47 -11.67
N GLN C 626 -42.37 -16.53 -12.05
CA GLN C 626 -42.71 -17.89 -11.68
C GLN C 626 -42.03 -18.25 -10.41
N HIS C 627 -40.86 -17.69 -10.10
CA HIS C 627 -40.14 -18.13 -8.92
C HIS C 627 -39.88 -17.03 -7.91
N ASP C 628 -40.23 -15.78 -8.25
CA ASP C 628 -39.92 -14.64 -7.40
C ASP C 628 -38.40 -14.46 -7.17
N LEU C 629 -37.63 -14.80 -8.20
CA LEU C 629 -36.19 -14.99 -8.08
C LEU C 629 -35.52 -13.87 -8.84
N VAL C 630 -34.71 -13.08 -8.15
CA VAL C 630 -33.95 -12.05 -8.84
C VAL C 630 -32.46 -12.23 -8.62
N PHE C 631 -31.72 -11.76 -9.64
CA PHE C 631 -30.26 -11.83 -9.71
C PHE C 631 -29.65 -10.43 -9.65
N MET C 632 -28.34 -10.31 -9.90
CA MET C 632 -27.72 -9.01 -10.27
C MET C 632 -27.23 -9.05 -11.72
N PRO C 633 -28.12 -8.77 -12.68
CA PRO C 633 -27.87 -9.17 -14.05
C PRO C 633 -27.13 -8.10 -14.85
N HIS C 634 -26.07 -7.52 -14.29
CA HIS C 634 -25.27 -6.51 -15.05
C HIS C 634 -24.22 -7.15 -15.98
N GLY C 635 -23.46 -6.30 -16.70
CA GLY C 635 -22.46 -6.70 -17.70
C GLY C 635 -21.44 -7.72 -17.19
N GLU C 636 -21.02 -7.58 -15.95
CA GLU C 636 -19.95 -8.40 -15.36
C GLU C 636 -20.42 -9.78 -14.90
N ASN C 637 -21.75 -9.93 -14.64
CA ASN C 637 -22.32 -11.19 -14.15
C ASN C 637 -22.89 -12.08 -15.24
N LEU C 638 -22.97 -11.58 -16.46
CA LEU C 638 -23.44 -12.37 -17.59
C LEU C 638 -22.27 -12.69 -18.53
N ILE C 639 -22.15 -13.95 -18.87
CA ILE C 639 -21.26 -14.38 -19.92
C ILE C 639 -22.13 -15.05 -21.01
N LEU C 640 -22.11 -14.52 -22.24
CA LEU C 640 -22.81 -15.09 -23.36
C LEU C 640 -21.95 -16.09 -24.17
N LEU C 641 -22.62 -17.14 -24.56
CA LEU C 641 -22.09 -18.15 -25.44
C LEU C 641 -22.60 -17.78 -26.79
N LEU C 642 -21.71 -17.62 -27.76
CA LEU C 642 -22.14 -17.32 -29.15
C LEU C 642 -21.68 -18.38 -30.15
N GLU C 643 -22.46 -18.52 -31.23
CA GLU C 643 -22.18 -19.39 -32.38
C GLU C 643 -22.41 -18.51 -33.58
N ASN C 644 -21.45 -18.47 -34.50
CA ASN C 644 -21.47 -17.50 -35.57
C ASN C 644 -21.72 -16.07 -35.08
N ASN C 645 -21.12 -15.73 -33.94
CA ASN C 645 -21.33 -14.41 -33.31
C ASN C 645 -22.81 -14.00 -33.06
N VAL C 646 -23.68 -14.99 -32.84
CA VAL C 646 -25.04 -14.82 -32.38
C VAL C 646 -25.16 -15.51 -31.02
N PRO C 647 -25.70 -14.82 -30.01
CA PRO C 647 -25.92 -15.47 -28.73
C PRO C 647 -26.88 -16.66 -28.79
N VAL C 648 -26.49 -17.76 -28.18
CA VAL C 648 -27.29 -18.96 -28.07
C VAL C 648 -27.59 -19.35 -26.64
N SER C 649 -26.87 -18.79 -25.68
CA SER C 649 -27.08 -19.10 -24.28
C SER C 649 -26.46 -18.04 -23.43
N ALA C 650 -27.01 -17.83 -22.24
CA ALA C 650 -26.50 -16.92 -21.27
C ALA C 650 -26.05 -17.72 -20.03
N TYR C 651 -24.92 -17.36 -19.47
CA TYR C 651 -24.38 -17.94 -18.26
C TYR C 651 -24.51 -16.89 -17.19
N MET C 652 -24.95 -17.27 -16.01
CA MET C 652 -25.08 -16.34 -14.93
C MET C 652 -24.18 -16.79 -13.80
N LYS C 653 -23.44 -15.85 -13.20
CA LYS C 653 -22.55 -16.08 -12.07
C LYS C 653 -22.84 -15.07 -10.96
N ASP C 654 -22.12 -15.15 -9.85
CA ASP C 654 -22.33 -14.35 -8.63
C ASP C 654 -23.71 -14.61 -8.04
N ILE C 655 -23.92 -15.85 -7.61
CA ILE C 655 -25.15 -16.32 -7.03
C ILE C 655 -25.32 -16.23 -5.52
N GLY C 656 -24.35 -16.71 -4.78
CA GLY C 656 -24.44 -16.80 -3.34
C GLY C 656 -24.64 -15.51 -2.59
N GLU C 657 -24.03 -14.49 -3.13
CA GLU C 657 -24.01 -13.18 -2.56
C GLU C 657 -25.06 -12.29 -3.20
N GLU C 658 -25.62 -12.64 -4.34
CA GLU C 658 -26.58 -11.74 -4.98
C GLU C 658 -28.04 -12.18 -5.08
N ILE C 659 -28.33 -13.47 -5.24
CA ILE C 659 -29.72 -13.83 -5.53
C ILE C 659 -30.68 -13.58 -4.36
N ALA C 660 -31.95 -13.47 -4.70
CA ALA C 660 -32.97 -13.45 -3.65
C ALA C 660 -34.30 -13.95 -4.15
N VAL C 661 -35.10 -14.51 -3.25
CA VAL C 661 -36.43 -15.00 -3.58
C VAL C 661 -37.35 -14.02 -2.87
N MET C 662 -38.16 -13.29 -3.60
CA MET C 662 -39.00 -12.30 -3.00
C MET C 662 -40.35 -12.83 -2.46
N ASN C 663 -40.28 -13.68 -1.46
CA ASN C 663 -41.42 -14.28 -0.83
C ASN C 663 -40.97 -14.73 0.53
N PRO C 664 -41.41 -14.04 1.59
CA PRO C 664 -41.05 -14.32 2.97
C PRO C 664 -41.46 -15.69 3.36
N ASP C 665 -42.53 -16.19 2.78
CA ASP C 665 -43.06 -17.57 3.07
C ASP C 665 -42.66 -18.66 2.07
N ALA C 666 -41.45 -18.56 1.51
CA ALA C 666 -40.96 -19.52 0.50
C ALA C 666 -40.57 -20.81 1.19
N VAL C 667 -40.86 -21.92 0.57
CA VAL C 667 -40.45 -23.14 1.18
C VAL C 667 -39.14 -23.45 0.52
N LEU C 668 -38.10 -23.42 1.31
CA LEU C 668 -36.75 -23.68 0.85
C LEU C 668 -36.07 -24.52 1.87
N PRO C 669 -35.01 -25.20 1.49
CA PRO C 669 -34.24 -26.01 2.42
C PRO C 669 -33.58 -25.16 3.48
N GLU C 670 -33.27 -25.77 4.60
CA GLU C 670 -32.74 -25.04 5.74
C GLU C 670 -31.47 -24.26 5.45
N LYS C 671 -30.52 -24.84 4.76
CA LYS C 671 -29.31 -24.09 4.40
C LYS C 671 -29.55 -22.90 3.42
N VAL C 672 -30.67 -22.91 2.72
CA VAL C 672 -31.06 -21.91 1.70
C VAL C 672 -32.00 -20.79 2.23
N GLN C 673 -32.41 -20.86 3.50
CA GLN C 673 -33.52 -20.03 4.04
C GLN C 673 -33.28 -18.52 3.97
N ARG C 674 -32.02 -18.10 4.09
CA ARG C 674 -31.70 -16.67 4.03
C ARG C 674 -32.10 -15.99 2.70
N LEU C 675 -32.24 -16.75 1.61
CA LEU C 675 -32.75 -16.13 0.36
C LEU C 675 -34.12 -15.53 0.46
N ALA C 676 -34.94 -15.99 1.41
CA ALA C 676 -36.31 -15.49 1.58
C ALA C 676 -36.30 -14.06 2.15
N VAL C 677 -36.79 -13.08 1.40
CA VAL C 677 -36.73 -11.70 1.84
C VAL C 677 -38.06 -11.01 1.65
N ASP C 678 -38.14 -9.84 2.28
CA ASP C 678 -39.32 -9.07 2.36
C ASP C 678 -39.06 -7.76 1.67
N VAL C 679 -39.50 -7.65 0.42
CA VAL C 679 -39.29 -6.44 -0.38
C VAL C 679 -40.60 -5.68 -0.59
N PRO C 680 -40.58 -4.35 -0.46
CA PRO C 680 -41.85 -3.62 -0.62
C PRO C 680 -42.34 -3.70 -2.02
N GLU C 681 -43.66 -3.64 -2.18
CA GLU C 681 -44.35 -3.99 -3.42
C GLU C 681 -43.95 -3.11 -4.56
N ASN C 682 -44.03 -1.80 -4.33
CA ASN C 682 -43.39 -0.84 -5.25
C ASN C 682 -41.91 -1.24 -5.30
N LEU C 683 -41.25 -0.96 -6.39
CA LEU C 683 -39.86 -1.43 -6.50
C LEU C 683 -39.47 -2.96 -6.55
N LYS C 684 -40.37 -3.92 -6.28
CA LYS C 684 -40.10 -5.31 -6.71
C LYS C 684 -39.74 -5.38 -8.22
N LEU C 685 -40.41 -4.58 -9.04
CA LEU C 685 -40.29 -4.68 -10.46
C LEU C 685 -39.10 -3.89 -10.98
N LEU C 686 -38.41 -3.17 -10.09
CA LEU C 686 -37.24 -2.43 -10.49
C LEU C 686 -36.05 -3.39 -10.70
N SER C 687 -36.13 -4.62 -10.17
CA SER C 687 -35.21 -5.68 -10.61
C SER C 687 -35.13 -5.81 -12.12
N VAL C 688 -36.23 -5.56 -12.84
CA VAL C 688 -36.23 -5.55 -14.30
C VAL C 688 -36.04 -4.13 -14.88
N PHE C 689 -36.86 -3.19 -14.41
CA PHE C 689 -36.90 -1.85 -15.02
C PHE C 689 -35.58 -1.11 -14.71
N THR C 690 -35.08 -1.21 -13.50
CA THR C 690 -33.82 -0.52 -13.17
C THR C 690 -32.62 -1.40 -13.65
N ASP C 691 -32.48 -2.61 -13.13
CA ASP C 691 -31.28 -3.40 -13.37
C ASP C 691 -31.16 -3.84 -14.83
N VAL C 692 -32.26 -4.14 -15.51
CA VAL C 692 -32.19 -4.51 -16.90
C VAL C 692 -32.46 -3.35 -17.81
N PHE C 693 -33.62 -2.72 -17.73
CA PHE C 693 -33.94 -1.64 -18.73
C PHE C 693 -32.99 -0.40 -18.66
N ASP C 694 -32.86 0.19 -17.49
CA ASP C 694 -32.20 1.46 -17.37
C ASP C 694 -30.68 1.31 -17.28
N CYS C 695 -30.20 0.23 -16.66
CA CYS C 695 -28.77 0.00 -16.44
C CYS C 695 -28.02 -0.74 -17.59
N ILE C 696 -28.74 -1.34 -18.55
CA ILE C 696 -28.16 -2.12 -19.66
C ILE C 696 -28.78 -1.83 -21.00
N PHE C 697 -30.11 -2.05 -21.14
CA PHE C 697 -30.78 -1.86 -22.42
C PHE C 697 -30.67 -0.40 -22.89
N ARG C 698 -30.74 0.52 -21.95
CA ARG C 698 -30.57 1.93 -22.30
C ARG C 698 -29.34 2.19 -23.12
N PHE C 699 -28.24 1.52 -22.77
CA PHE C 699 -26.96 1.70 -23.47
C PHE C 699 -26.92 0.94 -24.79
N ILE C 700 -27.44 -0.29 -24.76
CA ILE C 700 -27.50 -1.12 -25.97
C ILE C 700 -28.36 -0.47 -27.04
N SER C 701 -29.56 -0.04 -26.67
CA SER C 701 -30.49 0.69 -27.57
C SER C 701 -29.78 1.86 -28.18
N ALA C 702 -29.13 2.66 -27.31
CA ALA C 702 -28.42 3.89 -27.79
C ALA C 702 -27.27 3.61 -28.75
N ILE C 703 -26.45 2.60 -28.45
CA ILE C 703 -25.40 2.19 -29.37
C ILE C 703 -25.99 1.75 -30.71
N LEU C 704 -27.01 0.89 -30.66
CA LEU C 704 -27.67 0.40 -31.89
C LEU C 704 -28.32 1.54 -32.67
N HIS C 705 -28.93 2.47 -31.96
CA HIS C 705 -29.56 3.63 -32.61
C HIS C 705 -28.55 4.53 -33.30
N GLN C 706 -27.53 4.95 -32.58
CA GLN C 706 -26.55 5.94 -33.08
C GLN C 706 -25.63 5.41 -34.16
N SER C 707 -25.42 4.11 -34.19
CA SER C 707 -24.52 3.54 -35.18
C SER C 707 -25.26 3.24 -36.47
N ALA C 708 -26.55 3.63 -36.56
CA ALA C 708 -27.49 3.24 -37.65
C ALA C 708 -27.53 1.73 -37.89
N THR C 709 -27.52 0.98 -36.79
CA THR C 709 -27.64 -0.49 -36.87
C THR C 709 -29.10 -0.95 -36.66
N LEU C 710 -29.79 -0.33 -35.71
CA LEU C 710 -31.18 -0.58 -35.47
C LEU C 710 -31.80 0.60 -34.73
N PRO C 711 -32.84 1.23 -35.32
CA PRO C 711 -33.49 2.30 -34.60
C PRO C 711 -34.04 1.87 -33.26
N GLU C 712 -34.08 2.77 -32.30
CA GLU C 712 -34.49 2.45 -30.96
C GLU C 712 -35.94 1.97 -30.89
N GLU C 713 -36.76 2.48 -31.81
CA GLU C 713 -38.17 2.10 -31.89
C GLU C 713 -38.25 0.59 -32.10
N GLN C 714 -37.52 0.10 -33.10
CA GLN C 714 -37.38 -1.35 -33.37
C GLN C 714 -36.77 -2.14 -32.21
N PHE C 715 -35.72 -1.59 -31.59
CA PHE C 715 -35.10 -2.26 -30.45
C PHE C 715 -36.16 -2.50 -29.39
N TRP C 716 -36.88 -1.43 -29.01
CA TRP C 716 -37.91 -1.55 -27.91
C TRP C 716 -39.20 -2.27 -28.32
N GLN C 717 -39.47 -2.29 -29.61
CA GLN C 717 -40.47 -3.25 -30.13
C GLN C 717 -40.07 -4.70 -29.89
N ALA C 718 -38.79 -5.04 -30.09
CA ALA C 718 -38.35 -6.42 -29.81
C ALA C 718 -38.45 -6.77 -28.35
N VAL C 719 -38.22 -5.80 -27.47
CA VAL C 719 -38.26 -6.06 -26.04
C VAL C 719 -39.69 -6.39 -25.65
N ALA C 720 -40.58 -5.54 -26.17
CA ALA C 720 -42.03 -5.71 -26.02
C ALA C 720 -42.53 -7.08 -26.50
N ARG C 721 -42.12 -7.53 -27.68
CA ARG C 721 -42.47 -8.89 -28.15
C ARG C 721 -41.95 -10.02 -27.26
N CYS C 722 -40.70 -9.91 -26.78
CA CYS C 722 -40.14 -10.89 -25.86
C CYS C 722 -41.01 -10.93 -24.59
N VAL C 723 -41.44 -9.76 -24.12
CA VAL C 723 -42.35 -9.71 -22.97
C VAL C 723 -43.70 -10.40 -23.29
N LYS C 724 -44.35 -9.99 -24.37
CA LYS C 724 -45.68 -10.55 -24.79
C LYS C 724 -45.64 -12.04 -25.08
N GLU C 725 -44.55 -12.52 -25.71
CA GLU C 725 -44.34 -13.96 -25.85
C GLU C 725 -44.24 -14.70 -24.54
N TYR C 726 -43.52 -14.16 -23.57
CA TYR C 726 -43.40 -14.82 -22.28
C TYR C 726 -44.78 -14.95 -21.60
N GLN C 727 -45.52 -13.83 -21.65
CA GLN C 727 -46.84 -13.73 -21.03
C GLN C 727 -47.86 -14.69 -21.61
N GLN C 728 -47.98 -14.69 -22.93
CA GLN C 728 -48.89 -15.59 -23.67
C GLN C 728 -48.59 -17.06 -23.38
N ALA C 729 -47.33 -17.44 -23.23
CA ALA C 729 -46.99 -18.83 -22.92
C ALA C 729 -47.22 -19.21 -21.45
N HIS C 730 -47.56 -18.25 -20.57
CA HIS C 730 -47.73 -18.56 -19.11
C HIS C 730 -49.04 -17.95 -18.56
N PRO C 731 -50.20 -18.40 -19.10
CA PRO C 731 -51.50 -17.80 -18.75
C PRO C 731 -51.82 -17.93 -17.26
N HIS C 732 -51.33 -18.98 -16.60
CA HIS C 732 -51.53 -19.07 -15.13
C HIS C 732 -50.99 -17.92 -14.29
N LEU C 733 -50.22 -16.99 -14.89
CA LEU C 733 -49.57 -15.92 -14.11
C LEU C 733 -50.21 -14.61 -14.49
N ALA C 734 -51.37 -14.70 -15.15
CA ALA C 734 -52.09 -13.51 -15.66
C ALA C 734 -52.25 -12.35 -14.67
N SER C 735 -52.44 -12.70 -13.38
CA SER C 735 -52.71 -11.72 -12.33
C SER C 735 -51.41 -11.12 -11.83
N LYS C 736 -50.37 -11.93 -11.78
CA LYS C 736 -49.04 -11.44 -11.44
C LYS C 736 -48.63 -10.46 -12.52
N PHE C 737 -48.96 -10.74 -13.77
CA PHE C 737 -48.62 -9.80 -14.81
C PHE C 737 -49.33 -8.48 -14.58
N SER C 738 -50.60 -8.55 -14.21
CA SER C 738 -51.40 -7.38 -13.94
C SER C 738 -50.90 -6.62 -12.72
N ARG C 739 -50.50 -7.34 -11.69
CA ARG C 739 -49.97 -6.74 -10.48
C ARG C 739 -48.62 -6.03 -10.65
N TYR C 740 -47.71 -6.65 -11.40
CA TYR C 740 -46.36 -6.14 -11.70
C TYR C 740 -46.31 -5.85 -13.17
N ASP C 741 -46.82 -4.69 -13.55
CA ASP C 741 -47.14 -4.41 -14.93
C ASP C 741 -45.89 -3.95 -15.71
N MET C 742 -45.34 -4.84 -16.53
CA MET C 742 -44.21 -4.55 -17.43
C MET C 742 -44.54 -3.51 -18.49
N PHE C 743 -45.84 -3.28 -18.71
CA PHE C 743 -46.25 -2.25 -19.68
C PHE C 743 -46.74 -0.92 -19.03
N ALA C 744 -46.53 -0.75 -17.71
CA ALA C 744 -46.84 0.52 -17.06
C ALA C 744 -46.35 1.68 -17.91
N PRO C 745 -47.16 2.75 -18.05
CA PRO C 745 -46.70 3.98 -18.77
C PRO C 745 -45.33 4.55 -18.29
N GLU C 746 -45.02 4.44 -16.98
CA GLU C 746 -43.81 4.99 -16.36
C GLU C 746 -43.40 4.17 -15.16
N PHE C 747 -42.12 4.28 -14.76
CA PHE C 747 -41.61 3.60 -13.56
C PHE C 747 -40.58 4.46 -12.81
N THR C 748 -40.32 4.08 -11.57
CA THR C 748 -39.42 4.82 -10.69
C THR C 748 -38.00 4.99 -11.28
N ARG C 749 -37.50 6.24 -11.28
CA ARG C 749 -36.15 6.55 -11.76
C ARG C 749 -35.21 6.32 -10.62
N SER C 750 -34.70 5.10 -10.49
CA SER C 750 -33.73 4.77 -9.45
C SER C 750 -32.31 5.25 -9.90
N CYS C 751 -31.66 6.09 -9.08
CA CYS C 751 -30.42 6.79 -9.44
C CYS C 751 -29.12 6.17 -8.85
N LEU C 752 -28.25 5.65 -9.73
CA LEU C 752 -27.07 4.91 -9.22
C LEU C 752 -25.96 5.83 -8.72
N ASN C 753 -25.61 6.86 -9.48
CA ASN C 753 -24.66 7.86 -8.98
C ASN C 753 -25.06 8.48 -7.65
N ARG C 754 -26.36 8.80 -7.46
CA ARG C 754 -26.81 9.33 -6.18
C ARG C 754 -26.50 8.38 -5.05
N LEU C 755 -26.56 7.06 -5.27
CA LEU C 755 -26.20 6.09 -4.20
C LEU C 755 -24.75 6.21 -3.82
N GLN C 756 -23.85 6.09 -4.80
CA GLN C 756 -22.41 6.18 -4.53
C GLN C 756 -22.06 7.55 -3.88
N LEU C 757 -22.61 8.63 -4.42
CA LEU C 757 -22.37 9.95 -3.91
C LEU C 757 -22.80 10.09 -2.47
N ALA C 758 -23.77 9.28 -2.07
CA ALA C 758 -24.19 9.20 -0.69
C ALA C 758 -23.17 8.50 0.21
N ASN C 759 -22.51 7.47 -0.32
CA ASN C 759 -21.49 6.67 0.36
C ASN C 759 -21.73 6.38 1.86
N ASN C 772 -32.85 4.02 1.61
CA ASN C 772 -31.44 4.02 1.20
C ASN C 772 -31.19 4.13 -0.30
N LEU C 773 -32.06 3.52 -1.11
CA LEU C 773 -32.20 3.78 -2.56
C LEU C 773 -32.53 5.28 -2.81
N LYS C 774 -32.28 5.80 -4.01
CA LYS C 774 -32.41 7.24 -4.29
C LYS C 774 -33.16 7.51 -5.57
N PHE C 775 -34.31 8.18 -5.48
CA PHE C 775 -35.23 8.30 -6.62
C PHE C 775 -35.26 9.72 -7.14
N ALA C 776 -35.56 9.94 -8.41
CA ALA C 776 -35.85 11.30 -8.93
C ALA C 776 -36.99 11.31 -9.98
N GLY C 777 -38.23 11.27 -9.47
CA GLY C 777 -39.41 11.10 -10.32
C GLY C 777 -39.38 9.76 -11.06
N THR C 778 -39.59 9.82 -12.36
CA THR C 778 -39.92 8.63 -13.12
C THR C 778 -39.34 8.67 -14.53
N LEU C 779 -39.45 7.52 -15.21
CA LEU C 779 -39.00 7.43 -16.56
C LEU C 779 -40.16 6.98 -17.41
N VAL C 780 -40.22 7.51 -18.63
CA VAL C 780 -41.09 6.96 -19.62
C VAL C 780 -40.66 5.52 -19.99
N ASN C 781 -41.54 4.56 -19.73
CA ASN C 781 -41.34 3.16 -20.14
C ASN C 781 -41.49 3.10 -21.65
N PRO C 782 -40.37 2.78 -22.37
CA PRO C 782 -40.40 2.80 -23.84
C PRO C 782 -41.17 1.65 -24.52
N ILE C 783 -41.63 0.63 -23.76
CA ILE C 783 -42.47 -0.48 -24.31
C ILE C 783 -43.98 -0.38 -23.95
N ALA C 784 -44.34 0.70 -23.29
CA ALA C 784 -45.70 0.96 -22.94
C ALA C 784 -46.50 1.05 -24.22
N ARG C 785 -45.94 1.67 -25.25
CA ARG C 785 -46.64 1.83 -26.51
C ARG C 785 -47.01 0.53 -27.16
N TRP C 786 -46.21 -0.50 -26.94
CA TRP C 786 -46.47 -1.75 -27.58
C TRP C 786 -47.23 -2.72 -26.75
N ARG C 787 -48.08 -2.20 -25.89
CA ARG C 787 -48.89 -3.07 -25.09
C ARG C 787 -49.91 -3.74 -25.99
N ALA D 202 5.93 -14.25 3.43
CA ALA D 202 5.77 -15.51 4.27
C ALA D 202 5.46 -15.32 5.81
N GLY D 203 5.61 -14.11 6.35
CA GLY D 203 5.23 -13.79 7.73
C GLY D 203 6.07 -14.53 8.74
N THR D 204 7.32 -14.80 8.36
CA THR D 204 8.17 -15.71 9.12
C THR D 204 8.57 -15.19 10.50
N TRP D 205 8.88 -13.89 10.61
CA TRP D 205 9.33 -13.36 11.92
C TRP D 205 8.29 -13.31 13.05
N LEU D 206 7.01 -13.54 12.74
CA LEU D 206 5.96 -13.68 13.76
C LEU D 206 6.03 -15.05 14.42
N THR D 207 6.82 -15.17 15.46
CA THR D 207 7.03 -16.43 16.15
C THR D 207 6.09 -16.46 17.37
N GLY D 208 5.74 -17.66 17.84
CA GLY D 208 4.83 -17.82 19.01
C GLY D 208 5.33 -17.18 20.31
N ASP D 209 6.62 -17.38 20.65
CA ASP D 209 7.17 -16.79 21.87
C ASP D 209 7.23 -15.27 21.83
N ASN D 210 7.82 -14.73 20.78
CA ASN D 210 7.93 -13.26 20.62
C ASN D 210 6.57 -12.56 20.60
N TRP D 211 5.60 -13.20 19.97
CA TRP D 211 4.26 -12.66 19.91
C TRP D 211 3.65 -12.61 21.29
N ALA D 212 3.87 -13.65 22.06
CA ALA D 212 3.34 -13.69 23.39
C ALA D 212 3.94 -12.61 24.24
N GLU D 213 5.24 -12.45 24.11
CA GLU D 213 5.96 -11.50 24.89
C GLU D 213 5.51 -10.09 24.54
N ALA D 214 5.29 -9.83 23.27
CA ALA D 214 4.83 -8.54 22.85
C ALA D 214 3.46 -8.24 23.46
N ASN D 215 2.57 -9.23 23.47
CA ASN D 215 1.26 -9.02 24.07
C ASN D 215 1.31 -8.76 25.57
N ARG D 216 2.13 -9.50 26.28
CA ARG D 216 2.36 -9.27 27.71
C ARG D 216 2.83 -7.83 27.98
N LEU D 217 3.88 -7.40 27.27
CA LEU D 217 4.41 -6.06 27.37
C LEU D 217 3.39 -4.99 27.06
N LEU D 218 2.58 -5.17 26.00
CA LEU D 218 1.62 -4.14 25.64
C LEU D 218 0.45 -4.08 26.65
N ILE D 219 0.09 -5.22 27.28
CA ILE D 219 -1.03 -5.23 28.25
C ILE D 219 -0.56 -4.53 29.54
N ARG D 220 0.67 -4.86 29.95
CA ARG D 220 1.31 -4.21 31.08
C ARG D 220 1.23 -2.72 30.97
N LYS D 221 1.66 -2.19 29.85
CA LYS D 221 1.64 -0.78 29.56
C LYS D 221 0.22 -0.24 29.59
N ALA D 222 -0.70 -0.97 28.95
CA ALA D 222 -2.09 -0.51 28.83
C ALA D 222 -2.75 -0.41 30.22
N ILE D 223 -2.42 -1.37 31.08
CA ILE D 223 -2.99 -1.36 32.40
C ILE D 223 -2.45 -0.17 33.14
N ALA D 224 -1.14 0.01 33.06
CA ALA D 224 -0.43 1.08 33.77
C ALA D 224 -0.91 2.45 33.36
N GLU D 225 -1.06 2.65 32.08
CA GLU D 225 -1.45 3.96 31.54
C GLU D 225 -2.93 4.22 31.57
N PHE D 226 -3.72 3.20 31.30
CA PHE D 226 -5.17 3.34 31.55
C PHE D 226 -5.46 3.62 33.06
N ALA D 227 -4.72 2.97 33.93
CA ALA D 227 -4.93 3.23 35.37
C ALA D 227 -4.54 4.66 35.76
N HIS D 228 -3.34 5.10 35.37
CA HIS D 228 -2.92 6.50 35.48
C HIS D 228 -3.97 7.45 35.01
N GLU D 229 -4.61 7.14 33.89
CA GLU D 229 -5.67 8.03 33.35
C GLU D 229 -7.07 7.80 33.95
N LYS D 230 -7.15 6.94 34.98
CA LYS D 230 -8.46 6.55 35.57
C LYS D 230 -9.53 5.95 34.60
N ILE D 231 -9.09 5.42 33.46
CA ILE D 231 -9.96 4.68 32.54
C ILE D 231 -10.30 3.34 33.21
N VAL D 232 -9.35 2.80 33.93
CA VAL D 232 -9.53 1.55 34.63
C VAL D 232 -9.01 1.75 36.06
N THR D 233 -9.49 0.93 37.01
CA THR D 233 -9.20 1.08 38.47
C THR D 233 -8.88 -0.31 39.06
N PRO D 234 -7.61 -0.72 39.10
CA PRO D 234 -7.30 -1.98 39.75
C PRO D 234 -7.58 -1.87 41.25
N ALA D 235 -7.63 -3.03 41.91
CA ALA D 235 -7.87 -3.16 43.34
C ALA D 235 -6.80 -4.07 43.98
N GLU D 236 -6.43 -3.77 45.23
CA GLU D 236 -5.44 -4.60 45.94
C GLU D 236 -6.01 -6.00 46.23
N CYS D 237 -5.15 -6.98 46.20
CA CYS D 237 -5.47 -8.33 46.67
C CYS D 237 -4.35 -8.85 47.62
N ALA D 238 -3.44 -7.93 48.01
CA ALA D 238 -2.33 -8.13 48.97
C ALA D 238 -1.68 -6.72 49.12
N HIS D 239 -0.63 -6.63 49.92
CA HIS D 239 0.11 -5.36 50.07
C HIS D 239 0.64 -4.87 48.69
N GLY D 240 1.27 -5.77 47.91
CA GLY D 240 1.86 -5.44 46.59
C GLY D 240 1.08 -5.93 45.37
N ARG D 241 0.20 -6.94 45.58
CA ARG D 241 -0.55 -7.63 44.51
C ARG D 241 -1.90 -6.91 44.17
N TYR D 242 -2.21 -6.82 42.87
CA TYR D 242 -3.42 -6.13 42.39
C TYR D 242 -4.22 -7.01 41.45
N SER D 243 -5.50 -6.74 41.34
CA SER D 243 -6.32 -7.48 40.43
C SER D 243 -7.04 -6.47 39.60
N LEU D 244 -7.45 -6.91 38.40
CA LEU D 244 -8.25 -6.08 37.53
C LEU D 244 -9.28 -7.02 36.90
N ALA D 245 -10.55 -6.81 37.27
CA ALA D 245 -11.63 -7.70 36.87
C ALA D 245 -12.18 -7.27 35.53
N VAL D 246 -12.49 -8.23 34.67
CA VAL D 246 -13.15 -7.92 33.39
C VAL D 246 -14.67 -7.76 33.59
N PRO D 247 -15.25 -6.58 33.20
CA PRO D 247 -16.71 -6.34 33.41
C PRO D 247 -17.60 -7.33 32.71
N GLY D 248 -18.72 -7.65 33.36
CA GLY D 248 -19.64 -8.71 32.91
C GLY D 248 -18.98 -10.07 32.74
N SER D 249 -18.06 -10.42 33.65
CA SER D 249 -17.25 -11.64 33.44
C SER D 249 -16.57 -12.12 34.70
N GLU D 250 -16.07 -13.35 34.66
CA GLU D 250 -15.30 -13.95 35.77
C GLU D 250 -13.78 -13.85 35.59
N THR D 251 -13.34 -13.33 34.44
CA THR D 251 -11.91 -13.20 34.12
C THR D 251 -11.27 -12.03 34.87
N GLU D 252 -10.09 -12.26 35.41
CA GLU D 252 -9.39 -11.19 36.08
C GLU D 252 -7.88 -11.23 35.72
N TYR D 253 -7.30 -10.03 35.60
CA TYR D 253 -5.87 -9.87 35.42
C TYR D 253 -5.30 -9.67 36.81
N GLN D 254 -4.16 -10.28 37.10
CA GLN D 254 -3.47 -9.99 38.36
C GLN D 254 -2.00 -9.62 38.12
N PHE D 255 -1.43 -8.83 39.04
CA PHE D 255 -0.03 -8.42 38.92
C PHE D 255 0.51 -7.78 40.19
N THR D 256 1.84 -7.62 40.24
CA THR D 256 2.52 -6.83 41.28
C THR D 256 2.96 -5.50 40.70
N ALA D 257 2.84 -4.45 41.52
CA ALA D 257 3.11 -3.11 41.10
C ALA D 257 3.46 -2.19 42.29
N SER D 258 4.46 -1.33 42.07
CA SER D 258 4.71 -0.18 42.93
C SER D 258 3.91 1.00 42.37
N ARG D 259 3.38 1.80 43.27
CA ARG D 259 2.68 3.00 42.86
C ARG D 259 3.55 4.18 43.30
N LEU D 260 3.81 5.12 42.39
CA LEU D 260 4.89 6.07 42.53
C LEU D 260 4.41 7.44 42.11
N ALA D 261 5.35 8.37 42.05
CA ALA D 261 5.05 9.75 41.86
C ALA D 261 4.20 10.00 40.63
N LEU D 262 3.36 11.03 40.74
CA LEU D 262 2.39 11.42 39.72
C LEU D 262 1.42 10.33 39.34
N ASP D 263 0.98 9.56 40.36
CA ASP D 263 0.09 8.42 40.24
C ASP D 263 0.52 7.51 39.07
N HIS D 264 1.76 7.06 39.18
CA HIS D 264 2.39 6.23 38.15
C HIS D 264 2.35 4.82 38.65
N TRP D 265 1.98 3.86 37.78
CA TRP D 265 1.96 2.44 38.10
C TRP D 265 3.10 1.77 37.42
N GLU D 266 3.97 1.16 38.20
CA GLU D 266 5.12 0.47 37.69
C GLU D 266 4.80 -1.00 37.87
N ILE D 267 4.32 -1.64 36.84
CA ILE D 267 3.88 -3.03 36.90
C ILE D 267 5.01 -3.92 36.43
N ASP D 268 5.30 -4.98 37.18
CA ASP D 268 6.28 -5.94 36.77
C ASP D 268 5.57 -6.78 35.67
N ALA D 269 6.18 -6.84 34.50
CA ALA D 269 5.55 -7.54 33.35
C ALA D 269 5.47 -9.06 33.55
N ALA D 270 6.50 -9.63 34.19
CA ALA D 270 6.54 -11.11 34.42
C ALA D 270 5.57 -11.63 35.51
N SER D 271 4.98 -10.73 36.30
CA SER D 271 3.97 -11.10 37.31
C SER D 271 2.55 -11.08 36.75
N LEU D 272 2.39 -10.55 35.55
CA LEU D 272 1.06 -10.31 35.01
C LEU D 272 0.51 -11.66 34.66
N THR D 273 -0.72 -11.93 35.10
CA THR D 273 -1.47 -13.16 34.75
C THR D 273 -2.89 -12.82 34.40
N LYS D 274 -3.53 -13.71 33.65
CA LYS D 274 -4.97 -13.60 33.32
C LYS D 274 -5.57 -14.93 33.71
N GLN D 275 -6.67 -14.89 34.42
CA GLN D 275 -7.30 -16.11 34.92
C GLN D 275 -8.80 -16.07 34.83
N GLU D 276 -9.38 -17.25 34.69
CA GLU D 276 -10.82 -17.42 34.92
C GLU D 276 -11.01 -18.60 35.87
N ASN D 277 -11.38 -18.29 37.12
CA ASN D 277 -11.59 -19.28 38.20
C ASN D 277 -10.40 -20.22 38.29
N GLY D 278 -9.23 -19.63 38.49
CA GLY D 278 -7.95 -20.37 38.62
C GLY D 278 -7.39 -21.01 37.35
N HIS D 279 -8.09 -20.88 36.20
CA HIS D 279 -7.62 -21.43 34.91
C HIS D 279 -6.82 -20.36 34.13
N PRO D 280 -5.50 -20.57 33.90
CA PRO D 280 -4.73 -19.58 33.18
C PRO D 280 -5.16 -19.39 31.69
N LEU D 281 -5.37 -18.13 31.29
CA LEU D 281 -5.63 -17.77 29.87
C LEU D 281 -4.46 -16.97 29.29
N ALA D 282 -4.25 -17.06 27.98
CA ALA D 282 -3.14 -16.36 27.34
C ALA D 282 -3.35 -14.86 27.38
N LEU D 283 -2.27 -14.12 27.56
CA LEU D 283 -2.34 -12.67 27.49
C LEU D 283 -2.47 -12.27 26.03
N ASP D 284 -3.57 -11.61 25.69
CA ASP D 284 -3.88 -11.20 24.33
C ASP D 284 -4.36 -9.76 24.32
N ALA D 285 -3.53 -8.84 23.83
CA ALA D 285 -3.82 -7.40 23.93
C ALA D 285 -5.06 -7.03 23.19
N LEU D 286 -5.28 -7.63 22.02
CA LEU D 286 -6.55 -7.40 21.30
C LEU D 286 -7.78 -7.69 22.16
N GLN D 287 -7.82 -8.88 22.76
CA GLN D 287 -8.92 -9.26 23.67
C GLN D 287 -8.99 -8.28 24.85
N PHE D 288 -7.84 -7.93 25.45
CA PHE D 288 -7.85 -6.90 26.52
C PHE D 288 -8.65 -5.65 26.12
N ILE D 289 -8.41 -5.08 24.94
CA ILE D 289 -9.15 -3.88 24.50
C ILE D 289 -10.64 -4.15 24.36
N THR D 290 -11.00 -5.30 23.77
CA THR D 290 -12.42 -5.56 23.51
C THR D 290 -13.11 -5.88 24.85
N GLU D 291 -12.48 -6.69 25.70
CA GLU D 291 -12.97 -6.90 27.09
C GLU D 291 -13.31 -5.61 27.88
N PHE D 292 -12.48 -4.59 27.74
CA PHE D 292 -12.64 -3.37 28.53
C PHE D 292 -13.26 -2.25 27.72
N ASN D 293 -13.77 -2.54 26.53
CA ASN D 293 -14.28 -1.46 25.71
C ASN D 293 -15.48 -0.70 26.33
N GLU D 294 -16.26 -1.31 27.23
CA GLU D 294 -17.34 -0.54 27.91
C GLU D 294 -16.70 0.64 28.67
N VAL D 295 -15.66 0.32 29.41
CA VAL D 295 -14.97 1.25 30.28
C VAL D 295 -14.03 2.22 29.50
N ILE D 296 -13.33 1.72 28.48
CA ILE D 296 -12.43 2.55 27.65
C ILE D 296 -13.16 3.59 26.78
N GLY D 297 -14.34 3.27 26.29
CA GLY D 297 -15.16 4.27 25.62
C GLY D 297 -14.75 4.59 24.19
N ILE D 298 -14.31 3.57 23.44
CA ILE D 298 -14.05 3.73 22.00
C ILE D 298 -15.36 3.59 21.25
N PRO D 299 -15.76 4.63 20.51
CA PRO D 299 -17.02 4.50 19.77
C PRO D 299 -16.96 3.32 18.83
N GLN D 300 -18.06 2.62 18.69
CA GLN D 300 -18.15 1.47 17.78
C GLN D 300 -17.61 1.79 16.34
N ALA D 301 -17.86 2.99 15.84
CA ALA D 301 -17.49 3.35 14.46
C ALA D 301 -16.00 3.37 14.15
N LEU D 302 -15.15 3.41 15.18
CA LEU D 302 -13.71 3.26 14.93
C LEU D 302 -12.97 2.35 15.90
N LEU D 303 -13.69 1.47 16.58
CA LEU D 303 -13.05 0.39 17.33
C LEU D 303 -12.14 -0.52 16.44
N ALA D 304 -12.60 -0.82 15.22
CA ALA D 304 -11.88 -1.67 14.28
C ALA D 304 -10.53 -1.07 13.86
N THR D 305 -10.56 0.23 13.51
CA THR D 305 -9.35 0.98 13.17
C THR D 305 -8.37 0.91 14.34
N TYR D 306 -8.85 1.15 15.55
CA TYR D 306 -7.96 1.12 16.72
C TYR D 306 -7.39 -0.28 17.00
N MET D 307 -8.20 -1.30 16.82
CA MET D 307 -7.68 -2.68 16.95
C MET D 307 -6.56 -2.97 15.94
N GLU D 308 -6.68 -2.40 14.74
CA GLU D 308 -5.65 -2.60 13.70
C GLU D 308 -4.36 -1.85 14.06
N GLU D 309 -4.51 -0.67 14.68
CA GLU D 309 -3.36 0.07 15.19
C GLU D 309 -2.65 -0.71 16.27
N ILE D 310 -3.42 -1.32 17.15
CA ILE D 310 -2.86 -2.20 18.19
C ILE D 310 -2.10 -3.37 17.57
N SER D 311 -2.69 -4.04 16.60
CA SER D 311 -2.00 -5.21 16.00
C SER D 311 -0.68 -4.80 15.36
N SER D 312 -0.75 -3.68 14.64
CA SER D 312 0.39 -3.10 14.01
C SER D 312 1.49 -2.72 14.96
N THR D 313 1.13 -2.19 16.14
CA THR D 313 2.06 -1.86 17.22
C THR D 313 2.68 -3.13 17.78
N LEU D 314 1.86 -4.18 17.88
CA LEU D 314 2.39 -5.51 18.31
C LEU D 314 3.38 -6.09 17.31
N CYS D 315 3.05 -5.97 16.02
CA CYS D 315 3.98 -6.41 14.99
C CYS D 315 5.32 -5.68 15.07
N SER D 316 5.25 -4.34 15.30
CA SER D 316 6.46 -3.55 15.40
C SER D 316 7.26 -4.01 16.60
N SER D 317 6.56 -4.31 17.69
CA SER D 317 7.18 -4.83 18.90
C SER D 317 7.89 -6.22 18.66
N VAL D 318 7.22 -7.13 17.95
CA VAL D 318 7.86 -8.38 17.58
C VAL D 318 9.12 -8.17 16.74
N PHE D 319 9.06 -7.26 15.76
CA PHE D 319 10.25 -6.96 14.97
C PHE D 319 11.38 -6.51 15.89
N LYS D 320 11.06 -5.67 16.87
CA LYS D 320 12.07 -5.21 17.84
C LYS D 320 12.64 -6.34 18.69
N LEU D 321 11.79 -7.23 19.16
CA LEU D 321 12.27 -8.43 19.87
C LEU D 321 13.21 -9.33 19.08
N GLN D 322 13.06 -9.42 17.77
CA GLN D 322 13.82 -10.37 16.97
C GLN D 322 15.03 -9.77 16.28
N LYS D 323 15.16 -8.45 16.29
CA LYS D 323 16.36 -7.84 15.75
C LYS D 323 17.32 -8.06 16.86
N ASN D 324 18.58 -8.04 16.55
CA ASN D 324 19.53 -8.29 17.60
C ASN D 324 19.86 -6.88 18.09
N ASN D 325 18.99 -6.30 18.90
CA ASN D 325 19.07 -4.86 19.26
C ASN D 325 20.16 -4.64 20.29
N PRO D 326 21.06 -3.67 20.06
CA PRO D 326 22.01 -3.35 21.12
C PRO D 326 21.30 -3.05 22.46
N ASP D 327 21.83 -3.64 23.52
CA ASP D 327 21.29 -3.48 24.83
C ASP D 327 21.81 -2.21 25.54
N SER D 328 21.34 -1.92 26.75
CA SER D 328 21.74 -0.70 27.41
C SER D 328 23.25 -0.57 27.53
N ARG D 329 23.93 -1.64 27.94
CA ARG D 329 25.37 -1.62 28.07
C ARG D 329 26.06 -1.22 26.77
N ALA D 330 25.62 -1.80 25.65
CA ALA D 330 26.15 -1.43 24.33
C ALA D 330 25.84 0.08 24.00
N LEU D 331 24.66 0.53 24.38
CA LEU D 331 24.22 1.86 24.03
C LEU D 331 25.00 2.96 24.77
N VAL D 332 25.65 2.60 25.87
CA VAL D 332 26.53 3.50 26.62
C VAL D 332 27.64 4.02 25.72
N ASN D 333 28.09 3.23 24.74
CA ASN D 333 29.17 3.64 23.84
C ASN D 333 28.84 3.66 22.36
N ALA D 334 27.56 3.69 22.02
CA ALA D 334 27.12 3.66 20.62
C ALA D 334 27.03 5.09 20.08
N ASP D 335 27.12 5.25 18.77
CA ASP D 335 26.93 6.55 18.18
C ASP D 335 25.41 6.94 18.04
N PHE D 336 25.21 8.20 17.70
CA PHE D 336 23.93 8.87 17.65
C PHE D 336 22.84 8.11 16.84
N GLN D 337 23.20 7.72 15.63
CA GLN D 337 22.23 7.00 14.77
C GLN D 337 21.92 5.54 15.17
N THR D 338 22.83 4.90 15.88
CA THR D 338 22.62 3.56 16.48
C THR D 338 21.66 3.70 17.68
N VAL D 339 21.84 4.74 18.48
CA VAL D 339 20.91 4.99 19.57
C VAL D 339 19.50 5.18 18.97
N GLU D 340 19.40 5.96 17.89
CA GLU D 340 18.12 6.30 17.28
C GLU D 340 17.36 5.05 16.88
N SER D 341 18.05 4.15 16.17
CA SER D 341 17.45 2.97 15.63
C SER D 341 17.15 1.91 16.69
N SER D 342 17.86 1.99 17.84
CA SER D 342 17.67 1.02 18.95
C SER D 342 16.56 1.35 19.96
N MET D 343 15.95 2.55 19.85
CA MET D 343 14.79 2.88 20.67
C MET D 343 13.64 1.94 20.31
N THR D 344 12.88 1.66 21.34
CA THR D 344 11.99 0.53 21.36
C THR D 344 10.53 0.95 21.77
N GLU D 345 10.42 1.89 22.70
CA GLU D 345 9.15 2.18 23.39
C GLU D 345 8.23 3.04 22.53
N GLY D 346 8.78 4.01 21.84
CA GLY D 346 7.99 5.03 21.19
C GLY D 346 7.43 5.91 22.30
N HIS D 347 6.41 6.68 21.98
CA HIS D 347 5.78 7.54 22.97
C HIS D 347 5.42 6.75 24.25
N PRO D 348 5.88 7.23 25.42
CA PRO D 348 5.70 6.46 26.62
C PRO D 348 4.25 6.42 27.21
N CYS D 349 3.36 7.28 26.75
CA CYS D 349 1.94 7.29 27.24
C CYS D 349 0.99 6.49 26.34
N PHE D 350 0.99 6.78 25.04
CA PHE D 350 0.04 6.21 24.09
C PHE D 350 0.29 4.73 23.92
N VAL D 351 -0.77 3.94 24.03
CA VAL D 351 -0.66 2.48 23.96
C VAL D 351 -0.47 2.03 22.50
N ALA D 352 -1.34 2.54 21.61
CA ALA D 352 -1.25 2.28 20.19
C ALA D 352 -0.36 3.32 19.56
N ASN D 353 0.94 3.22 19.84
CA ASN D 353 1.90 4.24 19.40
C ASN D 353 2.76 3.93 18.21
N ASN D 354 2.60 2.77 17.60
CA ASN D 354 3.38 2.37 16.41
C ASN D 354 2.43 1.81 15.32
N GLY D 355 1.31 2.48 15.06
CA GLY D 355 0.35 2.06 14.06
C GLY D 355 0.90 1.98 12.65
N ARG D 356 1.52 3.05 12.17
CA ARG D 356 2.07 3.08 10.82
C ARG D 356 1.08 2.58 9.75
N ILE D 357 -0.19 2.95 9.86
CA ILE D 357 -1.22 2.41 8.95
C ILE D 357 -0.92 2.98 7.58
N GLY D 358 -0.80 2.08 6.62
CA GLY D 358 -0.30 2.37 5.28
C GLY D 358 0.97 1.59 4.92
N PHE D 359 1.76 1.24 5.89
CA PHE D 359 2.92 0.50 5.62
C PHE D 359 2.53 -0.94 5.62
N ASP D 360 2.91 -1.64 4.57
CA ASP D 360 2.77 -3.07 4.57
C ASP D 360 4.05 -3.67 5.12
N ALA D 361 4.15 -4.97 5.09
CA ALA D 361 5.33 -5.61 5.66
C ALA D 361 6.61 -5.21 4.97
N ARG D 362 6.56 -5.09 3.66
CA ARG D 362 7.70 -4.67 2.87
C ARG D 362 8.04 -3.23 3.19
N ASP D 363 7.03 -2.38 3.28
CA ASP D 363 7.19 -0.98 3.60
C ASP D 363 7.80 -0.84 4.98
N TYR D 364 7.36 -1.67 5.93
CA TYR D 364 7.86 -1.60 7.28
C TYR D 364 9.34 -1.90 7.32
N LEU D 365 9.76 -2.92 6.62
CA LEU D 365 11.21 -3.22 6.57
C LEU D 365 12.02 -2.10 5.87
N ALA D 366 11.46 -1.48 4.84
CA ALA D 366 12.16 -0.41 4.11
C ALA D 366 12.20 0.91 4.88
N TYR D 367 11.14 1.25 5.62
CA TYR D 367 10.93 2.64 6.09
C TYR D 367 10.86 2.87 7.56
N ALA D 368 10.76 1.79 8.35
CA ALA D 368 10.62 1.91 9.79
C ALA D 368 11.96 2.32 10.40
N PRO D 369 11.95 3.28 11.35
CA PRO D 369 13.19 3.71 11.98
C PRO D 369 13.95 2.63 12.79
N GLU D 370 13.21 1.72 13.37
CA GLU D 370 13.78 0.58 14.07
C GLU D 370 14.51 -0.47 13.14
N ALA D 371 14.21 -0.47 11.84
CA ALA D 371 14.95 -1.26 10.85
C ALA D 371 16.18 -0.54 10.38
N ALA D 372 16.04 0.78 10.15
CA ALA D 372 17.17 1.63 9.78
C ALA D 372 17.80 1.13 8.46
N THR D 373 16.94 0.71 7.56
CA THR D 373 17.31 0.33 6.23
C THR D 373 17.56 1.64 5.49
N PRO D 374 18.64 1.72 4.70
CA PRO D 374 18.86 2.98 4.02
C PRO D 374 17.74 3.28 3.00
N VAL D 375 17.34 4.55 2.96
CA VAL D 375 16.33 5.06 2.11
C VAL D 375 16.98 6.08 1.19
N ASN D 376 16.66 6.00 -0.08
CA ASN D 376 17.11 6.95 -1.05
C ASN D 376 15.91 7.79 -1.36
N LEU D 377 16.03 9.09 -1.13
CA LEU D 377 14.92 9.99 -1.45
C LEU D 377 14.67 10.12 -2.94
N ILE D 378 13.40 10.32 -3.32
CA ILE D 378 13.05 10.64 -4.71
C ILE D 378 13.15 12.16 -4.91
N TRP D 379 13.73 12.60 -6.03
CA TRP D 379 13.81 14.00 -6.36
C TRP D 379 12.87 14.34 -7.50
N VAL D 380 12.09 15.39 -7.31
CA VAL D 380 11.21 15.90 -8.37
C VAL D 380 11.37 17.38 -8.61
N ALA D 381 11.07 17.83 -9.81
CA ALA D 381 10.94 19.30 -10.08
C ALA D 381 9.52 19.72 -9.98
N VAL D 382 9.24 20.74 -9.22
CA VAL D 382 7.91 21.27 -9.05
C VAL D 382 7.84 22.73 -9.60
N HIS D 383 6.80 23.01 -10.39
CA HIS D 383 6.65 24.29 -11.07
C HIS D 383 6.28 25.37 -10.11
N ARG D 384 6.95 26.52 -10.23
CA ARG D 384 6.70 27.70 -9.36
C ARG D 384 5.29 28.33 -9.38
N ARG D 385 4.44 28.00 -10.33
CA ARG D 385 3.02 28.43 -10.22
C ARG D 385 2.41 27.83 -8.98
N ASN D 386 2.89 26.62 -8.61
CA ASN D 386 2.38 25.85 -7.46
C ASN D 386 3.33 25.68 -6.28
N ALA D 387 4.61 25.70 -6.55
CA ALA D 387 5.63 25.49 -5.51
C ALA D 387 6.24 26.79 -5.04
N HIS D 388 6.37 26.95 -3.72
CA HIS D 388 6.98 28.13 -3.07
C HIS D 388 8.23 27.75 -2.24
N PHE D 389 9.38 28.40 -2.52
CA PHE D 389 10.61 28.33 -1.71
C PHE D 389 10.72 29.38 -0.59
N SER D 390 11.00 28.94 0.64
CA SER D 390 11.31 29.86 1.72
C SER D 390 12.61 29.41 2.40
N SER D 391 13.39 30.37 2.89
CA SER D 391 14.65 30.04 3.57
C SER D 391 15.09 31.13 4.56
N LEU D 392 16.13 30.84 5.37
CA LEU D 392 16.79 31.85 6.19
C LEU D 392 17.35 32.91 5.28
N SER D 393 17.36 34.16 5.77
CA SER D 393 17.87 35.32 4.95
C SER D 393 19.28 35.10 4.46
N ASP D 394 20.09 34.37 5.22
CA ASP D 394 21.47 34.04 4.74
C ASP D 394 21.63 32.75 3.93
N LEU D 395 20.51 32.15 3.47
CA LEU D 395 20.55 30.94 2.65
C LEU D 395 19.78 31.10 1.34
N GLN D 396 20.55 31.23 0.26
CA GLN D 396 20.02 31.25 -1.08
C GLN D 396 19.62 29.82 -1.50
N TYR D 397 18.73 29.74 -2.48
CA TYR D 397 18.36 28.51 -3.09
C TYR D 397 19.56 27.83 -3.74
N GLU D 398 20.26 28.55 -4.60
CA GLU D 398 21.49 28.08 -5.25
C GLU D 398 22.46 27.45 -4.26
N ARG D 399 22.62 28.05 -3.10
CA ARG D 399 23.54 27.49 -2.13
C ARG D 399 23.04 26.13 -1.52
N LEU D 400 21.75 26.07 -1.14
CA LEU D 400 21.13 24.88 -0.61
C LEU D 400 21.31 23.68 -1.52
N MET D 401 20.95 23.88 -2.77
CA MET D 401 21.02 22.82 -3.73
C MET D 401 22.41 22.38 -4.07
N ARG D 402 23.36 23.31 -4.06
CA ARG D 402 24.76 22.98 -4.39
C ARG D 402 25.34 22.13 -3.26
N GLU D 403 25.13 22.56 -2.03
CA GLU D 403 25.62 21.87 -0.83
C GLU D 403 24.95 20.49 -0.64
N GLU D 404 23.66 20.38 -0.88
CA GLU D 404 22.94 19.16 -0.66
C GLU D 404 23.10 18.15 -1.75
N LEU D 405 22.92 18.55 -3.00
CA LEU D 405 23.00 17.66 -4.14
C LEU D 405 24.37 17.67 -4.83
N GLY D 406 25.05 18.80 -4.80
CA GLY D 406 26.28 19.00 -5.57
C GLY D 406 25.96 19.56 -6.94
N GLN D 407 26.91 20.35 -7.46
CA GLN D 407 26.71 21.15 -8.65
C GLN D 407 26.47 20.28 -9.88
N SER D 408 27.10 19.12 -9.89
CA SER D 408 27.00 18.21 -10.99
C SER D 408 25.57 17.64 -11.15
N THR D 409 24.93 17.27 -10.02
CA THR D 409 23.55 16.76 -10.01
C THR D 409 22.58 17.90 -10.33
N VAL D 410 22.83 19.08 -9.78
CA VAL D 410 21.99 20.23 -10.09
C VAL D 410 21.96 20.42 -11.62
N GLU D 411 23.13 20.42 -12.24
CA GLU D 411 23.20 20.56 -13.67
C GLU D 411 22.53 19.43 -14.46
N GLN D 412 22.71 18.21 -14.00
CA GLN D 412 22.07 17.06 -14.64
C GLN D 412 20.54 17.16 -14.55
N PHE D 413 20.01 17.57 -13.39
CA PHE D 413 18.55 17.68 -13.21
C PHE D 413 17.97 18.74 -14.13
N ASN D 414 18.63 19.89 -14.15
CA ASN D 414 18.21 20.99 -15.02
C ASN D 414 18.28 20.63 -16.51
N ALA D 415 19.27 19.84 -16.87
CA ALA D 415 19.45 19.39 -18.25
C ALA D 415 18.33 18.45 -18.65
N GLN D 416 17.86 17.60 -17.71
CA GLN D 416 16.70 16.74 -17.95
C GLN D 416 15.41 17.58 -18.16
N LEU D 417 15.24 18.65 -17.39
CA LEU D 417 14.15 19.59 -17.66
C LEU D 417 14.22 20.23 -19.08
N THR D 418 15.39 20.79 -19.40
CA THR D 418 15.69 21.36 -20.73
C THR D 418 15.37 20.41 -21.89
N GLU D 419 15.73 19.15 -21.74
CA GLU D 419 15.48 18.13 -22.76
C GLU D 419 13.99 17.78 -22.99
N LYS D 420 13.15 18.08 -22.01
CA LYS D 420 11.71 17.95 -22.14
C LYS D 420 11.10 19.27 -22.62
N GLY D 421 11.92 20.26 -22.98
CA GLY D 421 11.44 21.55 -23.48
C GLY D 421 10.80 22.42 -22.43
N LEU D 422 11.18 22.23 -21.17
CA LEU D 422 10.70 23.07 -20.06
C LEU D 422 11.85 23.99 -19.68
N THR D 423 11.52 25.11 -19.03
CA THR D 423 12.49 26.14 -18.67
C THR D 423 12.80 25.99 -17.21
N HIS D 424 14.07 25.68 -16.93
CA HIS D 424 14.39 25.14 -15.63
C HIS D 424 14.28 26.14 -14.52
N ALA D 425 14.39 27.43 -14.87
CA ALA D 425 14.26 28.50 -13.88
C ALA D 425 12.87 28.59 -13.26
N ASP D 426 11.89 28.09 -13.99
CA ASP D 426 10.54 28.00 -13.49
C ASP D 426 10.24 26.88 -12.48
N TYR D 427 11.26 26.06 -12.15
CA TYR D 427 11.12 24.91 -11.26
C TYR D 427 11.97 25.06 -10.01
N LEU D 428 11.48 24.43 -8.95
CA LEU D 428 12.21 24.14 -7.74
C LEU D 428 12.44 22.61 -7.58
N PHE D 429 13.51 22.19 -6.91
CA PHE D 429 13.70 20.81 -6.59
C PHE D 429 13.13 20.51 -5.21
N MET D 430 12.49 19.36 -5.11
CA MET D 430 11.98 18.87 -3.85
C MET D 430 12.32 17.37 -3.66
N PRO D 431 12.78 16.99 -2.45
CA PRO D 431 12.84 15.59 -2.07
C PRO D 431 11.50 15.01 -1.54
N VAL D 432 11.25 13.75 -1.87
CA VAL D 432 9.98 13.08 -1.60
C VAL D 432 10.23 11.73 -0.98
N HIS D 433 9.47 11.38 0.05
CA HIS D 433 9.53 10.02 0.64
C HIS D 433 9.07 9.02 -0.42
N PRO D 434 9.85 7.97 -0.72
CA PRO D 434 9.41 7.05 -1.79
C PRO D 434 8.03 6.39 -1.56
N TRP D 435 7.66 6.10 -0.30
CA TRP D 435 6.31 5.63 0.05
C TRP D 435 5.27 6.66 -0.43
N GLN D 436 5.53 7.94 -0.14
CA GLN D 436 4.59 9.01 -0.49
C GLN D 436 4.39 9.11 -1.97
N TRP D 437 5.49 9.03 -2.73
CA TRP D 437 5.45 9.08 -4.19
C TRP D 437 4.65 7.90 -4.75
N GLN D 438 4.95 6.69 -4.33
CA GLN D 438 4.29 5.51 -4.86
C GLN D 438 2.79 5.39 -4.45
N ASN D 439 2.44 5.78 -3.24
CA ASN D 439 1.15 5.50 -2.66
C ASN D 439 0.18 6.65 -2.77
N LYS D 440 0.66 7.88 -2.89
CA LYS D 440 -0.19 9.07 -2.91
C LYS D 440 -0.01 9.91 -4.14
N LEU D 441 1.19 10.42 -4.34
CA LEU D 441 1.40 11.58 -5.23
C LEU D 441 1.12 11.25 -6.68
N LEU D 442 1.46 10.00 -7.08
CA LEU D 442 1.23 9.51 -8.42
C LEU D 442 -0.25 9.54 -8.80
N THR D 443 -1.14 9.28 -7.86
CA THR D 443 -2.59 9.39 -8.14
C THR D 443 -3.21 10.76 -7.82
N VAL D 444 -3.07 11.19 -6.56
CA VAL D 444 -3.59 12.47 -6.14
C VAL D 444 -3.12 13.63 -7.05
N PHE D 445 -1.85 13.67 -7.41
CA PHE D 445 -1.32 14.77 -8.23
C PHE D 445 -1.02 14.29 -9.66
N ALA D 446 -1.70 13.26 -10.15
CA ALA D 446 -1.55 12.82 -11.52
C ALA D 446 -1.76 13.92 -12.54
N ALA D 447 -2.72 14.80 -12.29
CA ALA D 447 -2.97 15.95 -13.18
C ALA D 447 -1.70 16.79 -13.31
N ASP D 448 -1.14 17.12 -12.16
CA ASP D 448 0.06 17.93 -12.13
C ASP D 448 1.23 17.21 -12.80
N ILE D 449 1.38 15.88 -12.57
CA ILE D 449 2.39 15.11 -13.30
C ILE D 449 2.16 15.14 -14.81
N ALA D 450 0.93 14.86 -15.24
CA ALA D 450 0.62 14.85 -16.69
C ALA D 450 0.85 16.21 -17.38
N ASN D 451 0.59 17.30 -16.69
CA ASN D 451 0.79 18.64 -17.25
C ASN D 451 2.17 19.27 -17.00
N ASN D 452 3.13 18.43 -16.60
CA ASN D 452 4.48 18.82 -16.21
C ASN D 452 4.65 19.87 -15.10
N ASP D 453 3.74 19.94 -14.15
CA ASP D 453 3.90 20.77 -12.96
C ASP D 453 4.72 20.05 -11.89
N ILE D 454 4.77 18.73 -11.98
CA ILE D 454 5.64 17.87 -11.20
C ILE D 454 6.33 17.01 -12.23
N VAL D 455 7.66 16.89 -12.11
CA VAL D 455 8.50 16.10 -13.05
C VAL D 455 9.50 15.27 -12.23
N TRP D 456 9.43 13.96 -12.45
CA TRP D 456 10.29 13.02 -11.77
C TRP D 456 11.76 13.26 -12.29
N LEU D 457 12.72 13.41 -11.39
CA LEU D 457 14.13 13.65 -11.80
C LEU D 457 15.01 12.46 -11.55
N GLY D 458 14.91 11.84 -10.39
CA GLY D 458 15.71 10.67 -10.08
C GLY D 458 15.69 10.28 -8.64
N VAL D 459 16.34 9.15 -8.36
CA VAL D 459 16.58 8.64 -7.03
C VAL D 459 17.90 9.24 -6.53
N GLY D 460 17.92 9.88 -5.36
CA GLY D 460 19.17 10.44 -4.84
C GLY D 460 20.21 9.37 -4.47
N ASP D 461 21.45 9.72 -4.62
CA ASP D 461 22.56 8.83 -4.28
C ASP D 461 22.76 8.58 -2.80
N ASP D 462 22.53 9.60 -2.00
CA ASP D 462 22.76 9.53 -0.61
C ASP D 462 21.78 8.61 0.09
N GLN D 463 22.33 7.85 1.04
CA GLN D 463 21.52 6.98 1.89
C GLN D 463 21.10 7.78 3.13
N TYR D 464 19.85 7.63 3.52
CA TYR D 464 19.31 8.28 4.70
C TYR D 464 18.72 7.24 5.64
N GLN D 465 18.75 7.59 6.92
CA GLN D 465 18.13 6.81 8.00
C GLN D 465 16.91 7.54 8.53
N ALA D 466 15.80 6.82 8.56
CA ALA D 466 14.57 7.32 9.15
C ALA D 466 14.75 7.44 10.61
N GLN D 467 14.46 8.62 11.12
CA GLN D 467 14.51 8.90 12.54
C GLN D 467 13.19 8.46 13.21
N GLN D 468 13.08 8.63 14.52
CA GLN D 468 11.89 8.16 15.27
C GLN D 468 10.52 8.66 14.77
N SER D 469 10.52 9.86 14.22
CA SER D 469 9.35 10.48 13.62
C SER D 469 8.97 9.94 12.21
N ILE D 470 9.80 9.02 11.68
CA ILE D 470 9.58 8.33 10.40
C ILE D 470 9.80 9.19 9.17
N ARG D 471 9.16 10.36 9.11
CA ARG D 471 9.26 11.28 7.99
C ARG D 471 10.56 12.11 7.99
N THR D 472 11.32 12.09 9.05
CA THR D 472 12.56 12.88 9.12
C THR D 472 13.75 11.95 8.93
N PHE D 473 14.70 12.41 8.12
CA PHE D 473 15.82 11.63 7.63
C PHE D 473 17.19 12.27 7.95
N PHE D 474 18.06 11.49 8.58
CA PHE D 474 19.48 11.81 8.75
C PHE D 474 20.29 11.29 7.56
N ASN D 475 21.17 12.10 6.98
CA ASN D 475 22.00 11.67 5.87
C ASN D 475 23.17 10.74 6.34
N ARG D 476 22.98 9.42 6.20
CA ARG D 476 24.01 8.42 6.50
C ARG D 476 25.28 8.52 5.65
N SER D 477 25.14 8.73 4.34
CA SER D 477 26.26 8.79 3.41
C SER D 477 27.15 10.03 3.68
N HIS D 478 26.53 11.13 4.10
CA HIS D 478 27.22 12.38 4.42
C HIS D 478 26.67 12.90 5.73
N PRO D 479 27.19 12.40 6.85
CA PRO D 479 26.68 12.73 8.18
C PRO D 479 26.87 14.18 8.66
N ASN D 480 27.54 15.03 7.89
CA ASN D 480 27.57 16.47 8.12
C ASN D 480 26.48 17.27 7.41
N LYS D 481 25.79 16.69 6.43
CA LYS D 481 24.74 17.37 5.74
C LYS D 481 23.42 17.44 6.51
N ARG D 482 22.50 18.19 5.96
CA ARG D 482 21.28 18.52 6.68
C ARG D 482 20.30 17.36 6.81
N TYR D 483 19.50 17.38 7.87
CA TYR D 483 18.31 16.54 7.93
C TYR D 483 17.37 16.94 6.81
N VAL D 484 16.56 16.01 6.35
CA VAL D 484 15.52 16.30 5.37
C VAL D 484 14.24 15.77 5.99
N LYS D 485 13.23 16.63 6.11
CA LYS D 485 11.90 16.23 6.57
C LYS D 485 10.93 16.24 5.41
N THR D 486 10.26 15.10 5.19
CA THR D 486 9.36 14.87 4.05
C THR D 486 7.91 14.72 4.53
N ALA D 487 7.00 14.94 3.60
CA ALA D 487 5.57 14.69 3.85
C ALA D 487 5.28 13.19 3.68
N LEU D 488 4.69 12.58 4.68
CA LEU D 488 4.36 11.17 4.65
C LEU D 488 2.96 10.97 5.25
N SER D 489 2.00 10.45 4.50
CA SER D 489 0.65 10.27 5.04
C SER D 489 0.57 8.94 5.77
N VAL D 490 1.49 8.66 6.68
CA VAL D 490 1.57 7.44 7.50
C VAL D 490 2.12 7.84 8.88
N LEU D 491 1.36 7.56 9.96
CA LEU D 491 1.64 8.11 11.32
C LEU D 491 1.84 7.07 12.46
N ASN D 492 2.68 7.38 13.44
CA ASN D 492 2.81 6.53 14.66
C ASN D 492 1.47 6.37 15.43
N MET D 493 0.94 7.50 15.92
CA MET D 493 -0.41 7.63 16.50
C MET D 493 -1.25 8.18 15.39
N GLY D 494 -2.55 8.31 15.60
CA GLY D 494 -3.42 8.91 14.59
C GLY D 494 -3.67 10.41 14.72
N PHE D 495 -2.61 11.22 14.88
CA PHE D 495 -2.73 12.70 15.02
C PHE D 495 -2.14 13.41 13.80
N MET D 496 -2.81 14.44 13.29
CA MET D 496 -2.43 15.10 12.03
C MET D 496 -1.21 16.01 12.19
N ARG D 497 -0.10 15.62 11.56
CA ARG D 497 1.19 16.33 11.63
C ARG D 497 1.60 17.01 10.31
N GLY D 498 0.95 16.64 9.21
CA GLY D 498 1.53 16.70 7.86
C GLY D 498 2.18 18.01 7.45
N LEU D 499 3.03 17.93 6.41
CA LEU D 499 3.87 19.08 6.04
C LEU D 499 3.11 20.13 5.17
N SER D 500 2.76 21.26 5.82
CA SER D 500 1.74 22.21 5.32
C SER D 500 2.27 23.45 4.57
N PRO D 501 1.89 23.67 3.28
CA PRO D 501 2.43 24.79 2.44
C PRO D 501 2.29 26.22 2.96
N TYR D 502 1.20 26.51 3.66
CA TYR D 502 1.07 27.86 4.25
C TYR D 502 1.94 28.07 5.50
N TYR D 503 2.06 27.04 6.33
CA TYR D 503 3.03 27.00 7.43
C TYR D 503 4.50 26.93 6.96
N MET D 504 4.78 26.17 5.90
CA MET D 504 6.10 26.11 5.28
C MET D 504 6.59 27.49 4.84
N ALA D 505 5.71 28.34 4.35
CA ALA D 505 6.14 29.62 3.77
C ALA D 505 6.79 30.48 4.84
N THR D 506 6.25 30.44 6.07
CA THR D 506 6.72 31.20 7.22
C THR D 506 7.63 30.43 8.22
N THR D 507 7.96 29.17 7.94
CA THR D 507 8.71 28.33 8.92
C THR D 507 10.16 28.83 9.09
N PRO D 508 10.87 29.05 7.99
CA PRO D 508 12.22 29.52 8.13
C PRO D 508 12.37 30.87 8.81
N ALA D 509 11.46 31.80 8.50
CA ALA D 509 11.40 33.10 9.19
C ALA D 509 11.15 32.95 10.70
N ILE D 510 10.21 32.10 11.08
CA ILE D 510 9.98 31.75 12.50
C ILE D 510 11.25 31.18 13.15
N ASN D 511 11.93 30.26 12.45
CA ASN D 511 13.16 29.68 13.00
C ASN D 511 14.26 30.75 13.18
N GLU D 512 14.35 31.70 12.23
CA GLU D 512 15.33 32.81 12.30
C GLU D 512 15.03 33.79 13.43
N TRP D 513 13.75 34.10 13.61
CA TRP D 513 13.26 34.83 14.77
C TRP D 513 13.65 34.12 16.07
N LEU D 514 13.37 32.82 16.15
CA LEU D 514 13.68 32.06 17.40
C LEU D 514 15.17 31.97 17.69
N GLN D 515 15.98 31.81 16.63
CA GLN D 515 17.42 31.78 16.77
C GLN D 515 17.98 33.12 17.27
N ASP D 516 17.42 34.23 16.78
CA ASP D 516 17.84 35.54 17.20
C ASP D 516 17.51 35.74 18.70
N LEU D 517 16.35 35.25 19.11
CA LEU D 517 15.94 35.39 20.51
C LEU D 517 16.88 34.58 21.41
N VAL D 518 17.17 33.34 21.04
CA VAL D 518 18.05 32.48 21.83
C VAL D 518 19.48 33.03 21.89
N ALA D 519 19.97 33.59 20.78
CA ALA D 519 21.29 34.21 20.76
C ALA D 519 21.37 35.47 21.65
N GLY D 520 20.29 36.24 21.70
CA GLY D 520 20.27 37.44 22.53
C GLY D 520 20.05 37.21 24.03
N ASP D 521 19.78 35.97 24.44
CA ASP D 521 19.28 35.74 25.78
C ASP D 521 20.33 35.10 26.64
N GLU D 522 20.68 35.81 27.72
CA GLU D 522 21.71 35.36 28.64
C GLU D 522 21.38 34.12 29.37
N TRP D 523 20.14 33.95 29.79
CA TRP D 523 19.79 32.75 30.52
C TRP D 523 19.91 31.49 29.57
N LEU D 524 19.46 31.68 28.34
CA LEU D 524 19.47 30.58 27.40
C LEU D 524 20.90 30.27 26.98
N GLN D 525 21.72 31.31 26.78
CA GLN D 525 23.17 31.09 26.49
C GLN D 525 23.85 30.35 27.63
N ARG D 526 23.46 30.67 28.84
CA ARG D 526 24.05 30.05 30.04
C ARG D 526 23.66 28.60 30.22
N CYS D 527 22.41 28.27 29.91
CA CYS D 527 21.96 26.85 29.83
C CYS D 527 22.53 26.08 28.57
N ASP D 528 23.19 26.77 27.66
CA ASP D 528 23.59 26.22 26.36
C ASP D 528 22.43 25.53 25.61
N PHE D 529 21.30 26.21 25.62
CA PHE D 529 20.11 25.77 24.91
C PHE D 529 20.23 26.12 23.42
N ARG D 530 20.18 25.12 22.56
CA ARG D 530 20.45 25.32 21.13
C ARG D 530 19.27 24.90 20.31
N ILE D 531 19.11 25.52 19.17
CA ILE D 531 18.00 25.31 18.28
C ILE D 531 18.58 24.69 17.04
N LEU D 532 18.01 23.55 16.60
CA LEU D 532 18.16 23.05 15.25
C LEU D 532 17.10 23.68 14.39
N ARG D 533 17.51 24.58 13.52
CA ARG D 533 16.60 25.37 12.69
C ARG D 533 16.22 24.60 11.45
N GLU D 534 14.94 24.65 11.14
CA GLU D 534 14.47 24.43 9.80
C GLU D 534 14.88 25.63 8.97
N VAL D 535 15.86 25.43 8.11
CA VAL D 535 16.54 26.50 7.41
C VAL D 535 15.98 26.80 6.04
N ALA D 536 15.24 25.85 5.49
CA ALA D 536 14.64 26.01 4.20
C ALA D 536 13.48 25.04 4.00
N ALA D 537 12.59 25.39 3.07
CA ALA D 537 11.42 24.63 2.78
C ALA D 537 10.92 24.83 1.36
N VAL D 538 10.29 23.77 0.82
CA VAL D 538 9.52 23.85 -0.39
C VAL D 538 8.11 23.35 -0.10
N GLY D 539 7.12 24.22 -0.28
CA GLY D 539 5.71 23.81 -0.17
C GLY D 539 5.03 23.75 -1.54
N TYR D 540 4.18 22.75 -1.77
CA TYR D 540 3.45 22.58 -3.05
C TYR D 540 1.94 22.68 -2.76
N HIS D 541 1.29 23.65 -3.40
CA HIS D 541 -0.15 23.86 -3.27
C HIS D 541 -0.93 22.90 -4.14
N ASN D 542 -1.67 22.00 -3.49
CA ASN D 542 -2.61 21.10 -4.13
C ASN D 542 -3.88 21.96 -4.48
N ARG D 543 -3.86 22.55 -5.67
CA ARG D 543 -4.94 23.49 -6.13
C ARG D 543 -6.36 22.91 -6.21
N HIS D 544 -6.53 21.65 -6.60
CA HIS D 544 -7.90 21.05 -6.59
C HIS D 544 -8.48 20.93 -5.18
N TYR D 545 -7.65 20.55 -4.22
CA TYR D 545 -8.17 20.27 -2.85
C TYR D 545 -8.27 21.52 -1.97
N GLU D 546 -7.50 22.57 -2.25
CA GLU D 546 -7.62 23.88 -1.59
C GLU D 546 -8.92 24.57 -1.95
N LYS D 547 -9.38 24.43 -3.21
CA LYS D 547 -10.68 24.95 -3.65
C LYS D 547 -11.87 24.20 -2.97
N ALA D 548 -11.71 22.88 -2.79
CA ALA D 548 -12.83 21.97 -2.51
C ALA D 548 -13.00 21.64 -1.06
N ILE D 549 -11.90 21.53 -0.34
CA ILE D 549 -12.00 21.16 1.06
C ILE D 549 -11.79 22.48 1.82
N LYS D 550 -12.87 23.06 2.31
CA LYS D 550 -12.81 24.09 3.36
C LYS D 550 -12.23 23.49 4.67
N GLY D 551 -11.29 24.22 5.29
CA GLY D 551 -10.71 23.82 6.57
C GLY D 551 -9.42 23.04 6.37
N ASP D 552 -8.93 22.47 7.46
CA ASP D 552 -7.67 21.74 7.41
C ASP D 552 -7.96 20.30 6.90
N SER D 553 -7.02 19.77 6.16
CA SER D 553 -7.18 18.51 5.44
C SER D 553 -5.81 17.90 5.17
N ALA D 554 -5.68 16.60 5.46
CA ALA D 554 -4.46 15.84 5.15
C ALA D 554 -4.10 16.07 3.68
N TYR D 555 -5.09 16.17 2.80
CA TYR D 555 -4.89 16.40 1.36
C TYR D 555 -4.20 17.72 0.98
N LYS D 556 -4.28 18.71 1.84
CA LYS D 556 -3.48 19.94 1.71
C LYS D 556 -2.01 19.86 2.21
N LYS D 557 -1.68 18.77 2.92
CA LYS D 557 -0.36 18.58 3.52
C LYS D 557 0.45 17.36 2.99
N MET D 558 0.16 16.88 1.79
CA MET D 558 0.74 15.64 1.30
C MET D 558 2.02 15.83 0.52
N PHE D 559 2.39 17.08 0.26
CA PHE D 559 3.43 17.36 -0.66
C PHE D 559 4.21 18.60 -0.29
N ALA D 560 5.26 18.40 0.54
CA ALA D 560 6.21 19.41 0.94
C ALA D 560 7.52 18.78 1.52
N ALA D 561 8.55 19.60 1.66
CA ALA D 561 9.76 19.18 2.34
C ALA D 561 10.43 20.33 3.03
N LEU D 562 11.21 20.04 4.08
CA LEU D 562 12.13 21.05 4.62
C LEU D 562 13.46 20.45 4.96
N TRP D 563 14.41 21.34 5.20
CA TRP D 563 15.74 21.00 5.59
C TRP D 563 16.04 21.61 6.94
N ARG D 564 16.78 20.86 7.76
CA ARG D 564 17.09 21.19 9.15
C ARG D 564 18.60 21.04 9.50
N ASP D 565 19.12 21.97 10.31
CA ASP D 565 20.46 21.86 10.89
C ASP D 565 20.68 20.47 11.48
N ASN D 566 21.90 20.00 11.29
CA ASN D 566 22.35 18.73 11.78
C ASN D 566 23.45 18.97 12.81
N PRO D 567 23.25 18.48 14.04
CA PRO D 567 24.25 18.78 15.08
C PRO D 567 25.55 17.99 14.97
N VAL D 568 25.60 16.94 14.14
CA VAL D 568 26.83 16.12 14.03
C VAL D 568 27.95 16.95 13.42
N ALA D 569 27.60 17.90 12.55
CA ALA D 569 28.60 18.75 11.89
C ALA D 569 29.49 19.49 12.87
N GLU D 570 28.94 19.95 14.00
CA GLU D 570 29.70 20.74 15.00
C GLU D 570 30.19 19.94 16.26
N LEU D 571 30.08 18.60 16.25
CA LEU D 571 30.56 17.76 17.38
C LEU D 571 32.06 17.84 17.66
N LYS D 572 32.42 17.90 18.93
CA LYS D 572 33.81 17.92 19.36
C LYS D 572 34.16 16.53 19.84
N PRO D 573 35.45 16.16 19.78
CA PRO D 573 35.85 14.85 20.31
C PRO D 573 35.44 14.67 21.74
N GLY D 574 35.08 13.44 22.11
CA GLY D 574 34.56 13.16 23.43
C GLY D 574 33.07 13.50 23.67
N GLN D 575 32.43 14.26 22.77
CA GLN D 575 30.99 14.59 22.82
C GLN D 575 30.15 13.56 22.06
N ARG D 576 28.94 13.30 22.51
CA ARG D 576 28.03 12.44 21.75
C ARG D 576 26.63 13.08 21.75
N LEU D 577 25.76 12.54 20.91
CA LEU D 577 24.40 13.01 20.75
C LEU D 577 23.50 11.82 21.02
N MET D 578 22.47 12.04 21.81
CA MET D 578 21.44 11.05 22.07
C MET D 578 20.05 11.68 22.03
N THR D 579 19.11 10.98 21.39
CA THR D 579 17.67 11.38 21.50
C THR D 579 17.30 11.34 22.95
N MET D 580 16.54 12.33 23.42
CA MET D 580 16.08 12.31 24.82
C MET D 580 15.23 11.07 25.11
N ALA D 581 14.55 10.51 24.09
CA ALA D 581 13.85 9.26 24.31
C ALA D 581 14.73 8.17 24.96
N SER D 582 16.05 8.21 24.73
CA SER D 582 16.99 7.19 25.28
C SER D 582 17.10 7.20 26.81
N PHE D 583 16.74 8.33 27.45
CA PHE D 583 16.69 8.39 28.93
C PHE D 583 15.52 7.58 29.52
N LEU D 584 14.50 7.32 28.72
CA LEU D 584 13.36 6.48 29.12
C LEU D 584 13.57 5.02 28.66
N HIS D 585 14.68 4.70 28.02
CA HIS D 585 14.84 3.40 27.39
C HIS D 585 15.20 2.33 28.40
N VAL D 586 14.48 1.21 28.29
CA VAL D 586 14.74 -0.01 29.03
C VAL D 586 14.94 -1.15 28.02
N ASP D 587 16.02 -1.91 28.19
CA ASP D 587 16.36 -2.92 27.20
C ASP D 587 15.57 -4.20 27.43
N HIS D 588 15.87 -5.18 26.59
CA HIS D 588 15.21 -6.50 26.65
C HIS D 588 15.68 -7.39 27.85
N HIS D 589 16.68 -6.97 28.62
CA HIS D 589 17.05 -7.61 29.91
C HIS D 589 16.47 -6.81 31.08
N GLN D 590 15.48 -5.96 30.83
CA GLN D 590 14.94 -5.00 31.79
C GLN D 590 16.00 -4.11 32.43
N LYS D 591 17.12 -3.85 31.75
CA LYS D 591 18.14 -2.90 32.22
C LYS D 591 17.95 -1.52 31.56
N ALA D 592 17.78 -0.48 32.38
CA ALA D 592 17.51 0.86 31.92
C ALA D 592 18.81 1.50 31.48
N LEU D 593 18.74 2.29 30.42
CA LEU D 593 19.91 2.94 29.90
C LEU D 593 20.35 4.10 30.80
N LEU D 594 19.40 4.87 31.35
CA LEU D 594 19.75 6.08 32.07
C LEU D 594 20.69 5.80 33.27
N PRO D 595 20.36 4.79 34.11
CA PRO D 595 21.29 4.35 35.17
C PRO D 595 22.67 3.95 34.65
N ALA D 596 22.74 3.29 33.50
CA ALA D 596 24.03 2.89 32.93
C ALA D 596 24.86 4.08 32.39
N LEU D 597 24.23 5.08 31.78
CA LEU D 597 24.95 6.33 31.49
C LEU D 597 25.49 6.99 32.77
N ILE D 598 24.66 7.04 33.80
CA ILE D 598 25.02 7.67 35.08
C ILE D 598 26.23 6.94 35.71
N ALA D 599 26.15 5.62 35.74
CA ALA D 599 27.22 4.78 36.22
C ALA D 599 28.49 5.03 35.44
N ASP D 600 28.39 5.05 34.13
CA ASP D 600 29.58 5.24 33.31
C ASP D 600 30.22 6.63 33.50
N SER D 601 29.40 7.64 33.83
CA SER D 601 29.89 9.01 33.92
C SER D 601 30.69 9.28 35.14
N GLY D 602 30.52 8.46 36.16
CA GLY D 602 31.24 8.63 37.42
C GLY D 602 30.52 9.53 38.37
N LEU D 603 29.54 10.30 37.92
CA LEU D 603 28.90 11.29 38.78
C LEU D 603 27.86 10.69 39.71
N ALA D 604 27.73 11.23 40.92
CA ALA D 604 26.61 10.91 41.76
C ALA D 604 25.30 11.25 41.04
N ALA D 605 24.34 10.33 41.13
CA ALA D 605 23.08 10.43 40.41
C ALA D 605 22.41 11.75 40.60
N GLU D 606 22.37 12.27 41.83
CA GLU D 606 21.67 13.54 42.09
C GLU D 606 22.35 14.66 41.31
N ARG D 607 23.68 14.65 41.29
CA ARG D 607 24.47 15.61 40.50
C ARG D 607 24.18 15.51 38.98
N TRP D 608 24.03 14.28 38.49
CA TRP D 608 23.76 14.07 37.06
C TRP D 608 22.41 14.70 36.77
N VAL D 609 21.44 14.37 37.59
CA VAL D 609 20.09 14.87 37.38
C VAL D 609 20.05 16.40 37.32
N GLU D 610 20.82 17.05 38.20
CA GLU D 610 20.85 18.50 38.25
C GLU D 610 21.39 19.01 36.96
N ARG D 611 22.42 18.36 36.41
CA ARG D 611 22.98 18.77 35.07
C ARG D 611 21.92 18.62 33.94
N TYR D 612 21.27 17.47 33.88
CA TYR D 612 20.12 17.28 32.99
C TYR D 612 19.09 18.42 33.11
N LEU D 613 18.68 18.75 34.35
CA LEU D 613 17.64 19.76 34.54
C LEU D 613 18.05 21.14 34.08
N SER D 614 19.33 21.48 34.21
CA SER D 614 19.87 22.73 33.69
C SER D 614 19.89 22.85 32.18
N CYS D 615 20.16 21.73 31.49
CA CYS D 615 20.04 21.67 30.03
C CYS D 615 18.64 21.72 29.52
N TYR D 616 17.75 21.05 30.22
CA TYR D 616 16.39 20.79 29.76
C TYR D 616 15.26 21.66 30.43
N LEU D 617 15.03 21.44 31.74
CA LEU D 617 13.98 22.19 32.43
C LEU D 617 14.23 23.71 32.46
N SER D 618 15.42 24.17 32.86
CA SER D 618 15.65 25.62 33.06
C SER D 618 15.33 26.45 31.84
N PRO D 619 15.75 25.99 30.64
CA PRO D 619 15.52 26.86 29.51
C PRO D 619 14.07 26.93 29.11
N LEU D 620 13.35 25.85 29.35
CA LEU D 620 11.92 25.83 29.07
C LEU D 620 11.14 26.74 30.05
N LEU D 621 11.49 26.68 31.34
CA LEU D 621 10.99 27.63 32.35
C LEU D 621 11.23 29.08 31.91
N HIS D 622 12.41 29.38 31.36
CA HIS D 622 12.67 30.75 30.93
C HIS D 622 11.88 31.15 29.70
N CYS D 623 11.78 30.25 28.73
CA CYS D 623 10.97 30.48 27.53
C CYS D 623 9.51 30.70 27.91
N PHE D 624 9.01 29.92 28.87
CA PHE D 624 7.63 30.02 29.40
C PHE D 624 7.35 31.39 30.11
N TYR D 625 8.14 31.67 31.16
CA TYR D 625 8.02 32.88 32.02
C TYR D 625 8.46 34.20 31.37
N GLN D 626 9.63 34.24 30.74
CA GLN D 626 10.13 35.45 30.19
C GLN D 626 9.57 35.72 28.80
N HIS D 627 9.33 34.68 27.97
CA HIS D 627 8.93 34.92 26.56
C HIS D 627 7.55 34.41 26.16
N ASP D 628 6.79 33.85 27.12
CA ASP D 628 5.46 33.21 26.87
C ASP D 628 5.50 32.11 25.80
N LEU D 629 6.69 31.49 25.67
CA LEU D 629 7.07 30.66 24.50
C LEU D 629 7.03 29.21 24.92
N VAL D 630 6.19 28.40 24.25
CA VAL D 630 6.18 26.97 24.50
C VAL D 630 6.49 26.16 23.23
N PHE D 631 7.01 24.96 23.48
CA PHE D 631 7.51 24.04 22.46
C PHE D 631 6.69 22.75 22.52
N MET D 632 7.15 21.69 21.85
CA MET D 632 6.67 20.33 22.14
C MET D 632 7.86 19.47 22.66
N PRO D 633 8.10 19.51 24.00
CA PRO D 633 9.42 19.07 24.50
C PRO D 633 9.47 17.57 24.85
N HIS D 634 8.91 16.72 24.01
CA HIS D 634 8.93 15.27 24.28
C HIS D 634 10.26 14.61 23.87
N GLY D 635 10.36 13.31 24.10
CA GLY D 635 11.55 12.52 23.80
C GLY D 635 12.11 12.62 22.38
N GLU D 636 11.26 12.66 21.35
CA GLU D 636 11.69 12.78 19.95
C GLU D 636 12.17 14.13 19.54
N ASN D 637 11.79 15.18 20.25
CA ASN D 637 12.15 16.56 19.85
C ASN D 637 13.39 17.15 20.52
N LEU D 638 13.91 16.44 21.51
CA LEU D 638 15.08 16.86 22.22
C LEU D 638 16.21 15.90 21.85
N ILE D 639 17.37 16.46 21.51
CA ILE D 639 18.58 15.71 21.34
C ILE D 639 19.61 16.33 22.32
N LEU D 640 20.12 15.50 23.23
CA LEU D 640 21.09 15.92 24.22
C LEU D 640 22.55 15.70 23.79
N LEU D 641 23.36 16.71 24.03
CA LEU D 641 24.79 16.68 23.79
C LEU D 641 25.38 16.28 25.12
N LEU D 642 26.14 15.18 25.15
CA LEU D 642 26.79 14.72 26.38
C LEU D 642 28.32 14.73 26.25
N GLU D 643 28.99 14.91 27.38
CA GLU D 643 30.46 14.85 27.53
C GLU D 643 30.71 13.98 28.74
N ASN D 644 31.53 12.95 28.62
CA ASN D 644 31.64 11.92 29.67
C ASN D 644 30.25 11.37 30.11
N ASN D 645 29.36 11.21 29.14
CA ASN D 645 28.02 10.75 29.44
C ASN D 645 27.24 11.60 30.49
N VAL D 646 27.50 12.90 30.51
CA VAL D 646 26.73 13.85 31.27
C VAL D 646 26.20 14.92 30.29
N PRO D 647 24.90 15.26 30.38
CA PRO D 647 24.38 16.27 29.50
C PRO D 647 25.02 17.65 29.74
N VAL D 648 25.49 18.29 28.69
CA VAL D 648 26.01 19.65 28.74
C VAL D 648 25.19 20.62 27.89
N SER D 649 24.33 20.12 27.03
CA SER D 649 23.50 20.99 26.18
C SER D 649 22.30 20.21 25.63
N ALA D 650 21.22 20.95 25.36
CA ALA D 650 20.02 20.42 24.80
C ALA D 650 19.78 21.10 23.42
N TYR D 651 19.55 20.28 22.39
CA TYR D 651 19.10 20.74 21.09
C TYR D 651 17.57 20.57 21.01
N MET D 652 16.91 21.58 20.50
CA MET D 652 15.50 21.54 20.33
C MET D 652 15.17 21.62 18.86
N LYS D 653 14.17 20.49 18.34
CA LYS D 653 13.77 20.52 16.93
C LYS D 653 12.29 20.84 16.81
N ASP D 654 11.80 20.60 15.74
CA ASP D 654 10.37 20.67 15.39
C ASP D 654 9.76 22.02 15.81
N ILE D 655 10.42 23.09 15.41
CA ILE D 655 9.97 24.43 15.69
C ILE D 655 8.78 25.05 14.95
N GLY D 656 8.81 25.03 13.65
CA GLY D 656 7.83 25.70 12.84
C GLY D 656 6.40 25.30 12.97
N GLU D 657 6.21 24.02 13.13
CA GLU D 657 4.91 23.40 13.25
C GLU D 657 4.43 23.27 14.70
N GLU D 658 5.30 23.51 15.67
CA GLU D 658 4.96 23.31 17.10
C GLU D 658 4.97 24.55 18.02
N ILE D 659 5.83 25.53 17.79
CA ILE D 659 6.00 26.56 18.83
C ILE D 659 4.83 27.56 18.83
N ALA D 660 4.63 28.17 19.99
CA ALA D 660 3.62 29.21 20.14
C ALA D 660 3.97 30.17 21.26
N VAL D 661 3.49 31.40 21.08
CA VAL D 661 3.74 32.54 21.99
C VAL D 661 2.35 32.84 22.56
N MET D 662 2.17 32.58 23.86
CA MET D 662 0.88 32.78 24.56
C MET D 662 0.71 34.24 25.04
N ASN D 663 0.45 35.11 24.07
CA ASN D 663 0.39 36.54 24.24
C ASN D 663 -0.16 37.09 22.91
N PRO D 664 -1.50 37.19 22.79
CA PRO D 664 -2.14 37.77 21.59
C PRO D 664 -1.56 39.11 21.12
N ASP D 665 -0.97 39.89 22.03
CA ASP D 665 -0.44 41.23 21.72
C ASP D 665 1.07 41.31 21.49
N ALA D 666 1.71 40.17 21.21
CA ALA D 666 3.16 40.13 21.12
C ALA D 666 3.64 40.93 19.93
N VAL D 667 4.76 41.62 20.04
CA VAL D 667 5.30 42.31 18.87
C VAL D 667 6.23 41.34 18.16
N LEU D 668 5.83 40.92 16.99
CA LEU D 668 6.57 39.99 16.21
C LEU D 668 6.66 40.51 14.82
N PRO D 669 7.60 39.98 14.05
CA PRO D 669 7.73 40.35 12.64
C PRO D 669 6.56 39.79 11.86
N GLU D 670 6.30 40.37 10.70
CA GLU D 670 5.10 40.02 9.94
C GLU D 670 4.98 38.54 9.58
N LYS D 671 6.07 37.91 9.20
CA LYS D 671 6.06 36.49 8.89
C LYS D 671 5.83 35.59 10.11
N VAL D 672 6.17 36.08 11.29
CA VAL D 672 6.04 35.35 12.53
C VAL D 672 4.75 35.57 13.27
N GLN D 673 3.81 36.30 12.69
CA GLN D 673 2.59 36.74 13.45
C GLN D 673 1.72 35.61 13.94
N ARG D 674 1.65 34.52 13.15
CA ARG D 674 0.79 33.39 13.49
C ARG D 674 1.16 32.71 14.81
N LEU D 675 2.39 32.88 15.30
CA LEU D 675 2.77 32.40 16.65
C LEU D 675 1.91 32.95 17.82
N ALA D 676 1.39 34.17 17.63
CA ALA D 676 0.59 34.81 18.68
C ALA D 676 -0.76 34.11 18.83
N VAL D 677 -0.97 33.51 20.01
CA VAL D 677 -2.17 32.76 20.29
C VAL D 677 -2.76 33.17 21.66
N ASP D 678 -4.03 32.81 21.81
CA ASP D 678 -4.86 33.16 22.92
C ASP D 678 -5.26 31.89 23.63
N VAL D 679 -4.52 31.54 24.68
CA VAL D 679 -4.72 30.28 25.38
C VAL D 679 -5.43 30.65 26.63
N PRO D 680 -6.40 29.83 27.08
CA PRO D 680 -7.03 30.15 28.38
C PRO D 680 -6.05 30.02 29.53
N GLU D 681 -6.25 30.84 30.56
CA GLU D 681 -5.35 30.94 31.74
C GLU D 681 -5.06 29.61 32.44
N ASN D 682 -6.11 28.88 32.70
CA ASN D 682 -5.99 27.63 33.47
C ASN D 682 -5.29 26.48 32.70
N LEU D 683 -5.08 26.63 31.38
CA LEU D 683 -4.37 25.60 30.59
C LEU D 683 -2.90 25.95 30.30
N LYS D 684 -2.48 27.18 30.58
CA LYS D 684 -1.17 27.65 30.14
C LYS D 684 -0.05 26.82 30.78
N LEU D 685 -0.20 26.48 32.04
CA LEU D 685 0.86 25.86 32.76
C LEU D 685 0.97 24.35 32.50
N LEU D 686 0.02 23.82 31.76
CA LEU D 686 0.06 22.42 31.34
C LEU D 686 1.16 22.12 30.28
N SER D 687 1.66 23.15 29.61
CA SER D 687 2.90 23.04 28.83
C SER D 687 4.10 22.49 29.62
N VAL D 688 4.14 22.75 30.93
CA VAL D 688 5.17 22.23 31.84
C VAL D 688 4.66 21.05 32.61
N PHE D 689 3.50 21.16 33.24
CA PHE D 689 3.00 20.09 34.11
C PHE D 689 2.62 18.80 33.33
N THR D 690 1.96 18.93 32.18
CA THR D 690 1.59 17.75 31.44
C THR D 690 2.79 17.34 30.52
N ASP D 691 3.22 18.23 29.61
CA ASP D 691 4.23 17.85 28.61
C ASP D 691 5.55 17.52 29.21
N VAL D 692 5.99 18.26 30.22
CA VAL D 692 7.25 17.91 30.92
C VAL D 692 7.08 16.98 32.11
N PHE D 693 6.29 17.39 33.10
CA PHE D 693 6.20 16.59 34.35
C PHE D 693 5.55 15.21 34.11
N ASP D 694 4.33 15.20 33.59
CA ASP D 694 3.55 13.97 33.54
C ASP D 694 3.96 13.04 32.38
N CYS D 695 4.40 13.61 31.27
CA CYS D 695 4.71 12.83 30.06
C CYS D 695 6.18 12.41 29.92
N ILE D 696 7.09 12.94 30.75
CA ILE D 696 8.53 12.59 30.72
C ILE D 696 9.08 12.30 32.09
N PHE D 697 9.02 13.29 33.01
CA PHE D 697 9.71 13.16 34.31
C PHE D 697 9.10 12.02 35.09
N ARG D 698 7.78 11.85 34.95
CA ARG D 698 7.11 10.72 35.56
C ARG D 698 7.82 9.39 35.30
N PHE D 699 8.27 9.18 34.06
CA PHE D 699 8.99 7.94 33.65
C PHE D 699 10.46 7.90 34.05
N ILE D 700 11.15 9.01 33.86
CA ILE D 700 12.51 9.18 34.37
C ILE D 700 12.60 8.92 35.90
N SER D 701 11.73 9.60 36.69
CA SER D 701 11.72 9.46 38.19
C SER D 701 11.53 8.02 38.53
N ALA D 702 10.49 7.41 37.92
CA ALA D 702 10.24 5.97 38.11
C ALA D 702 11.39 5.05 37.78
N ILE D 703 12.11 5.32 36.69
CA ILE D 703 13.25 4.47 36.30
C ILE D 703 14.38 4.62 37.33
N LEU D 704 14.65 5.87 37.70
CA LEU D 704 15.69 6.14 38.73
C LEU D 704 15.33 5.46 40.07
N HIS D 705 14.04 5.50 40.41
CA HIS D 705 13.57 5.00 41.69
C HIS D 705 13.68 3.51 41.75
N GLN D 706 13.11 2.83 40.76
CA GLN D 706 13.07 1.35 40.75
C GLN D 706 14.38 0.69 40.56
N SER D 707 15.29 1.32 39.85
CA SER D 707 16.64 0.79 39.67
C SER D 707 17.54 0.99 40.91
N ALA D 708 17.02 1.61 41.98
CA ALA D 708 17.82 2.04 43.16
C ALA D 708 18.96 2.98 42.77
N THR D 709 18.75 3.80 41.76
CA THR D 709 19.76 4.80 41.34
C THR D 709 19.57 6.10 42.10
N LEU D 710 18.33 6.51 42.31
CA LEU D 710 18.01 7.75 42.99
C LEU D 710 16.56 7.69 43.44
N PRO D 711 16.29 7.93 44.73
CA PRO D 711 14.91 7.86 45.14
C PRO D 711 14.11 8.99 44.54
N GLU D 712 12.82 8.76 44.34
CA GLU D 712 11.96 9.72 43.69
C GLU D 712 11.90 11.02 44.50
N GLU D 713 12.01 10.89 45.85
CA GLU D 713 12.01 12.07 46.74
C GLU D 713 13.15 13.00 46.34
N GLN D 714 14.35 12.42 46.25
CA GLN D 714 15.52 13.16 45.77
C GLN D 714 15.35 13.72 44.36
N PHE D 715 14.77 12.94 43.44
CA PHE D 715 14.56 13.40 42.06
C PHE D 715 13.72 14.67 42.03
N TRP D 716 12.56 14.62 42.70
CA TRP D 716 11.63 15.76 42.69
C TRP D 716 12.16 16.96 43.51
N GLN D 717 12.96 16.69 44.56
CA GLN D 717 13.73 17.74 45.25
C GLN D 717 14.64 18.49 44.31
N ALA D 718 15.33 17.77 43.41
CA ALA D 718 16.17 18.43 42.41
C ALA D 718 15.33 19.26 41.45
N VAL D 719 14.16 18.77 41.08
CA VAL D 719 13.31 19.53 40.16
C VAL D 719 12.93 20.85 40.83
N ALA D 720 12.52 20.75 42.10
CA ALA D 720 12.17 21.92 42.95
C ALA D 720 13.27 22.93 43.01
N ARG D 721 14.49 22.47 43.28
CA ARG D 721 15.66 23.37 43.28
C ARG D 721 15.90 24.03 41.95
N CYS D 722 15.79 23.29 40.86
CA CYS D 722 15.92 23.90 39.55
C CYS D 722 14.88 25.01 39.39
N VAL D 723 13.64 24.76 39.84
CA VAL D 723 12.60 25.80 39.75
C VAL D 723 12.93 27.02 40.65
N LYS D 724 13.28 26.76 41.91
CA LYS D 724 13.66 27.86 42.87
C LYS D 724 14.88 28.67 42.36
N GLU D 725 15.89 27.97 41.86
CA GLU D 725 17.04 28.65 41.25
C GLU D 725 16.61 29.60 40.13
N TYR D 726 15.68 29.16 39.26
CA TYR D 726 15.28 30.02 38.14
C TYR D 726 14.57 31.28 38.65
N GLN D 727 13.67 31.04 39.60
CA GLN D 727 12.84 32.12 40.15
C GLN D 727 13.63 33.20 40.88
N GLN D 728 14.55 32.77 41.74
CA GLN D 728 15.41 33.66 42.50
C GLN D 728 16.26 34.50 41.55
N ALA D 729 16.68 33.94 40.41
CA ALA D 729 17.55 34.66 39.46
C ALA D 729 16.75 35.62 38.58
N HIS D 730 15.42 35.63 38.73
CA HIS D 730 14.54 36.47 37.89
C HIS D 730 13.43 37.08 38.78
N PRO D 731 13.84 37.97 39.71
CA PRO D 731 12.86 38.56 40.65
C PRO D 731 11.85 39.45 39.94
N HIS D 732 12.20 40.09 38.82
CA HIS D 732 11.20 40.85 38.06
C HIS D 732 9.99 40.08 37.52
N LEU D 733 9.96 38.75 37.67
CA LEU D 733 8.82 37.93 37.19
C LEU D 733 8.08 37.30 38.40
N ALA D 734 8.31 37.85 39.59
CA ALA D 734 7.72 37.30 40.85
C ALA D 734 6.23 37.12 40.78
N SER D 735 5.53 38.01 40.07
CA SER D 735 4.05 37.99 40.03
C SER D 735 3.53 37.02 38.95
N LYS D 736 4.33 36.91 37.89
CA LYS D 736 4.11 35.85 36.88
C LYS D 736 4.25 34.48 37.57
N PHE D 737 5.23 34.33 38.46
CA PHE D 737 5.40 33.08 39.24
C PHE D 737 4.20 32.80 40.16
N SER D 738 3.61 33.87 40.70
CA SER D 738 2.41 33.73 41.54
C SER D 738 1.19 33.40 40.67
N ARG D 739 1.02 34.08 39.56
CA ARG D 739 -0.10 33.80 38.70
C ARG D 739 -0.05 32.35 38.09
N TYR D 740 1.13 31.88 37.70
CA TYR D 740 1.31 30.53 37.13
C TYR D 740 2.17 29.74 38.09
N ASP D 741 1.53 29.23 39.12
CA ASP D 741 2.24 28.74 40.29
C ASP D 741 2.76 27.30 40.12
N MET D 742 4.08 27.19 39.85
CA MET D 742 4.78 25.91 39.69
C MET D 742 4.70 25.02 40.89
N PHE D 743 4.36 25.61 42.05
CA PHE D 743 4.29 24.84 43.35
C PHE D 743 2.87 24.64 43.83
N ALA D 744 1.87 24.86 42.96
CA ALA D 744 0.49 24.55 43.31
C ALA D 744 0.39 23.18 43.89
N PRO D 745 -0.43 23.00 44.94
CA PRO D 745 -0.64 21.65 45.52
C PRO D 745 -0.99 20.55 44.51
N GLU D 746 -1.78 20.90 43.48
CA GLU D 746 -2.19 19.95 42.48
C GLU D 746 -2.29 20.64 41.13
N PHE D 747 -2.46 19.82 40.08
CA PHE D 747 -2.72 20.32 38.72
C PHE D 747 -3.58 19.36 37.91
N THR D 748 -4.23 19.91 36.89
CA THR D 748 -5.10 19.13 36.04
C THR D 748 -4.42 17.86 35.47
N ARG D 749 -5.10 16.72 35.59
CA ARG D 749 -4.66 15.43 35.02
C ARG D 749 -5.12 15.38 33.57
N SER D 750 -4.24 15.81 32.65
CA SER D 750 -4.55 15.77 31.20
C SER D 750 -4.19 14.36 30.71
N CYS D 751 -5.14 13.69 30.06
CA CYS D 751 -5.07 12.26 29.77
C CYS D 751 -4.79 12.03 28.27
N LEU D 752 -3.69 11.34 27.95
CA LEU D 752 -3.24 11.23 26.53
C LEU D 752 -3.95 10.08 25.81
N ASN D 753 -3.97 8.88 26.38
CA ASN D 753 -4.77 7.83 25.77
C ASN D 753 -6.25 8.22 25.56
N ARG D 754 -6.86 8.99 26.48
CA ARG D 754 -8.26 9.40 26.23
C ARG D 754 -8.39 10.19 24.95
N LEU D 755 -7.40 11.07 24.64
CA LEU D 755 -7.36 11.81 23.36
C LEU D 755 -7.41 10.86 22.17
N GLN D 756 -6.44 9.95 22.09
CA GLN D 756 -6.32 9.06 20.96
C GLN D 756 -7.59 8.18 20.82
N LEU D 757 -8.11 7.65 21.95
CA LEU D 757 -9.36 6.79 21.99
C LEU D 757 -10.68 7.50 21.60
N ALA D 758 -10.69 8.83 21.68
CA ALA D 758 -11.72 9.68 21.08
C ALA D 758 -11.49 10.06 19.60
N ASN D 759 -10.32 9.75 19.02
CA ASN D 759 -9.99 9.96 17.58
C ASN D 759 -11.02 10.76 16.79
N GLU D 771 -9.85 22.30 22.78
CA GLU D 771 -11.20 22.09 23.31
C GLU D 771 -11.45 20.60 23.61
N ASN D 772 -10.92 19.74 22.74
CA ASN D 772 -11.04 18.30 22.94
C ASN D 772 -9.93 17.67 23.80
N LEU D 773 -9.23 18.48 24.63
CA LEU D 773 -8.44 17.92 25.73
C LEU D 773 -9.37 17.13 26.66
N LYS D 774 -8.79 16.16 27.37
CA LYS D 774 -9.55 15.23 28.21
C LYS D 774 -9.00 15.13 29.61
N PHE D 775 -9.79 15.53 30.61
CA PHE D 775 -9.29 15.61 31.98
C PHE D 775 -9.89 14.50 32.84
N ALA D 776 -9.21 14.10 33.91
CA ALA D 776 -9.79 13.19 34.91
C ALA D 776 -9.33 13.53 36.35
N GLY D 777 -9.89 14.63 36.89
CA GLY D 777 -9.51 15.15 38.18
C GLY D 777 -8.16 15.86 38.07
N THR D 778 -7.25 15.49 38.97
CA THR D 778 -6.01 16.19 39.17
C THR D 778 -4.96 15.21 39.64
N LEU D 779 -3.72 15.72 39.72
CA LEU D 779 -2.61 14.97 40.24
C LEU D 779 -1.96 15.81 41.34
N VAL D 780 -1.43 15.09 42.33
CA VAL D 780 -0.60 15.66 43.37
C VAL D 780 0.75 16.11 42.77
N ASN D 781 1.02 17.42 42.87
CA ASN D 781 2.27 18.01 42.36
C ASN D 781 3.38 17.62 43.28
N PRO D 782 4.38 16.82 42.82
CA PRO D 782 5.36 16.25 43.75
C PRO D 782 6.43 17.24 44.19
N ILE D 783 6.42 18.47 43.66
CA ILE D 783 7.31 19.53 44.18
C ILE D 783 6.65 20.56 45.12
N ALA D 784 5.31 20.52 45.25
CA ALA D 784 4.53 21.40 46.18
C ALA D 784 5.15 21.45 47.58
N ARG D 785 5.42 20.26 48.14
CA ARG D 785 6.13 20.08 49.39
C ARG D 785 7.43 20.89 49.55
N TRP D 786 8.05 21.36 48.46
CA TRP D 786 9.35 22.04 48.54
C TRP D 786 9.37 23.47 48.03
N ARG D 787 8.24 24.16 48.15
CA ARG D 787 8.13 25.57 47.70
C ARG D 787 9.16 26.58 48.27
#